data_9DAZ
#
_entry.id   9DAZ
#
loop_
_entity.id
_entity.type
_entity.pdbx_description
1 polymer 'Aminopeptidase N,Immunoglobulin gamma-1 heavy chain'
2 polymer 'Spike glycoprotein'
3 branched 2-acetamido-2-deoxy-beta-D-glucopyranose-(1-4)-2-acetamido-2-deoxy-beta-D-glucopyranose
4 branched 2-acetamido-2-deoxy-beta-D-glucopyranose-(1-4)-[alpha-L-fucopyranose-(1-6)]2-acetamido-2-deoxy-beta-D-glucopyranose
5 non-polymer 2-acetamido-2-deoxy-beta-D-glucopyranose
6 non-polymer 'ZINC ION'
7 water water
#
loop_
_entity_poly.entity_id
_entity_poly.type
_entity_poly.pdbx_seq_one_letter_code
_entity_poly.pdbx_strand_id
1 'polypeptide(L)'
;MGILPSPGMPALLSLVSLLSVLLMGCVAETGTDQSKPWNVYRLPKTLIPDSYNVTLRPYLTPNNKGLYVFTGTNIVRFTC
KESTNIVIIHSKRLNYTSHQGHMVALSGVGGFHPQPVIVRTELVELTEYLVVHLQEPLVAGRQYEMNSEFQGELADDLAG
FYRSEYMENGVKKVLATTHMQATEARKSFPCFDEPAMKATFNITIIHPNNLVALSNMLPRGPSVPFGEDPTWKVTEFETT
PIMSTYLLAYIVSEFSYVETRAPSGVLIRIWARPSAINQGHGDYALKVTGPILDFFSQHYDTPYPLNKSDQIALPDFNAG
AMENWGLVTYRESALLYDRQSSSSGNQERVVTVIAHELAHQWFGNLVTLEWWNDLWLNEGFASYVEYLGADFAEPTWNLK
DLMVLNDVYRVMAVDALASSHPLSTPASEINTPAQISEVFDSISYSKGASVLRMLSNFLTEDLFKMGIASYLHTYKYGNT
IYLNLWEHLQQVVDKQPTIKLPDTVSAIMDRWILQMGFPVITVDTQTGTISQQHFLLDPQSVVTRPSQFNYLWIVPISSV
RSGSPQAHYWLPGVEKAQNDLFKTTANDWVLLNLNVTGYYLVNYDNENWKKIQTQLQTDLSVIPVINRAQVIHDAFNLAS
AQKVPVTLALNNTLFLIQETEYMPWQAALSSLSYFKLMFDRSEVYGPMKRYLKKQVTPLFNHFERVTKNWTDHPQTLMDQ
YSEINAVSTACSYGVPECEKLAATLFAQWKKNPQNNPIHPNLRSTVYCNAIAQGGEEEWNFVWEQFLKAELVNEADKLRG
ALACSNQVWILNRFLSYTLDPNLIRKQDVTSTLSSISSNVVGQTLVWDFVQSNWKKLFQDYGTGSFSFSNLIQAVTRRFS
TEFELQQLEQFKKNNMDTGFGSATRALEQALEKTKANLKWVKENKDVVLRWFTENSGGSLVPRGSGSGSGDPEPKSCDKT
HTCPPCPAPELLGGPSVFLFPPKPKDTLMISRTPEVTCVVVDVSHEDPEVKFNWYVDGVEVHNAKTKPREEQYNSTYRVV
SVLTVLHQDWLNGKEYKCKVSNKALPAPIEKTISKAKGQPREPQVYTLPPSRDELTKNQVSLTCLVKGFYPSDIAVEWES
NGQPENNYKTTPPVLDSDGSFFLYSKLTVDKSRWQQGNVFSCSVMHEALHNHYTQKSLSLSPGK
;
A,C
2 'polypeptide(L)'
;MGILPSPGMPALLSLVSLLSVLLMGCVAETGTSFYSHTSVNITIDLGMKLSGYGQPIASALSNITLPMQDNNTDVYCIRS
NQFSVYVHSTCKSSLWDNVFNSDCTDVLHATAVIKTGTCPFSFDKLNNYLTFNKFCLSLHPVGANCKFDVAARTRTNEQV
VRSLYVIYEEGDNIAGVPSDNGSSGGSGLNDIFEAQKIEWHEGGSHHHHHHHH
;
B,D
#
# COMPACT_ATOMS: atom_id res chain seq x y z
N ASP A 33 -44.76 -28.77 -29.86
CA ASP A 33 -45.77 -29.13 -30.85
C ASP A 33 -46.12 -27.93 -31.74
N GLN A 34 -45.42 -27.81 -32.86
CA GLN A 34 -45.60 -26.68 -33.76
C GLN A 34 -46.84 -26.80 -34.64
N SER A 35 -47.54 -27.93 -34.60
CA SER A 35 -48.78 -28.05 -35.37
C SER A 35 -49.84 -27.06 -34.87
N LYS A 36 -49.94 -26.89 -33.55
CA LYS A 36 -50.89 -25.95 -32.99
C LYS A 36 -50.40 -24.52 -33.20
N PRO A 37 -51.21 -23.64 -33.82
CA PRO A 37 -50.73 -22.28 -34.09
C PRO A 37 -50.44 -21.46 -32.85
N TRP A 38 -50.96 -21.83 -31.68
CA TRP A 38 -50.71 -21.08 -30.45
C TRP A 38 -49.42 -21.50 -29.77
N ASN A 39 -48.70 -22.49 -30.30
CA ASN A 39 -47.38 -22.84 -29.81
C ASN A 39 -46.25 -22.18 -30.60
N VAL A 40 -46.59 -21.39 -31.61
CA VAL A 40 -45.61 -20.71 -32.44
C VAL A 40 -45.40 -19.30 -31.90
N TYR A 41 -44.14 -18.92 -31.72
CA TYR A 41 -43.82 -17.60 -31.17
C TYR A 41 -44.22 -16.46 -32.10
N ARG A 42 -44.36 -16.72 -33.40
CA ARG A 42 -44.73 -15.69 -34.34
C ARG A 42 -46.24 -15.64 -34.53
N LEU A 43 -46.77 -14.43 -34.55
CA LEU A 43 -48.22 -14.25 -34.64
C LEU A 43 -48.71 -14.66 -36.03
N PRO A 44 -49.89 -15.27 -36.12
CA PRO A 44 -50.44 -15.65 -37.44
C PRO A 44 -50.73 -14.42 -38.30
N LYS A 45 -50.66 -14.62 -39.61
CA LYS A 45 -50.91 -13.56 -40.58
C LYS A 45 -52.37 -13.49 -41.02
N THR A 46 -53.31 -13.95 -40.20
CA THR A 46 -54.71 -14.03 -40.60
C THR A 46 -55.50 -12.78 -40.23
N LEU A 47 -55.19 -12.15 -39.10
CA LEU A 47 -55.94 -11.01 -38.59
C LEU A 47 -55.05 -9.78 -38.54
N ILE A 48 -55.56 -8.65 -39.04
CA ILE A 48 -54.82 -7.41 -39.09
C ILE A 48 -55.60 -6.34 -38.33
N PRO A 49 -55.07 -5.76 -37.27
CA PRO A 49 -55.79 -4.70 -36.55
C PRO A 49 -55.81 -3.40 -37.34
N ASP A 50 -56.82 -2.58 -37.05
CA ASP A 50 -56.97 -1.27 -37.68
C ASP A 50 -56.97 -0.14 -36.66
N SER A 51 -57.72 -0.28 -35.57
CA SER A 51 -57.79 0.77 -34.55
C SER A 51 -58.01 0.12 -33.19
N TYR A 52 -57.60 0.84 -32.15
CA TYR A 52 -57.73 0.41 -30.77
C TYR A 52 -58.41 1.52 -29.97
N ASN A 53 -59.17 1.10 -28.95
CA ASN A 53 -59.72 2.01 -27.94
C ASN A 53 -59.24 1.49 -26.58
N VAL A 54 -58.25 2.16 -25.99
CA VAL A 54 -57.67 1.74 -24.73
C VAL A 54 -58.05 2.74 -23.65
N THR A 55 -58.61 2.23 -22.56
CA THR A 55 -58.95 3.03 -21.39
C THR A 55 -58.20 2.47 -20.19
N LEU A 56 -57.50 3.34 -19.47
CA LEU A 56 -56.69 2.93 -18.34
C LEU A 56 -57.05 3.75 -17.12
N ARG A 57 -56.87 3.15 -15.94
CA ARG A 57 -57.20 3.79 -14.67
C ARG A 57 -56.19 3.33 -13.63
N PRO A 58 -55.04 4.00 -13.54
CA PRO A 58 -54.05 3.62 -12.52
C PRO A 58 -54.54 3.92 -11.12
N TYR A 59 -54.08 3.10 -10.18
CA TYR A 59 -54.39 3.26 -8.75
C TYR A 59 -53.08 3.45 -8.00
N LEU A 60 -52.66 4.70 -7.86
CA LEU A 60 -51.42 5.01 -7.17
C LEU A 60 -51.49 4.71 -5.68
N THR A 61 -52.68 4.50 -5.13
CA THR A 61 -52.83 4.16 -3.72
C THR A 61 -52.56 2.67 -3.53
N PRO A 62 -51.62 2.29 -2.65
CA PRO A 62 -51.30 0.88 -2.39
C PRO A 62 -52.43 0.15 -1.66
N LEU A 67 -49.70 -3.14 -2.59
CA LEU A 67 -50.35 -3.89 -3.66
C LEU A 67 -50.88 -2.96 -4.74
N TYR A 68 -49.96 -2.25 -5.40
CA TYR A 68 -50.34 -1.35 -6.46
C TYR A 68 -50.85 -2.13 -7.67
N VAL A 69 -51.95 -1.66 -8.25
CA VAL A 69 -52.60 -2.34 -9.36
C VAL A 69 -53.29 -1.30 -10.24
N PHE A 70 -53.71 -1.72 -11.42
CA PHE A 70 -54.45 -0.89 -12.34
C PHE A 70 -55.50 -1.72 -13.05
N THR A 71 -56.56 -1.06 -13.52
CA THR A 71 -57.64 -1.72 -14.23
C THR A 71 -57.85 -1.02 -15.55
N GLY A 72 -58.48 -1.71 -16.50
CA GLY A 72 -58.73 -1.09 -17.78
C GLY A 72 -59.71 -1.87 -18.62
N THR A 73 -60.12 -1.24 -19.72
CA THR A 73 -60.98 -1.85 -20.72
C THR A 73 -60.39 -1.58 -22.09
N ASN A 74 -60.64 -2.48 -23.03
CA ASN A 74 -59.99 -2.40 -24.33
C ASN A 74 -60.94 -2.90 -25.42
N ILE A 75 -60.85 -2.26 -26.58
CA ILE A 75 -61.62 -2.63 -27.76
C ILE A 75 -60.66 -2.71 -28.94
N VAL A 76 -60.69 -3.82 -29.67
CA VAL A 76 -59.82 -4.03 -30.83
C VAL A 76 -60.70 -4.27 -32.05
N ARG A 77 -60.47 -3.49 -33.10
CA ARG A 77 -61.13 -3.67 -34.39
C ARG A 77 -60.11 -4.25 -35.35
N PHE A 78 -60.45 -5.38 -35.98
CA PHE A 78 -59.52 -6.06 -36.86
C PHE A 78 -60.25 -6.63 -38.07
N THR A 79 -59.48 -6.88 -39.13
CA THR A 79 -59.98 -7.46 -40.36
C THR A 79 -59.35 -8.83 -40.56
N CYS A 80 -60.17 -9.79 -41.00
CA CYS A 80 -59.70 -11.15 -41.27
C CYS A 80 -59.30 -11.26 -42.73
N LYS A 81 -58.00 -11.28 -43.00
CA LYS A 81 -57.52 -11.42 -44.37
C LYS A 81 -57.86 -12.78 -44.95
N GLU A 82 -57.76 -13.83 -44.13
CA GLU A 82 -58.08 -15.19 -44.54
C GLU A 82 -59.00 -15.83 -43.51
N SER A 83 -59.89 -16.69 -43.98
CA SER A 83 -60.86 -17.33 -43.10
C SER A 83 -60.16 -18.20 -42.07
N THR A 84 -60.61 -18.09 -40.82
CA THR A 84 -60.01 -18.85 -39.73
C THR A 84 -61.05 -19.06 -38.64
N ASN A 85 -60.83 -20.09 -37.83
CA ASN A 85 -61.74 -20.45 -36.74
C ASN A 85 -61.04 -20.34 -35.38
N ILE A 86 -60.10 -19.41 -35.26
CA ILE A 86 -59.35 -19.22 -34.02
C ILE A 86 -58.82 -17.78 -34.01
N VAL A 87 -58.76 -17.20 -32.82
CA VAL A 87 -58.22 -15.85 -32.63
C VAL A 87 -57.12 -15.93 -31.59
N ILE A 88 -55.93 -15.50 -31.96
CA ILE A 88 -54.77 -15.50 -31.07
C ILE A 88 -54.29 -14.06 -30.92
N ILE A 89 -54.13 -13.61 -29.67
CA ILE A 89 -53.71 -12.24 -29.42
C ILE A 89 -52.79 -12.22 -28.20
N HIS A 90 -51.77 -11.37 -28.24
CA HIS A 90 -50.81 -11.32 -27.16
C HIS A 90 -51.45 -10.83 -25.86
N SER A 91 -51.01 -11.42 -24.75
CA SER A 91 -51.51 -11.08 -23.43
C SER A 91 -50.54 -11.61 -22.39
N LYS A 92 -50.12 -10.75 -21.46
CA LYS A 92 -49.11 -11.11 -20.48
C LYS A 92 -49.52 -10.59 -19.10
N ARG A 93 -49.89 -11.51 -18.21
CA ARG A 93 -50.21 -11.20 -16.81
C ARG A 93 -51.34 -10.18 -16.71
N LEU A 94 -52.49 -10.54 -17.29
CA LEU A 94 -53.70 -9.73 -17.21
C LEU A 94 -54.84 -10.60 -16.73
N ASN A 95 -55.50 -10.17 -15.65
CA ASN A 95 -56.66 -10.87 -15.13
C ASN A 95 -57.91 -10.30 -15.78
N TYR A 96 -58.66 -11.14 -16.47
CA TYR A 96 -59.86 -10.72 -17.18
C TYR A 96 -61.10 -10.98 -16.34
N THR A 97 -62.20 -10.35 -16.76
CA THR A 97 -63.50 -10.52 -16.12
C THR A 97 -64.43 -11.30 -17.05
N SER A 98 -65.22 -12.20 -16.48
CA SER A 98 -66.07 -13.06 -17.27
C SER A 98 -67.16 -12.25 -17.98
N HIS A 99 -67.28 -12.45 -19.29
CA HIS A 99 -68.31 -11.83 -20.11
C HIS A 99 -69.09 -12.95 -20.78
N GLN A 100 -70.27 -13.25 -20.24
CA GLN A 100 -71.09 -14.39 -20.68
C GLN A 100 -70.32 -15.71 -20.53
N GLY A 101 -69.48 -15.80 -19.50
CA GLY A 101 -68.72 -17.00 -19.22
C GLY A 101 -67.31 -17.02 -19.77
N HIS A 102 -66.95 -16.07 -20.64
CA HIS A 102 -65.65 -16.04 -21.27
C HIS A 102 -64.91 -14.75 -20.93
N MET A 103 -63.59 -14.78 -21.10
CA MET A 103 -62.76 -13.65 -20.70
C MET A 103 -63.00 -12.42 -21.58
N VAL A 104 -63.20 -12.62 -22.88
CA VAL A 104 -63.40 -11.53 -23.81
C VAL A 104 -64.69 -11.77 -24.58
N ALA A 105 -65.19 -10.71 -25.22
CA ALA A 105 -66.39 -10.77 -26.04
C ALA A 105 -66.04 -10.40 -27.46
N LEU A 106 -66.64 -11.09 -28.43
CA LEU A 106 -66.37 -10.86 -29.84
C LEU A 106 -67.67 -10.60 -30.58
N SER A 107 -67.62 -9.70 -31.57
CA SER A 107 -68.80 -9.37 -32.34
C SER A 107 -68.37 -8.89 -33.72
N GLY A 108 -69.33 -8.85 -34.64
CA GLY A 108 -69.07 -8.40 -35.99
C GLY A 108 -69.30 -6.91 -36.16
N VAL A 109 -69.12 -6.46 -37.40
CA VAL A 109 -69.31 -5.06 -37.75
C VAL A 109 -70.13 -4.93 -39.02
N HIS A 113 -74.80 -10.13 -39.70
CA HIS A 113 -74.00 -10.27 -38.50
C HIS A 113 -73.97 -11.73 -38.01
N PRO A 114 -73.10 -12.53 -38.62
CA PRO A 114 -72.89 -13.92 -38.12
C PRO A 114 -72.02 -13.93 -36.88
N GLN A 115 -72.66 -13.69 -35.73
CA GLN A 115 -71.94 -13.54 -34.47
C GLN A 115 -71.23 -14.84 -34.10
N PRO A 116 -69.92 -14.82 -33.91
CA PRO A 116 -69.21 -16.04 -33.52
C PRO A 116 -69.59 -16.48 -32.12
N VAL A 117 -69.52 -17.78 -31.88
CA VAL A 117 -69.79 -18.38 -30.58
C VAL A 117 -68.46 -18.84 -30.00
N ILE A 118 -68.11 -18.29 -28.84
CA ILE A 118 -66.83 -18.59 -28.21
C ILE A 118 -66.95 -19.95 -27.52
N VAL A 119 -66.37 -20.98 -28.12
CA VAL A 119 -66.38 -22.29 -27.49
C VAL A 119 -65.51 -22.30 -26.23
N ARG A 120 -64.33 -21.68 -26.30
CA ARG A 120 -63.45 -21.61 -25.16
C ARG A 120 -62.49 -20.45 -25.33
N THR A 121 -61.87 -20.04 -24.22
CA THR A 121 -60.85 -19.01 -24.23
C THR A 121 -59.84 -19.35 -23.15
N GLU A 122 -58.55 -19.37 -23.51
CA GLU A 122 -57.51 -19.76 -22.57
C GLU A 122 -56.29 -18.87 -22.73
N LEU A 123 -55.38 -18.99 -21.77
CA LEU A 123 -54.12 -18.26 -21.76
C LEU A 123 -52.96 -19.25 -21.88
N VAL A 124 -52.04 -18.98 -22.80
CA VAL A 124 -50.83 -19.78 -22.97
C VAL A 124 -49.67 -18.95 -22.42
N GLU A 125 -49.16 -19.33 -21.26
CA GLU A 125 -48.15 -18.52 -20.58
C GLU A 125 -46.80 -18.59 -21.26
N LEU A 126 -46.48 -19.72 -21.90
CA LEU A 126 -45.17 -19.87 -22.53
C LEU A 126 -45.00 -18.88 -23.67
N THR A 127 -45.97 -18.82 -24.57
CA THR A 127 -45.91 -17.91 -25.72
C THR A 127 -46.63 -16.59 -25.46
N GLU A 128 -47.14 -16.37 -24.24
CA GLU A 128 -47.82 -15.14 -23.86
C GLU A 128 -48.98 -14.85 -24.81
N TYR A 129 -49.93 -15.78 -24.84
CA TYR A 129 -51.03 -15.74 -25.78
C TYR A 129 -52.38 -15.75 -25.06
N LEU A 130 -53.40 -15.35 -25.80
CA LEU A 130 -54.80 -15.46 -25.42
C LEU A 130 -55.49 -16.05 -26.63
N VAL A 131 -56.06 -17.24 -26.46
CA VAL A 131 -56.62 -18.03 -27.55
C VAL A 131 -58.12 -18.10 -27.38
N VAL A 132 -58.86 -17.73 -28.42
CA VAL A 132 -60.32 -17.77 -28.45
C VAL A 132 -60.73 -18.71 -29.57
N HIS A 133 -61.55 -19.71 -29.24
CA HIS A 133 -61.99 -20.71 -30.20
C HIS A 133 -63.41 -20.40 -30.65
N LEU A 134 -63.62 -20.33 -31.95
CA LEU A 134 -64.90 -19.97 -32.54
C LEU A 134 -65.55 -21.19 -33.16
N GLN A 135 -66.87 -21.29 -33.02
CA GLN A 135 -67.59 -22.46 -33.54
C GLN A 135 -67.64 -22.48 -35.06
N GLU A 136 -67.46 -21.35 -35.72
CA GLU A 136 -67.48 -21.28 -37.17
C GLU A 136 -66.34 -20.40 -37.65
N PRO A 137 -65.81 -20.68 -38.85
CA PRO A 137 -64.73 -19.84 -39.39
C PRO A 137 -65.22 -18.41 -39.65
N LEU A 138 -64.30 -17.46 -39.47
CA LEU A 138 -64.61 -16.08 -39.76
C LEU A 138 -64.67 -15.84 -41.26
N VAL A 139 -65.59 -14.98 -41.68
CA VAL A 139 -65.74 -14.65 -43.09
C VAL A 139 -64.64 -13.68 -43.49
N ALA A 140 -63.95 -14.00 -44.58
CA ALA A 140 -62.89 -13.13 -45.09
C ALA A 140 -63.49 -11.85 -45.65
N GLY A 141 -62.76 -10.75 -45.47
CA GLY A 141 -63.21 -9.46 -45.92
C GLY A 141 -64.16 -8.74 -44.99
N ARG A 142 -64.35 -9.24 -43.78
CA ARG A 142 -65.26 -8.64 -42.82
C ARG A 142 -64.48 -8.18 -41.59
N GLN A 143 -64.96 -7.11 -40.96
CA GLN A 143 -64.32 -6.53 -39.79
C GLN A 143 -65.03 -6.97 -38.52
N TYR A 144 -64.27 -7.16 -37.45
CA TYR A 144 -64.78 -7.65 -36.19
C TYR A 144 -64.21 -6.83 -35.05
N GLU A 145 -64.94 -6.78 -33.95
CA GLU A 145 -64.56 -6.04 -32.76
C GLU A 145 -64.55 -6.96 -31.55
N MET A 146 -63.47 -6.89 -30.77
CA MET A 146 -63.31 -7.69 -29.57
C MET A 146 -63.17 -6.74 -28.38
N ASN A 147 -64.08 -6.88 -27.42
CA ASN A 147 -64.06 -6.11 -26.20
C ASN A 147 -63.54 -6.95 -25.04
N SER A 148 -62.85 -6.29 -24.11
CA SER A 148 -62.31 -6.98 -22.95
C SER A 148 -62.19 -6.00 -21.80
N GLU A 149 -62.19 -6.55 -20.58
CA GLU A 149 -61.97 -5.78 -19.37
C GLU A 149 -60.95 -6.55 -18.52
N PHE A 150 -59.88 -5.87 -18.13
CA PHE A 150 -58.74 -6.54 -17.53
C PHE A 150 -58.24 -5.75 -16.31
N GLN A 151 -57.39 -6.41 -15.54
CA GLN A 151 -56.79 -5.80 -14.35
C GLN A 151 -55.37 -6.33 -14.19
N GLY A 152 -54.39 -5.43 -14.26
CA GLY A 152 -53.01 -5.77 -14.09
C GLY A 152 -52.40 -5.11 -12.87
N GLU A 153 -51.07 -5.20 -12.78
CA GLU A 153 -50.34 -4.69 -11.63
C GLU A 153 -49.34 -3.62 -12.07
N LEU A 154 -49.27 -2.53 -11.31
CA LEU A 154 -48.26 -1.50 -11.50
C LEU A 154 -47.06 -1.86 -10.62
N ALA A 155 -46.16 -2.66 -11.17
CA ALA A 155 -45.03 -3.15 -10.42
C ALA A 155 -43.88 -2.14 -10.46
N ASP A 156 -42.77 -2.49 -9.80
CA ASP A 156 -41.58 -1.65 -9.77
C ASP A 156 -40.59 -1.99 -10.87
N ASP A 157 -40.93 -2.92 -11.76
CA ASP A 157 -40.06 -3.28 -12.87
C ASP A 157 -40.39 -2.41 -14.07
N LEU A 158 -39.35 -1.87 -14.72
CA LEU A 158 -39.52 -0.95 -15.83
C LEU A 158 -39.97 -1.69 -17.08
N ALA A 159 -41.22 -2.17 -17.09
CA ALA A 159 -41.75 -2.90 -18.22
C ALA A 159 -43.24 -2.64 -18.31
N GLY A 160 -43.73 -2.32 -19.50
CA GLY A 160 -45.14 -2.03 -19.67
C GLY A 160 -45.55 -0.82 -18.85
N PHE A 161 -46.75 -0.91 -18.27
CA PHE A 161 -47.28 0.13 -17.41
C PHE A 161 -46.84 -0.14 -15.98
N TYR A 162 -45.90 0.66 -15.47
CA TYR A 162 -45.37 0.43 -14.13
C TYR A 162 -45.32 1.72 -13.33
N ARG A 163 -44.78 1.66 -12.12
CA ARG A 163 -44.71 2.79 -11.22
C ARG A 163 -43.26 3.10 -10.86
N SER A 164 -43.00 4.39 -10.66
CA SER A 164 -41.70 4.87 -10.23
C SER A 164 -41.86 5.66 -8.94
N GLU A 165 -41.08 5.30 -7.92
CA GLU A 165 -41.14 5.94 -6.61
C GLU A 165 -39.86 6.73 -6.41
N TYR A 166 -39.99 8.01 -6.10
CA TYR A 166 -38.85 8.88 -5.87
C TYR A 166 -39.04 9.66 -4.58
N MET A 167 -37.98 10.34 -4.16
CA MET A 167 -38.00 11.13 -2.93
C MET A 167 -37.94 12.61 -3.31
N GLU A 168 -39.02 13.32 -3.01
CA GLU A 168 -39.10 14.77 -3.23
C GLU A 168 -39.14 15.45 -1.87
N ASN A 169 -38.19 16.34 -1.62
CA ASN A 169 -38.01 17.01 -0.33
C ASN A 169 -37.84 15.91 0.72
N GLY A 170 -38.68 15.82 1.73
CA GLY A 170 -38.60 14.74 2.69
C GLY A 170 -39.64 13.66 2.46
N VAL A 171 -40.51 13.87 1.49
CA VAL A 171 -41.62 12.95 1.24
C VAL A 171 -41.27 12.02 0.09
N LYS A 172 -42.04 10.94 -0.02
CA LYS A 172 -41.89 9.97 -1.10
C LYS A 172 -43.09 10.04 -2.02
N LYS A 173 -42.85 10.24 -3.31
CA LYS A 173 -43.90 10.41 -4.30
C LYS A 173 -43.84 9.29 -5.32
N VAL A 174 -44.98 9.02 -5.96
CA VAL A 174 -45.15 7.91 -6.88
C VAL A 174 -45.73 8.44 -8.19
N LEU A 175 -45.19 7.98 -9.31
CA LEU A 175 -45.70 8.30 -10.63
C LEU A 175 -45.94 7.00 -11.39
N ALA A 176 -46.80 7.07 -12.40
CA ALA A 176 -47.15 5.91 -13.22
C ALA A 176 -46.71 6.18 -14.66
N THR A 177 -45.75 5.40 -15.14
CA THR A 177 -45.17 5.61 -16.47
C THR A 177 -45.08 4.28 -17.21
N THR A 178 -44.88 4.35 -18.52
CA THR A 178 -44.83 3.17 -19.37
C THR A 178 -43.51 3.09 -20.12
N HIS A 179 -42.95 1.89 -20.16
CA HIS A 179 -41.81 1.55 -21.00
C HIS A 179 -42.16 0.25 -21.72
N MET A 180 -42.76 0.38 -22.91
CA MET A 180 -43.31 -0.75 -23.64
C MET A 180 -42.49 -1.11 -24.87
N GLN A 181 -41.19 -0.84 -24.86
CA GLN A 181 -40.36 -1.15 -26.01
C GLN A 181 -40.25 -2.66 -26.19
N ALA A 182 -40.03 -3.07 -27.45
CA ALA A 182 -39.93 -4.47 -27.85
C ALA A 182 -41.26 -5.18 -27.71
N THR A 183 -41.40 -6.02 -26.68
CA THR A 183 -42.55 -6.91 -26.54
C THR A 183 -43.18 -6.77 -25.16
N GLU A 184 -43.40 -5.53 -24.73
CA GLU A 184 -43.97 -5.27 -23.40
C GLU A 184 -45.27 -4.49 -23.43
N ALA A 185 -45.83 -4.19 -24.61
CA ALA A 185 -47.16 -3.59 -24.68
C ALA A 185 -48.25 -4.61 -24.39
N ARG A 186 -47.98 -5.89 -24.58
CA ARG A 186 -48.91 -6.95 -24.20
C ARG A 186 -49.10 -7.02 -22.69
N LYS A 187 -48.12 -6.54 -21.92
CA LYS A 187 -48.21 -6.56 -20.47
C LYS A 187 -49.23 -5.57 -19.94
N SER A 188 -49.64 -4.60 -20.74
CA SER A 188 -50.57 -3.56 -20.32
C SER A 188 -51.98 -3.76 -20.85
N PHE A 189 -52.14 -4.21 -22.09
CA PHE A 189 -53.45 -4.48 -22.65
C PHE A 189 -53.29 -5.48 -23.79
N PRO A 190 -54.29 -6.32 -24.04
CA PRO A 190 -54.18 -7.29 -25.14
C PRO A 190 -54.10 -6.60 -26.49
N CYS A 191 -53.12 -6.99 -27.29
CA CYS A 191 -52.91 -6.39 -28.60
C CYS A 191 -52.08 -7.35 -29.45
N PHE A 192 -52.05 -7.08 -30.76
CA PHE A 192 -51.15 -7.77 -31.68
C PHE A 192 -49.79 -7.10 -31.58
N ASP A 193 -48.97 -7.57 -30.63
CA ASP A 193 -47.75 -6.87 -30.24
C ASP A 193 -46.58 -7.28 -31.15
N GLU A 194 -46.66 -6.82 -32.41
CA GLU A 194 -45.59 -6.99 -33.36
C GLU A 194 -45.40 -5.67 -34.11
N PRO A 195 -44.16 -5.30 -34.44
CA PRO A 195 -43.93 -4.01 -35.12
C PRO A 195 -44.61 -3.89 -36.46
N ALA A 196 -44.75 -4.98 -37.21
CA ALA A 196 -45.41 -4.92 -38.50
C ALA A 196 -46.92 -4.71 -38.38
N MET A 197 -47.49 -4.96 -37.21
CA MET A 197 -48.91 -4.73 -36.96
C MET A 197 -49.09 -3.27 -36.56
N LYS A 198 -49.65 -2.47 -37.47
CA LYS A 198 -49.79 -1.03 -37.27
C LYS A 198 -51.27 -0.65 -37.27
N ALA A 199 -51.65 0.20 -36.31
CA ALA A 199 -53.05 0.59 -36.15
C ALA A 199 -53.10 1.95 -35.48
N THR A 200 -54.28 2.58 -35.55
CA THR A 200 -54.52 3.83 -34.83
C THR A 200 -54.94 3.52 -33.40
N PHE A 201 -54.77 4.50 -32.52
CA PHE A 201 -55.05 4.31 -31.10
C PHE A 201 -55.85 5.49 -30.54
N ASN A 202 -56.83 5.17 -29.69
CA ASN A 202 -57.60 6.15 -28.94
C ASN A 202 -57.41 5.89 -27.45
N ILE A 203 -56.70 6.79 -26.78
CA ILE A 203 -56.27 6.58 -25.40
C ILE A 203 -57.15 7.42 -24.47
N THR A 204 -57.55 6.80 -23.36
CA THR A 204 -58.28 7.50 -22.30
C THR A 204 -57.66 7.11 -20.96
N ILE A 205 -57.51 8.09 -20.07
CA ILE A 205 -56.89 7.89 -18.77
C ILE A 205 -57.82 8.42 -17.69
N ILE A 206 -57.90 7.71 -16.57
CA ILE A 206 -58.64 8.15 -15.40
C ILE A 206 -57.64 8.34 -14.27
N HIS A 207 -57.51 9.56 -13.79
CA HIS A 207 -56.45 9.92 -12.85
C HIS A 207 -56.98 10.87 -11.80
N PRO A 208 -56.34 10.94 -10.63
CA PRO A 208 -56.76 11.89 -9.60
C PRO A 208 -56.63 13.33 -10.08
N ASN A 209 -57.44 14.21 -9.49
CA ASN A 209 -57.44 15.61 -9.88
C ASN A 209 -56.11 16.29 -9.58
N ASN A 210 -55.35 15.79 -8.61
CA ASN A 210 -54.09 16.39 -8.24
C ASN A 210 -52.96 16.06 -9.20
N LEU A 211 -53.19 15.19 -10.18
CA LEU A 211 -52.17 14.76 -11.12
C LEU A 211 -52.50 15.22 -12.53
N VAL A 212 -51.52 15.09 -13.41
CA VAL A 212 -51.68 15.42 -14.82
C VAL A 212 -51.24 14.21 -15.65
N ALA A 213 -51.83 14.07 -16.83
CA ALA A 213 -51.62 12.91 -17.70
C ALA A 213 -51.08 13.36 -19.04
N LEU A 214 -50.05 12.66 -19.52
CA LEU A 214 -49.42 12.92 -20.80
C LEU A 214 -49.49 11.66 -21.67
N SER A 215 -49.61 11.87 -22.98
CA SER A 215 -49.68 10.76 -23.93
C SER A 215 -48.96 11.18 -25.20
N ASN A 216 -49.14 10.40 -26.27
CA ASN A 216 -48.47 10.69 -27.54
C ASN A 216 -49.05 11.93 -28.22
N MET A 217 -50.36 12.15 -28.09
CA MET A 217 -51.06 13.21 -28.79
C MET A 217 -51.57 14.25 -27.81
N LEU A 218 -52.15 15.32 -28.37
CA LEU A 218 -52.74 16.36 -27.55
C LEU A 218 -54.08 15.89 -26.98
N PRO A 219 -54.43 16.33 -25.77
CA PRO A 219 -55.77 16.03 -25.24
C PRO A 219 -56.86 16.67 -26.09
N ARG A 220 -58.02 16.02 -26.13
CA ARG A 220 -59.14 16.53 -26.90
C ARG A 220 -59.80 17.75 -26.27
N GLY A 221 -59.50 18.04 -25.00
CA GLY A 221 -60.07 19.19 -24.34
C GLY A 221 -59.84 19.16 -22.85
N PRO A 222 -60.63 19.94 -22.10
CA PRO A 222 -60.50 19.94 -20.65
C PRO A 222 -60.82 18.57 -20.05
N SER A 223 -60.13 18.25 -18.96
CA SER A 223 -60.29 16.96 -18.28
C SER A 223 -61.48 17.06 -17.32
N VAL A 224 -62.58 16.43 -17.69
CA VAL A 224 -63.78 16.43 -16.84
C VAL A 224 -64.36 15.02 -16.77
N THR A 231 -63.32 13.21 -7.24
CA THR A 231 -61.92 13.07 -6.86
C THR A 231 -61.11 12.45 -7.99
N TRP A 232 -61.78 12.15 -9.11
CA TRP A 232 -61.16 11.55 -10.27
C TRP A 232 -61.58 12.32 -11.52
N LYS A 233 -60.65 12.45 -12.46
CA LYS A 233 -60.89 13.14 -13.72
C LYS A 233 -60.51 12.23 -14.88
N VAL A 234 -61.16 12.46 -16.02
CA VAL A 234 -60.99 11.64 -17.21
C VAL A 234 -60.35 12.51 -18.29
N THR A 235 -59.20 12.07 -18.80
CA THR A 235 -58.48 12.76 -19.86
C THR A 235 -58.52 11.92 -21.13
N GLU A 236 -59.00 12.50 -22.21
CA GLU A 236 -59.05 11.84 -23.50
C GLU A 236 -58.09 12.53 -24.45
N PHE A 237 -57.44 11.74 -25.31
CA PHE A 237 -56.44 12.23 -26.23
C PHE A 237 -56.89 11.99 -27.66
N GLU A 238 -56.35 12.81 -28.57
CA GLU A 238 -56.69 12.68 -29.98
C GLU A 238 -56.16 11.37 -30.54
N THR A 239 -56.71 10.97 -31.68
CA THR A 239 -56.33 9.70 -32.30
C THR A 239 -54.90 9.79 -32.83
N THR A 240 -54.09 8.79 -32.51
CA THR A 240 -52.72 8.74 -33.00
C THR A 240 -52.73 8.39 -34.48
N PRO A 241 -51.64 8.72 -35.19
CA PRO A 241 -51.49 8.23 -36.57
C PRO A 241 -51.22 6.73 -36.61
N ILE A 242 -51.01 6.18 -37.80
CA ILE A 242 -50.67 4.76 -37.93
C ILE A 242 -49.27 4.54 -37.37
N MET A 243 -49.17 3.75 -36.30
CA MET A 243 -47.91 3.55 -35.61
C MET A 243 -47.89 2.14 -35.03
N SER A 244 -46.80 1.82 -34.35
CA SER A 244 -46.58 0.52 -33.74
C SER A 244 -46.90 0.56 -32.24
N THR A 245 -47.11 -0.63 -31.67
CA THR A 245 -47.51 -0.72 -30.28
C THR A 245 -46.37 -0.34 -29.33
N TYR A 246 -45.12 -0.67 -29.71
CA TYR A 246 -44.01 -0.41 -28.80
C TYR A 246 -43.62 1.05 -28.73
N LEU A 247 -44.19 1.90 -29.58
CA LEU A 247 -43.92 3.34 -29.57
C LEU A 247 -44.95 4.13 -28.76
N LEU A 248 -45.90 3.47 -28.12
CA LEU A 248 -46.92 4.18 -27.34
C LEU A 248 -46.42 4.45 -25.92
N ALA A 249 -46.97 5.49 -25.30
CA ALA A 249 -46.58 5.87 -23.96
C ALA A 249 -47.64 6.77 -23.34
N TYR A 250 -47.78 6.68 -22.03
CA TYR A 250 -48.63 7.58 -21.25
C TYR A 250 -48.11 7.61 -19.82
N ILE A 251 -48.06 8.81 -19.24
CA ILE A 251 -47.48 9.02 -17.92
C ILE A 251 -48.42 9.89 -17.10
N VAL A 252 -48.68 9.47 -15.86
CA VAL A 252 -49.49 10.24 -14.92
C VAL A 252 -48.59 10.64 -13.75
N SER A 253 -48.46 11.95 -13.53
CA SER A 253 -47.55 12.44 -12.51
C SER A 253 -47.90 13.89 -12.17
N GLU A 254 -47.20 14.43 -11.18
CA GLU A 254 -47.32 15.84 -10.81
C GLU A 254 -46.03 16.54 -11.18
N PHE A 255 -45.96 17.00 -12.44
CA PHE A 255 -44.77 17.61 -12.99
C PHE A 255 -45.08 18.99 -13.54
N SER A 256 -44.05 19.82 -13.63
CA SER A 256 -44.12 21.13 -14.26
C SER A 256 -43.42 21.08 -15.62
N TYR A 257 -43.70 22.08 -16.45
CA TYR A 257 -43.14 22.12 -17.79
C TYR A 257 -42.79 23.54 -18.18
N VAL A 258 -41.82 23.65 -19.08
CA VAL A 258 -41.49 24.90 -19.77
C VAL A 258 -41.78 24.70 -21.25
N GLU A 259 -42.49 25.66 -21.85
CA GLU A 259 -43.02 25.51 -23.18
C GLU A 259 -42.49 26.59 -24.11
N THR A 260 -42.48 26.29 -25.41
CA THR A 260 -42.13 27.24 -26.45
C THR A 260 -42.78 26.80 -27.74
N ARG A 261 -42.82 27.70 -28.71
CA ARG A 261 -43.39 27.42 -30.01
C ARG A 261 -42.40 27.78 -31.10
N ALA A 262 -42.10 26.82 -31.97
CA ALA A 262 -41.21 27.04 -33.10
C ALA A 262 -41.92 27.84 -34.19
N PRO A 263 -41.15 28.51 -35.05
CA PRO A 263 -41.79 29.20 -36.19
C PRO A 263 -42.54 28.27 -37.12
N SER A 264 -42.21 26.98 -37.14
CA SER A 264 -42.97 26.01 -37.93
C SER A 264 -44.32 25.69 -37.30
N GLY A 265 -44.56 26.11 -36.06
CA GLY A 265 -45.82 25.86 -35.40
C GLY A 265 -45.85 24.68 -34.45
N VAL A 266 -44.70 24.08 -34.16
CA VAL A 266 -44.64 22.91 -33.27
C VAL A 266 -44.46 23.38 -31.84
N LEU A 267 -45.32 22.88 -30.95
CA LEU A 267 -45.24 23.22 -29.53
C LEU A 267 -44.28 22.28 -28.83
N ILE A 268 -43.21 22.83 -28.27
CA ILE A 268 -42.14 22.06 -27.64
C ILE A 268 -42.25 22.26 -26.14
N ARG A 269 -42.36 21.15 -25.40
CA ARG A 269 -42.46 21.20 -23.95
C ARG A 269 -41.38 20.34 -23.31
N ILE A 270 -40.85 20.85 -22.19
CA ILE A 270 -39.90 20.12 -21.36
C ILE A 270 -40.54 19.93 -20.00
N TRP A 271 -40.69 18.68 -19.59
CA TRP A 271 -41.36 18.31 -18.34
C TRP A 271 -40.34 17.78 -17.34
N ALA A 272 -40.46 18.24 -16.10
CA ALA A 272 -39.60 17.77 -15.02
C ALA A 272 -40.30 18.08 -13.70
N ARG A 273 -39.59 17.81 -12.60
CA ARG A 273 -40.14 18.12 -11.30
C ARG A 273 -40.29 19.63 -11.15
N PRO A 274 -41.27 20.10 -10.37
CA PRO A 274 -41.48 21.55 -10.25
C PRO A 274 -40.26 22.29 -9.72
N SER A 275 -39.50 21.69 -8.81
CA SER A 275 -38.30 22.35 -8.30
C SER A 275 -37.28 22.58 -9.40
N ALA A 276 -37.04 21.56 -10.22
CA ALA A 276 -36.06 21.68 -11.31
C ALA A 276 -36.51 22.71 -12.34
N ILE A 277 -37.81 22.74 -12.64
CA ILE A 277 -38.33 23.73 -13.58
C ILE A 277 -38.19 25.14 -13.02
N ASN A 278 -38.47 25.31 -11.73
CA ASN A 278 -38.31 26.62 -11.10
C ASN A 278 -36.86 27.08 -11.11
N GLN A 279 -35.93 26.15 -10.85
CA GLN A 279 -34.51 26.50 -10.85
C GLN A 279 -33.97 26.73 -12.26
N GLY A 280 -34.73 26.42 -13.30
CA GLY A 280 -34.28 26.66 -14.66
C GLY A 280 -33.39 25.60 -15.25
N HIS A 281 -33.46 24.37 -14.74
CA HIS A 281 -32.60 23.29 -15.22
C HIS A 281 -33.01 22.74 -16.59
N GLY A 282 -34.18 23.11 -17.09
CA GLY A 282 -34.65 22.68 -18.40
C GLY A 282 -34.53 23.72 -19.50
N ASP A 283 -33.78 24.80 -19.29
CA ASP A 283 -33.71 25.86 -20.29
C ASP A 283 -32.84 25.48 -21.48
N TYR A 284 -31.72 24.77 -21.24
CA TYR A 284 -30.82 24.43 -22.33
C TYR A 284 -31.46 23.44 -23.30
N ALA A 285 -32.19 22.45 -22.77
CA ALA A 285 -32.87 21.49 -23.63
C ALA A 285 -33.91 22.19 -24.50
N LEU A 286 -34.69 23.10 -23.91
CA LEU A 286 -35.68 23.85 -24.67
C LEU A 286 -35.00 24.72 -25.73
N LYS A 287 -33.86 25.31 -25.39
CA LYS A 287 -33.13 26.15 -26.33
C LYS A 287 -32.63 25.34 -27.53
N VAL A 288 -32.12 24.13 -27.28
CA VAL A 288 -31.51 23.37 -28.37
C VAL A 288 -32.50 22.49 -29.13
N THR A 289 -33.69 22.25 -28.59
CA THR A 289 -34.63 21.35 -29.27
C THR A 289 -35.08 21.91 -30.62
N GLY A 290 -35.37 23.21 -30.67
CA GLY A 290 -35.87 23.83 -31.88
C GLY A 290 -34.93 23.77 -33.07
N PRO A 291 -33.68 24.22 -32.91
CA PRO A 291 -32.72 24.11 -34.02
C PRO A 291 -32.50 22.68 -34.51
N ILE A 292 -32.50 21.71 -33.59
CA ILE A 292 -32.35 20.32 -34.01
C ILE A 292 -33.53 19.86 -34.85
N LEU A 293 -34.75 20.24 -34.44
CA LEU A 293 -35.93 19.90 -35.22
C LEU A 293 -35.89 20.54 -36.60
N ASP A 294 -35.47 21.81 -36.68
CA ASP A 294 -35.34 22.45 -37.98
C ASP A 294 -34.31 21.76 -38.86
N PHE A 295 -33.16 21.39 -38.27
CA PHE A 295 -32.14 20.69 -39.03
C PHE A 295 -32.64 19.35 -39.55
N PHE A 296 -33.38 18.61 -38.71
CA PHE A 296 -33.89 17.32 -39.16
C PHE A 296 -35.01 17.47 -40.19
N SER A 297 -35.78 18.54 -40.12
CA SER A 297 -36.78 18.81 -41.16
C SER A 297 -36.11 19.10 -42.49
N GLN A 298 -35.02 19.87 -42.47
CA GLN A 298 -34.33 20.18 -43.73
C GLN A 298 -33.53 18.99 -44.25
N HIS A 299 -32.92 18.22 -43.35
CA HIS A 299 -32.05 17.12 -43.76
C HIS A 299 -32.85 15.96 -44.34
N TYR A 300 -33.94 15.60 -43.67
CA TYR A 300 -34.83 14.55 -44.17
C TYR A 300 -35.71 15.03 -45.32
N ASP A 301 -35.78 16.35 -45.55
CA ASP A 301 -36.66 16.94 -46.56
C ASP A 301 -38.12 16.53 -46.32
N THR A 302 -38.50 16.45 -45.04
CA THR A 302 -39.83 16.06 -44.64
C THR A 302 -40.17 16.82 -43.36
N PRO A 303 -41.33 17.46 -43.29
CA PRO A 303 -41.71 18.19 -42.07
C PRO A 303 -41.95 17.23 -40.90
N TYR A 304 -41.92 17.80 -39.70
CA TYR A 304 -42.15 17.03 -38.50
C TYR A 304 -43.55 16.41 -38.54
N PRO A 305 -43.67 15.09 -38.38
CA PRO A 305 -44.96 14.43 -38.62
C PRO A 305 -46.06 14.83 -37.64
N LEU A 306 -45.72 15.32 -36.45
CA LEU A 306 -46.70 15.56 -35.41
C LEU A 306 -46.86 17.07 -35.19
N ASN A 307 -47.67 17.41 -34.18
CA ASN A 307 -47.92 18.81 -33.83
C ASN A 307 -47.20 19.24 -32.56
N LYS A 308 -46.95 18.33 -31.63
CA LYS A 308 -46.29 18.66 -30.38
C LYS A 308 -45.04 17.79 -30.20
N SER A 309 -44.15 18.26 -29.33
CA SER A 309 -42.92 17.54 -28.99
C SER A 309 -42.69 17.71 -27.50
N ASP A 310 -43.03 16.68 -26.73
CA ASP A 310 -42.84 16.69 -25.28
C ASP A 310 -41.64 15.83 -24.93
N GLN A 311 -40.76 16.36 -24.07
CA GLN A 311 -39.63 15.61 -23.55
C GLN A 311 -39.68 15.67 -22.03
N ILE A 312 -39.74 14.51 -21.39
CA ILE A 312 -39.96 14.45 -19.94
C ILE A 312 -38.78 13.75 -19.29
N ALA A 313 -38.27 14.34 -18.21
CA ALA A 313 -37.13 13.78 -17.47
C ALA A 313 -37.65 13.09 -16.22
N LEU A 314 -37.22 11.83 -16.02
CA LEU A 314 -37.63 11.02 -14.88
C LEU A 314 -36.48 10.85 -13.90
N PRO A 315 -36.76 10.93 -12.60
CA PRO A 315 -35.68 10.78 -11.61
C PRO A 315 -34.98 9.43 -11.66
N ASP A 316 -35.69 8.36 -12.02
CA ASP A 316 -35.10 7.03 -12.09
C ASP A 316 -35.55 6.37 -13.39
N PHE A 317 -34.61 6.25 -14.34
CA PHE A 317 -34.91 5.63 -15.63
C PHE A 317 -33.64 4.94 -16.11
N ASN A 318 -33.53 3.64 -15.84
CA ASN A 318 -32.32 2.90 -16.18
C ASN A 318 -32.12 2.73 -17.67
N ALA A 319 -33.20 2.80 -18.46
CA ALA A 319 -33.08 2.63 -19.91
C ALA A 319 -32.31 3.77 -20.57
N GLY A 320 -32.21 4.93 -19.92
CA GLY A 320 -31.51 6.06 -20.49
C GLY A 320 -32.40 6.98 -21.29
N ALA A 321 -32.97 6.49 -22.38
CA ALA A 321 -33.86 7.28 -23.21
C ALA A 321 -34.65 6.36 -24.12
N MET A 322 -35.92 6.71 -24.36
CA MET A 322 -36.78 5.94 -25.24
C MET A 322 -37.47 6.89 -26.22
N GLU A 323 -37.53 6.48 -27.49
CA GLU A 323 -37.99 7.35 -28.57
C GLU A 323 -39.48 7.13 -28.86
N ASN A 324 -40.30 7.32 -27.83
CA ASN A 324 -41.74 7.25 -28.02
C ASN A 324 -42.20 8.42 -28.88
N TRP A 325 -43.13 8.14 -29.80
CA TRP A 325 -43.54 9.12 -30.80
C TRP A 325 -44.36 10.22 -30.13
N GLY A 326 -43.77 11.42 -30.02
CA GLY A 326 -44.43 12.57 -29.48
C GLY A 326 -44.18 12.80 -28.00
N LEU A 327 -43.73 11.80 -27.27
CA LEU A 327 -43.45 11.92 -25.84
C LEU A 327 -42.15 11.16 -25.54
N VAL A 328 -41.03 11.85 -25.63
CA VAL A 328 -39.73 11.23 -25.41
C VAL A 328 -39.42 11.25 -23.92
N THR A 329 -38.87 10.15 -23.42
CA THR A 329 -38.57 9.97 -22.01
C THR A 329 -37.06 9.89 -21.83
N TYR A 330 -36.54 10.72 -20.92
CA TYR A 330 -35.13 10.74 -20.56
C TYR A 330 -34.98 10.50 -19.06
N ARG A 331 -33.76 10.19 -18.65
CA ARG A 331 -33.40 10.27 -17.24
C ARG A 331 -32.95 11.68 -16.94
N GLU A 332 -33.29 12.17 -15.74
CA GLU A 332 -33.02 13.57 -15.42
C GLU A 332 -31.53 13.88 -15.36
N SER A 333 -30.68 12.86 -15.17
CA SER A 333 -29.24 13.08 -15.17
C SER A 333 -28.68 13.33 -16.57
N ALA A 334 -29.48 13.11 -17.62
CA ALA A 334 -29.03 13.27 -18.99
C ALA A 334 -29.79 14.33 -19.78
N LEU A 335 -30.84 14.92 -19.22
CA LEU A 335 -31.63 15.94 -19.91
C LEU A 335 -31.54 17.31 -19.27
N LEU A 336 -31.36 17.38 -17.95
CA LEU A 336 -31.32 18.64 -17.23
C LEU A 336 -29.89 19.13 -17.10
N TYR A 337 -29.68 20.43 -17.32
CA TYR A 337 -28.37 21.05 -17.26
C TYR A 337 -28.41 22.18 -16.24
N ASP A 338 -27.45 22.18 -15.31
CA ASP A 338 -27.32 23.22 -14.31
C ASP A 338 -26.07 24.03 -14.63
N ARG A 339 -26.26 25.33 -14.85
CA ARG A 339 -25.14 26.20 -15.21
C ARG A 339 -24.22 26.53 -14.06
N GLN A 340 -24.39 25.91 -12.89
CA GLN A 340 -23.58 26.20 -11.72
C GLN A 340 -22.73 25.03 -11.26
N SER A 341 -23.04 23.80 -11.66
CA SER A 341 -22.29 22.64 -11.19
C SER A 341 -22.03 21.61 -12.28
N SER A 342 -22.39 21.88 -13.53
CA SER A 342 -22.23 20.91 -14.61
C SER A 342 -21.03 21.29 -15.47
N SER A 343 -20.32 20.27 -15.93
CA SER A 343 -19.14 20.46 -16.78
C SER A 343 -19.54 20.39 -18.26
N SER A 344 -18.54 20.45 -19.13
CA SER A 344 -18.80 20.44 -20.57
C SER A 344 -19.23 19.07 -21.07
N GLY A 345 -18.74 18.00 -20.43
CA GLY A 345 -19.17 16.67 -20.82
C GLY A 345 -20.66 16.46 -20.63
N ASN A 346 -21.22 17.00 -19.56
CA ASN A 346 -22.66 16.91 -19.34
C ASN A 346 -23.43 17.64 -20.43
N GLN A 347 -22.98 18.83 -20.82
CA GLN A 347 -23.65 19.58 -21.86
C GLN A 347 -23.60 18.85 -23.20
N GLU A 348 -22.43 18.30 -23.54
CA GLU A 348 -22.31 17.53 -24.76
C GLU A 348 -23.22 16.31 -24.74
N ARG A 349 -23.28 15.62 -23.60
CA ARG A 349 -24.17 14.46 -23.47
C ARG A 349 -25.62 14.87 -23.67
N VAL A 350 -26.02 16.00 -23.09
CA VAL A 350 -27.40 16.46 -23.22
C VAL A 350 -27.74 16.72 -24.69
N VAL A 351 -26.89 17.48 -25.38
CA VAL A 351 -27.21 17.84 -26.76
C VAL A 351 -27.19 16.60 -27.65
N THR A 352 -26.24 15.69 -27.44
CA THR A 352 -26.16 14.50 -28.28
C THR A 352 -27.32 13.56 -28.05
N VAL A 353 -27.75 13.38 -26.79
CA VAL A 353 -28.87 12.49 -26.53
C VAL A 353 -30.16 13.09 -27.06
N ILE A 354 -30.32 14.41 -26.99
CA ILE A 354 -31.50 15.04 -27.57
C ILE A 354 -31.53 14.83 -29.08
N ALA A 355 -30.38 15.03 -29.75
CA ALA A 355 -30.34 14.81 -31.19
C ALA A 355 -30.63 13.36 -31.56
N HIS A 356 -30.05 12.42 -30.79
CA HIS A 356 -30.28 11.00 -31.06
C HIS A 356 -31.74 10.63 -30.93
N GLU A 357 -32.40 11.12 -29.88
CA GLU A 357 -33.81 10.76 -29.69
C GLU A 357 -34.73 11.49 -30.67
N LEU A 358 -34.38 12.70 -31.10
CA LEU A 358 -35.20 13.40 -32.08
C LEU A 358 -34.99 12.86 -33.49
N ALA A 359 -33.88 12.19 -33.77
CA ALA A 359 -33.69 11.59 -35.08
C ALA A 359 -34.68 10.46 -35.34
N HIS A 360 -35.10 9.75 -34.29
CA HIS A 360 -35.99 8.62 -34.45
C HIS A 360 -37.39 9.02 -34.89
N GLN A 361 -37.75 10.30 -34.79
CA GLN A 361 -39.10 10.72 -35.13
C GLN A 361 -39.41 10.52 -36.60
N TRP A 362 -38.39 10.57 -37.47
CA TRP A 362 -38.55 10.26 -38.88
C TRP A 362 -38.10 8.84 -39.20
N PHE A 363 -36.84 8.52 -38.91
CA PHE A 363 -36.25 7.23 -39.25
C PHE A 363 -36.42 6.29 -38.06
N GLY A 364 -37.47 5.49 -38.08
CA GLY A 364 -37.75 4.57 -37.00
C GLY A 364 -39.19 4.59 -36.55
N ASN A 365 -39.83 5.76 -36.60
CA ASN A 365 -41.23 5.92 -36.24
C ASN A 365 -42.13 6.14 -37.44
N LEU A 366 -41.76 7.06 -38.34
CA LEU A 366 -42.50 7.24 -39.57
C LEU A 366 -42.40 6.00 -40.45
N VAL A 367 -41.20 5.42 -40.55
CA VAL A 367 -40.97 4.16 -41.22
C VAL A 367 -40.33 3.22 -40.21
N THR A 368 -40.93 2.05 -40.02
CA THR A 368 -40.51 1.13 -38.97
C THR A 368 -39.92 -0.14 -39.57
N LEU A 369 -39.15 -0.86 -38.77
CA LEU A 369 -38.60 -2.14 -39.20
C LEU A 369 -39.70 -3.19 -39.32
N GLU A 370 -39.51 -4.10 -40.28
CA GLU A 370 -40.47 -5.19 -40.45
C GLU A 370 -40.37 -6.21 -39.33
N TRP A 371 -39.14 -6.50 -38.88
CA TRP A 371 -38.92 -7.41 -37.78
C TRP A 371 -37.63 -7.03 -37.07
N TRP A 372 -37.47 -7.54 -35.85
CA TRP A 372 -36.39 -7.13 -34.96
C TRP A 372 -35.00 -7.56 -35.43
N ASN A 373 -34.86 -8.17 -36.59
CA ASN A 373 -33.54 -8.55 -37.10
C ASN A 373 -32.86 -7.43 -37.87
N ASP A 374 -33.56 -6.33 -38.15
CA ASP A 374 -32.99 -5.19 -38.86
C ASP A 374 -32.77 -3.99 -37.95
N LEU A 375 -32.83 -4.20 -36.64
CA LEU A 375 -32.71 -3.10 -35.67
C LEU A 375 -31.41 -2.31 -35.85
N TRP A 376 -30.33 -2.97 -36.23
CA TRP A 376 -29.06 -2.28 -36.43
C TRP A 376 -29.19 -1.13 -37.42
N LEU A 377 -30.06 -1.28 -38.42
CA LEU A 377 -30.24 -0.21 -39.40
C LEU A 377 -30.86 1.01 -38.74
N ASN A 378 -31.82 0.82 -37.83
CA ASN A 378 -32.47 1.95 -37.18
C ASN A 378 -31.51 2.64 -36.22
N GLU A 379 -31.11 1.93 -35.15
CA GLU A 379 -30.30 2.55 -34.11
C GLU A 379 -29.02 3.13 -34.68
N GLY A 380 -28.30 2.35 -35.47
CA GLY A 380 -27.07 2.85 -36.06
C GLY A 380 -27.28 4.14 -36.82
N PHE A 381 -28.36 4.22 -37.60
CA PHE A 381 -28.61 5.47 -38.32
C PHE A 381 -28.71 6.64 -37.36
N ALA A 382 -29.50 6.49 -36.30
CA ALA A 382 -29.58 7.55 -35.31
C ALA A 382 -28.22 7.84 -34.72
N SER A 383 -27.48 6.77 -34.38
CA SER A 383 -26.16 6.93 -33.77
C SER A 383 -25.19 7.67 -34.69
N TYR A 384 -25.49 7.71 -35.99
CA TYR A 384 -24.66 8.49 -36.88
C TYR A 384 -25.14 9.93 -37.03
N VAL A 385 -26.46 10.15 -37.06
CA VAL A 385 -26.95 11.48 -37.41
C VAL A 385 -27.03 12.42 -36.23
N GLU A 386 -27.05 11.88 -35.00
CA GLU A 386 -27.10 12.73 -33.82
C GLU A 386 -26.01 13.79 -33.84
N TYR A 387 -24.76 13.37 -34.06
CA TYR A 387 -23.66 14.33 -34.17
C TYR A 387 -23.98 15.41 -35.18
N LEU A 388 -24.44 15.02 -36.38
CA LEU A 388 -24.81 16.00 -37.38
C LEU A 388 -25.83 16.98 -36.83
N GLY A 389 -26.90 16.47 -36.23
CA GLY A 389 -27.87 17.36 -35.60
C GLY A 389 -27.23 18.23 -34.54
N ALA A 390 -26.42 17.61 -33.69
CA ALA A 390 -25.71 18.38 -32.66
C ALA A 390 -24.77 19.39 -33.30
N ASP A 391 -24.13 19.00 -34.41
CA ASP A 391 -23.23 19.92 -35.09
C ASP A 391 -23.98 21.15 -35.60
N PHE A 392 -25.27 21.00 -35.86
CA PHE A 392 -26.07 22.17 -36.25
C PHE A 392 -26.41 23.03 -35.04
N ALA A 393 -26.65 22.40 -33.89
CA ALA A 393 -27.02 23.16 -32.71
C ALA A 393 -25.81 23.87 -32.09
N GLU A 394 -24.62 23.28 -32.21
CA GLU A 394 -23.39 23.83 -31.67
C GLU A 394 -22.35 23.88 -32.79
N PRO A 395 -22.41 24.91 -33.64
CA PRO A 395 -21.51 24.95 -34.80
C PRO A 395 -20.04 24.97 -34.45
N THR A 396 -19.66 25.55 -33.31
CA THR A 396 -18.27 25.76 -32.97
C THR A 396 -17.66 24.63 -32.14
N TRP A 397 -18.40 23.57 -31.89
CA TRP A 397 -17.91 22.50 -31.02
C TRP A 397 -17.15 21.40 -31.76
N ASN A 398 -17.25 21.35 -33.09
CA ASN A 398 -16.58 20.32 -33.90
C ASN A 398 -16.93 18.92 -33.40
N LEU A 399 -18.23 18.69 -33.21
CA LEU A 399 -18.69 17.44 -32.60
C LEU A 399 -18.50 16.22 -33.51
N LYS A 400 -18.61 16.40 -34.82
CA LYS A 400 -18.52 15.27 -35.74
C LYS A 400 -17.16 14.57 -35.70
N ASP A 401 -16.13 15.22 -35.16
CA ASP A 401 -14.83 14.58 -34.99
C ASP A 401 -14.79 13.63 -33.81
N LEU A 402 -15.63 13.84 -32.79
CA LEU A 402 -15.62 12.98 -31.62
C LEU A 402 -16.17 11.59 -31.89
N MET A 403 -17.03 11.45 -32.91
CA MET A 403 -17.72 10.18 -33.14
C MET A 403 -16.74 9.01 -33.19
N VAL A 404 -15.63 9.18 -33.92
CA VAL A 404 -14.61 8.14 -33.98
C VAL A 404 -14.24 7.68 -32.58
N LEU A 405 -13.72 8.60 -31.76
CA LEU A 405 -13.32 8.25 -30.40
C LEU A 405 -14.48 7.65 -29.63
N ASN A 406 -15.70 8.10 -29.90
CA ASN A 406 -16.84 7.58 -29.16
C ASN A 406 -17.32 6.25 -29.72
N ASP A 407 -17.23 6.04 -31.03
CA ASP A 407 -17.86 4.86 -31.62
C ASP A 407 -16.87 3.88 -32.23
N VAL A 408 -16.11 4.31 -33.23
CA VAL A 408 -15.31 3.37 -34.01
C VAL A 408 -14.30 2.68 -33.11
N TYR A 409 -13.43 3.45 -32.46
CA TYR A 409 -12.43 2.87 -31.57
C TYR A 409 -13.08 2.13 -30.41
N ARG A 410 -14.33 2.45 -30.09
CA ARG A 410 -15.00 1.74 -29.01
C ARG A 410 -15.48 0.37 -29.47
N VAL A 411 -15.87 0.24 -30.74
CA VAL A 411 -16.40 -1.04 -31.21
C VAL A 411 -15.32 -1.95 -31.78
N MET A 412 -14.25 -1.38 -32.35
CA MET A 412 -13.14 -2.19 -32.85
C MET A 412 -12.49 -3.01 -31.75
N ALA A 413 -12.61 -2.58 -30.49
CA ALA A 413 -12.10 -3.39 -29.38
C ALA A 413 -12.84 -4.71 -29.27
N VAL A 414 -14.17 -4.69 -29.47
CA VAL A 414 -14.94 -5.92 -29.33
C VAL A 414 -15.19 -6.62 -30.66
N ASP A 415 -15.05 -5.92 -31.78
CA ASP A 415 -15.22 -6.53 -33.09
C ASP A 415 -13.98 -7.26 -33.57
N ALA A 416 -12.84 -7.07 -32.91
CA ALA A 416 -11.60 -7.75 -33.27
C ALA A 416 -11.42 -9.06 -32.51
N LEU A 417 -12.50 -9.65 -32.03
CA LEU A 417 -12.46 -10.92 -31.30
C LEU A 417 -13.19 -11.99 -32.11
N ALA A 418 -12.80 -13.24 -31.88
CA ALA A 418 -13.43 -14.36 -32.57
C ALA A 418 -14.85 -14.63 -32.10
N SER A 419 -15.28 -14.00 -31.02
CA SER A 419 -16.63 -14.17 -30.48
C SER A 419 -17.61 -13.14 -31.00
N SER A 420 -17.21 -12.32 -31.97
CA SER A 420 -18.08 -11.30 -32.52
C SER A 420 -19.17 -11.94 -33.38
N HIS A 421 -20.09 -11.13 -33.86
CA HIS A 421 -21.19 -11.59 -34.70
C HIS A 421 -21.47 -10.56 -35.77
N PRO A 422 -22.04 -10.97 -36.90
CA PRO A 422 -22.39 -10.00 -37.95
C PRO A 422 -23.53 -9.10 -37.54
N LEU A 423 -23.65 -7.98 -38.26
CA LEU A 423 -24.75 -7.05 -38.03
C LEU A 423 -26.09 -7.69 -38.40
N SER A 424 -26.15 -8.40 -39.51
CA SER A 424 -27.40 -8.89 -40.09
C SER A 424 -27.52 -10.38 -39.88
N THR A 425 -28.70 -10.82 -39.46
CA THR A 425 -29.05 -12.22 -39.28
C THR A 425 -30.41 -12.48 -39.89
N PRO A 426 -30.68 -13.72 -40.32
CA PRO A 426 -32.02 -14.03 -40.84
C PRO A 426 -33.10 -13.89 -39.78
N ALA A 427 -34.31 -13.53 -40.23
CA ALA A 427 -35.41 -13.28 -39.31
C ALA A 427 -35.84 -14.55 -38.57
N SER A 428 -35.64 -15.72 -39.18
CA SER A 428 -36.05 -16.98 -38.57
C SER A 428 -35.24 -17.32 -37.33
N GLU A 429 -34.13 -16.64 -37.09
CA GLU A 429 -33.26 -16.92 -35.94
C GLU A 429 -33.62 -16.09 -34.71
N ILE A 430 -34.63 -15.24 -34.79
CA ILE A 430 -35.07 -14.41 -33.66
C ILE A 430 -36.56 -14.63 -33.49
N ASN A 431 -36.94 -15.47 -32.54
CA ASN A 431 -38.35 -15.71 -32.22
C ASN A 431 -38.68 -15.49 -30.76
N THR A 432 -37.82 -15.93 -29.85
CA THR A 432 -38.00 -15.81 -28.41
C THR A 432 -37.77 -14.36 -27.98
N PRO A 433 -38.57 -13.86 -27.02
CA PRO A 433 -38.33 -12.50 -26.51
C PRO A 433 -36.94 -12.29 -25.95
N ALA A 434 -36.31 -13.33 -25.39
CA ALA A 434 -34.91 -13.21 -24.99
C ALA A 434 -34.02 -13.00 -26.20
N GLN A 435 -34.28 -13.72 -27.30
CA GLN A 435 -33.54 -13.49 -28.53
C GLN A 435 -33.77 -12.09 -29.06
N ILE A 436 -35.00 -11.57 -28.92
CA ILE A 436 -35.30 -10.20 -29.34
C ILE A 436 -34.51 -9.21 -28.52
N SER A 437 -34.45 -9.42 -27.20
CA SER A 437 -33.68 -8.53 -26.33
C SER A 437 -32.18 -8.63 -26.58
N GLU A 438 -31.71 -9.77 -27.11
CA GLU A 438 -30.28 -9.95 -27.32
C GLU A 438 -29.72 -9.05 -28.41
N VAL A 439 -30.55 -8.55 -29.33
CA VAL A 439 -30.04 -7.75 -30.45
C VAL A 439 -29.73 -6.31 -30.06
N PHE A 440 -30.06 -5.89 -28.84
CA PHE A 440 -29.76 -4.53 -28.38
C PHE A 440 -28.38 -4.54 -27.72
N ASP A 441 -27.34 -4.58 -28.54
CA ASP A 441 -25.97 -4.61 -28.06
C ASP A 441 -25.16 -3.50 -28.72
N SER A 442 -23.94 -3.31 -28.22
CA SER A 442 -23.10 -2.21 -28.69
C SER A 442 -22.71 -2.36 -30.15
N ILE A 443 -22.68 -3.59 -30.66
CA ILE A 443 -22.36 -3.80 -32.07
C ILE A 443 -23.40 -3.11 -32.94
N SER A 444 -24.68 -3.37 -32.69
CA SER A 444 -25.75 -2.86 -33.53
C SER A 444 -25.74 -1.34 -33.59
N TYR A 445 -25.38 -0.68 -32.49
CA TYR A 445 -25.30 0.78 -32.49
C TYR A 445 -24.03 1.26 -33.17
N SER A 446 -22.87 0.90 -32.61
CA SER A 446 -21.61 1.52 -33.02
C SER A 446 -21.20 1.09 -34.43
N LYS A 447 -21.21 -0.23 -34.70
CA LYS A 447 -20.76 -0.68 -36.01
C LYS A 447 -21.76 -0.30 -37.10
N GLY A 448 -23.05 -0.29 -36.77
CA GLY A 448 -24.04 0.21 -37.71
C GLY A 448 -23.80 1.67 -38.05
N ALA A 449 -23.51 2.49 -37.04
CA ALA A 449 -23.18 3.89 -37.29
C ALA A 449 -21.94 4.01 -38.15
N SER A 450 -20.93 3.18 -37.89
CA SER A 450 -19.69 3.26 -38.65
C SER A 450 -19.90 2.89 -40.11
N VAL A 451 -20.62 1.81 -40.38
CA VAL A 451 -20.82 1.39 -41.76
C VAL A 451 -21.72 2.36 -42.50
N LEU A 452 -22.72 2.93 -41.82
CA LEU A 452 -23.57 3.92 -42.47
C LEU A 452 -22.81 5.22 -42.75
N ARG A 453 -21.89 5.59 -41.85
CA ARG A 453 -21.04 6.75 -42.10
C ARG A 453 -20.13 6.53 -43.29
N MET A 454 -19.54 5.32 -43.39
CA MET A 454 -18.70 5.00 -44.54
C MET A 454 -19.50 5.03 -45.83
N LEU A 455 -20.70 4.45 -45.81
CA LEU A 455 -21.57 4.46 -47.00
C LEU A 455 -21.93 5.88 -47.41
N SER A 456 -22.26 6.73 -46.44
CA SER A 456 -22.57 8.13 -46.74
C SER A 456 -21.35 8.84 -47.31
N ASN A 457 -20.15 8.49 -46.85
CA ASN A 457 -18.96 9.20 -47.32
C ASN A 457 -18.59 8.80 -48.74
N PHE A 458 -18.66 7.51 -49.09
CA PHE A 458 -18.28 7.18 -50.46
C PHE A 458 -19.41 7.36 -51.46
N LEU A 459 -20.61 7.73 -51.03
CA LEU A 459 -21.70 8.09 -51.93
C LEU A 459 -21.97 9.59 -51.95
N THR A 460 -21.17 10.39 -51.24
CA THR A 460 -21.36 11.83 -51.07
C THR A 460 -22.62 12.12 -50.27
N GLU A 461 -22.66 13.30 -49.62
CA GLU A 461 -23.77 13.61 -48.74
C GLU A 461 -25.06 13.89 -49.51
N ASP A 462 -24.94 14.53 -50.68
CA ASP A 462 -26.13 14.90 -51.44
C ASP A 462 -26.90 13.68 -51.92
N LEU A 463 -26.20 12.70 -52.51
CA LEU A 463 -26.86 11.50 -52.98
C LEU A 463 -27.45 10.71 -51.81
N PHE A 464 -26.72 10.65 -50.70
CA PHE A 464 -27.23 9.95 -49.52
C PHE A 464 -28.52 10.59 -49.01
N LYS A 465 -28.55 11.92 -48.95
CA LYS A 465 -29.75 12.62 -48.50
C LYS A 465 -30.91 12.41 -49.48
N MET A 466 -30.63 12.44 -50.79
CA MET A 466 -31.69 12.20 -51.76
C MET A 466 -32.27 10.80 -51.62
N GLY A 467 -31.40 9.80 -51.45
CA GLY A 467 -31.89 8.44 -51.26
C GLY A 467 -32.70 8.29 -49.98
N ILE A 468 -32.25 8.92 -48.90
CA ILE A 468 -32.98 8.86 -47.63
C ILE A 468 -34.35 9.51 -47.79
N ALA A 469 -34.41 10.66 -48.46
CA ALA A 469 -35.68 11.35 -48.66
C ALA A 469 -36.63 10.51 -49.49
N SER A 470 -36.13 9.89 -50.57
CA SER A 470 -36.98 9.03 -51.39
C SER A 470 -37.49 7.84 -50.58
N TYR A 471 -36.61 7.23 -49.78
CA TYR A 471 -37.01 6.10 -48.95
C TYR A 471 -38.07 6.49 -47.93
N LEU A 472 -37.92 7.66 -47.31
CA LEU A 472 -38.90 8.12 -46.33
C LEU A 472 -40.25 8.44 -47.00
N HIS A 473 -40.21 9.05 -48.19
CA HIS A 473 -41.45 9.40 -48.86
C HIS A 473 -42.20 8.17 -49.35
N THR A 474 -41.48 7.17 -49.85
CA THR A 474 -42.13 6.01 -50.45
C THR A 474 -42.83 5.14 -49.41
N TYR A 475 -42.21 4.95 -48.24
CA TYR A 475 -42.68 3.97 -47.27
C TYR A 475 -43.19 4.59 -45.98
N LYS A 476 -43.74 5.80 -46.04
CA LYS A 476 -44.25 6.44 -44.84
C LYS A 476 -45.45 5.67 -44.29
N TYR A 477 -45.50 5.57 -42.95
CA TYR A 477 -46.51 4.77 -42.25
C TYR A 477 -46.49 3.32 -42.71
N GLY A 478 -45.29 2.77 -42.86
CA GLY A 478 -45.14 1.39 -43.30
C GLY A 478 -43.92 0.72 -42.70
N ASN A 479 -43.62 -0.50 -43.16
CA ASN A 479 -42.48 -1.27 -42.68
C ASN A 479 -41.57 -1.62 -43.85
N THR A 480 -40.27 -1.73 -43.57
CA THR A 480 -39.27 -1.93 -44.61
C THR A 480 -38.21 -2.91 -44.15
N ILE A 481 -37.35 -3.29 -45.10
CA ILE A 481 -36.11 -4.01 -44.85
C ILE A 481 -34.98 -3.19 -45.48
N TYR A 482 -33.74 -3.57 -45.15
CA TYR A 482 -32.60 -2.79 -45.63
C TYR A 482 -32.43 -2.88 -47.14
N LEU A 483 -32.96 -3.93 -47.78
CA LEU A 483 -32.88 -4.04 -49.23
C LEU A 483 -33.63 -2.91 -49.93
N ASN A 484 -34.73 -2.42 -49.34
CA ASN A 484 -35.44 -1.29 -49.92
C ASN A 484 -34.58 -0.03 -49.90
N LEU A 485 -33.89 0.22 -48.80
CA LEU A 485 -32.99 1.37 -48.73
C LEU A 485 -31.85 1.23 -49.74
N TRP A 486 -31.30 0.02 -49.87
CA TRP A 486 -30.26 -0.20 -50.86
C TRP A 486 -30.77 0.07 -52.27
N GLU A 487 -32.01 -0.36 -52.56
CA GLU A 487 -32.59 -0.14 -53.88
C GLU A 487 -32.78 1.35 -54.15
N HIS A 488 -33.26 2.10 -53.16
CA HIS A 488 -33.42 3.54 -53.34
C HIS A 488 -32.09 4.23 -53.57
N LEU A 489 -31.06 3.85 -52.80
CA LEU A 489 -29.74 4.43 -53.00
C LEU A 489 -29.20 4.08 -54.39
N GLN A 490 -29.42 2.86 -54.84
CA GLN A 490 -28.97 2.46 -56.17
C GLN A 490 -29.69 3.24 -57.26
N GLN A 491 -30.99 3.49 -57.07
CA GLN A 491 -31.73 4.31 -58.03
C GLN A 491 -31.16 5.71 -58.09
N VAL A 492 -30.85 6.30 -56.93
CA VAL A 492 -30.27 7.64 -56.92
C VAL A 492 -28.90 7.65 -57.60
N VAL A 493 -28.10 6.61 -57.36
CA VAL A 493 -26.77 6.53 -57.97
C VAL A 493 -26.88 6.41 -59.49
N ASP A 494 -27.80 5.57 -59.98
CA ASP A 494 -27.90 5.33 -61.41
C ASP A 494 -28.37 6.56 -62.17
N LYS A 495 -28.99 7.51 -61.50
CA LYS A 495 -29.52 8.70 -62.14
C LYS A 495 -28.50 9.83 -62.30
N GLN A 496 -27.25 9.60 -61.90
CA GLN A 496 -26.20 10.59 -62.02
C GLN A 496 -24.96 9.95 -62.64
N PRO A 497 -24.20 10.71 -63.42
CA PRO A 497 -23.02 10.14 -64.09
C PRO A 497 -21.71 10.37 -63.33
N THR A 498 -21.75 11.18 -62.28
CA THR A 498 -20.51 11.61 -61.63
C THR A 498 -19.86 10.48 -60.82
N ILE A 499 -20.63 9.82 -59.97
CA ILE A 499 -20.09 8.83 -59.04
C ILE A 499 -20.23 7.44 -59.66
N LYS A 500 -19.12 6.70 -59.69
CA LYS A 500 -19.07 5.35 -60.24
C LYS A 500 -18.60 4.39 -59.15
N LEU A 501 -19.28 3.25 -59.03
CA LEU A 501 -18.98 2.26 -58.02
C LEU A 501 -18.50 0.96 -58.65
N PRO A 502 -17.65 0.20 -57.96
CA PRO A 502 -17.21 -1.09 -58.52
C PRO A 502 -18.33 -2.11 -58.65
N ASP A 503 -19.42 -1.95 -57.91
CA ASP A 503 -20.55 -2.88 -57.95
C ASP A 503 -21.79 -2.12 -57.47
N THR A 504 -22.86 -2.86 -57.20
CA THR A 504 -24.07 -2.26 -56.67
C THR A 504 -23.91 -1.94 -55.18
N VAL A 505 -24.83 -1.12 -54.67
CA VAL A 505 -24.78 -0.75 -53.26
C VAL A 505 -24.98 -1.97 -52.38
N SER A 506 -25.95 -2.83 -52.74
CA SER A 506 -26.23 -4.01 -51.94
C SER A 506 -25.05 -4.98 -51.94
N ALA A 507 -24.40 -5.15 -53.10
CA ALA A 507 -23.25 -6.04 -53.17
C ALA A 507 -22.10 -5.55 -52.30
N ILE A 508 -21.88 -4.24 -52.26
CA ILE A 508 -20.83 -3.68 -51.42
C ILE A 508 -21.19 -3.83 -49.94
N MET A 509 -22.46 -3.55 -49.60
CA MET A 509 -22.87 -3.60 -48.20
C MET A 509 -22.96 -5.02 -47.66
N ASP A 510 -23.09 -6.02 -48.54
CA ASP A 510 -23.12 -7.40 -48.10
C ASP A 510 -21.82 -7.78 -47.39
N ARG A 511 -20.68 -7.30 -47.90
CA ARG A 511 -19.41 -7.60 -47.28
C ARG A 511 -19.30 -7.04 -45.87
N TRP A 512 -20.05 -5.98 -45.57
CA TRP A 512 -19.94 -5.30 -44.30
C TRP A 512 -21.06 -5.62 -43.33
N ILE A 513 -22.16 -6.21 -43.79
CA ILE A 513 -23.26 -6.56 -42.89
C ILE A 513 -23.44 -8.06 -42.70
N LEU A 514 -22.85 -8.90 -43.55
CA LEU A 514 -23.06 -10.33 -43.47
C LEU A 514 -21.93 -11.09 -42.79
N GLN A 515 -20.76 -10.48 -42.62
CA GLN A 515 -19.64 -11.14 -41.95
C GLN A 515 -19.11 -10.23 -40.85
N MET A 516 -18.59 -10.86 -39.80
CA MET A 516 -18.08 -10.14 -38.65
C MET A 516 -16.66 -9.65 -38.89
N GLY A 517 -16.24 -8.68 -38.08
CA GLY A 517 -14.89 -8.17 -38.12
C GLY A 517 -14.68 -7.09 -39.17
N PHE A 518 -13.45 -6.63 -39.22
CA PHE A 518 -13.00 -5.60 -40.16
C PHE A 518 -11.62 -6.00 -40.66
N PRO A 519 -11.21 -5.47 -41.81
CA PRO A 519 -9.89 -5.80 -42.33
C PRO A 519 -8.79 -4.85 -41.87
N VAL A 520 -7.56 -5.35 -41.98
CA VAL A 520 -6.36 -4.54 -41.91
C VAL A 520 -5.74 -4.52 -43.30
N ILE A 521 -5.43 -3.32 -43.77
CA ILE A 521 -4.89 -3.08 -45.11
C ILE A 521 -3.41 -2.77 -44.98
N THR A 522 -2.58 -3.60 -45.59
CA THR A 522 -1.13 -3.44 -45.56
C THR A 522 -0.65 -2.89 -46.90
N VAL A 523 0.20 -1.88 -46.84
CA VAL A 523 0.71 -1.20 -48.03
C VAL A 523 2.23 -1.32 -48.06
N ASP A 524 2.77 -1.77 -49.19
CA ASP A 524 4.20 -1.77 -49.45
C ASP A 524 4.46 -0.71 -50.51
N THR A 525 5.14 0.37 -50.10
CA THR A 525 5.38 1.52 -50.96
C THR A 525 6.60 1.37 -51.85
N GLN A 526 7.46 0.38 -51.60
CA GLN A 526 8.56 0.12 -52.51
C GLN A 526 8.05 -0.34 -53.88
N THR A 527 7.03 -1.18 -53.89
CA THR A 527 6.41 -1.63 -55.14
C THR A 527 4.98 -1.15 -55.32
N GLY A 528 4.36 -0.57 -54.28
CA GLY A 528 2.99 -0.12 -54.37
C GLY A 528 1.96 -1.21 -54.18
N THR A 529 2.32 -2.34 -53.57
CA THR A 529 1.39 -3.44 -53.41
C THR A 529 0.48 -3.21 -52.20
N ILE A 530 -0.77 -3.65 -52.31
CA ILE A 530 -1.76 -3.43 -51.27
C ILE A 530 -2.50 -4.74 -51.01
N SER A 531 -2.62 -5.11 -49.75
CA SER A 531 -3.25 -6.37 -49.38
C SER A 531 -4.19 -6.16 -48.19
N GLN A 532 -5.10 -7.10 -48.01
CA GLN A 532 -6.07 -7.04 -46.92
C GLN A 532 -6.09 -8.36 -46.16
N GLN A 533 -6.41 -8.28 -44.87
CA GLN A 533 -6.45 -9.48 -44.05
C GLN A 533 -7.43 -9.27 -42.91
N HIS A 534 -8.09 -10.34 -42.48
CA HIS A 534 -8.96 -10.26 -41.31
C HIS A 534 -8.13 -9.98 -40.06
N PHE A 535 -8.48 -8.91 -39.36
CA PHE A 535 -7.70 -8.46 -38.21
C PHE A 535 -8.24 -9.07 -36.92
N LEU A 536 -7.34 -9.60 -36.10
CA LEU A 536 -7.67 -10.13 -34.79
C LEU A 536 -6.64 -9.64 -33.78
N LEU A 537 -7.11 -9.30 -32.58
CA LEU A 537 -6.20 -8.82 -31.54
C LEU A 537 -5.33 -9.94 -30.99
N ASP A 538 -5.83 -11.17 -30.96
CA ASP A 538 -5.07 -12.31 -30.47
C ASP A 538 -4.38 -12.98 -31.64
N PRO A 539 -3.03 -12.98 -31.70
CA PRO A 539 -2.35 -13.62 -32.83
C PRO A 539 -2.55 -15.13 -32.89
N GLN A 540 -2.93 -15.78 -31.78
CA GLN A 540 -3.12 -17.22 -31.73
C GLN A 540 -4.60 -17.57 -31.56
N SER A 541 -5.48 -16.80 -32.21
CA SER A 541 -6.91 -17.00 -32.13
C SER A 541 -7.39 -17.81 -33.33
N VAL A 542 -8.37 -18.68 -33.10
CA VAL A 542 -8.94 -19.53 -34.14
C VAL A 542 -10.38 -19.08 -34.36
N VAL A 543 -10.71 -18.74 -35.60
CA VAL A 543 -12.06 -18.32 -35.97
C VAL A 543 -12.80 -19.53 -36.49
N THR A 544 -13.91 -19.86 -35.83
CA THR A 544 -14.72 -21.01 -36.20
C THR A 544 -16.04 -20.63 -36.88
N ARG A 545 -16.33 -19.34 -37.00
CA ARG A 545 -17.55 -18.89 -37.66
C ARG A 545 -17.30 -18.80 -39.15
N PRO A 546 -17.95 -19.60 -39.98
CA PRO A 546 -17.69 -19.54 -41.43
C PRO A 546 -18.23 -18.27 -42.06
N SER A 547 -17.61 -17.88 -43.17
CA SER A 547 -18.02 -16.71 -43.94
C SER A 547 -18.17 -17.09 -45.40
N GLN A 548 -19.21 -16.58 -46.05
CA GLN A 548 -19.42 -16.86 -47.47
C GLN A 548 -18.45 -16.11 -48.36
N PHE A 549 -17.87 -15.02 -47.88
CA PHE A 549 -16.90 -14.24 -48.64
C PHE A 549 -15.46 -14.56 -48.26
N ASN A 550 -15.25 -15.53 -47.37
CA ASN A 550 -13.92 -15.91 -46.88
C ASN A 550 -13.18 -14.72 -46.27
N TYR A 551 -13.93 -13.83 -45.61
CA TYR A 551 -13.39 -12.66 -44.94
C TYR A 551 -12.57 -11.79 -45.89
N LEU A 552 -13.19 -11.42 -47.00
CA LEU A 552 -12.64 -10.45 -47.94
C LEU A 552 -13.67 -9.37 -48.16
N TRP A 553 -13.24 -8.12 -48.08
CA TRP A 553 -14.11 -6.96 -48.20
C TRP A 553 -13.82 -6.21 -49.50
N ILE A 554 -14.79 -5.41 -49.93
CA ILE A 554 -14.60 -4.43 -51.00
C ILE A 554 -14.45 -3.08 -50.32
N VAL A 555 -13.27 -2.50 -50.41
CA VAL A 555 -12.83 -1.45 -49.49
C VAL A 555 -12.72 -0.12 -50.25
N PRO A 556 -13.32 0.97 -49.76
CA PRO A 556 -13.05 2.28 -50.33
C PRO A 556 -11.85 2.95 -49.66
N ILE A 557 -10.88 3.43 -50.44
CA ILE A 557 -9.62 3.90 -49.91
C ILE A 557 -9.33 5.29 -50.49
N SER A 558 -9.27 6.29 -49.62
CA SER A 558 -8.70 7.57 -49.98
C SER A 558 -7.24 7.61 -49.56
N SER A 559 -6.55 8.69 -49.90
CA SER A 559 -5.13 8.83 -49.55
C SER A 559 -4.67 10.24 -49.89
N VAL A 560 -3.52 10.61 -49.34
CA VAL A 560 -2.79 11.81 -49.69
C VAL A 560 -1.34 11.44 -49.94
N ARG A 561 -0.67 12.27 -50.74
CA ARG A 561 0.75 12.12 -51.00
C ARG A 561 1.46 13.39 -50.53
N SER A 562 2.13 13.30 -49.38
CA SER A 562 2.80 14.45 -48.77
C SER A 562 1.83 15.62 -48.57
N GLY A 563 0.61 15.30 -48.15
CA GLY A 563 -0.40 16.30 -47.89
C GLY A 563 -1.24 16.70 -49.09
N SER A 564 -0.99 16.12 -50.25
CA SER A 564 -1.76 16.44 -51.45
C SER A 564 -2.73 15.32 -51.77
N PRO A 565 -4.01 15.64 -51.97
CA PRO A 565 -5.00 14.58 -52.20
C PRO A 565 -4.72 13.79 -53.47
N GLN A 566 -5.05 12.50 -53.42
CA GLN A 566 -4.92 11.58 -54.54
C GLN A 566 -6.30 11.22 -55.08
N ALA A 567 -6.32 10.32 -56.05
CA ALA A 567 -7.57 9.82 -56.61
C ALA A 567 -8.11 8.69 -55.74
N HIS A 568 -9.43 8.62 -55.63
CA HIS A 568 -10.07 7.59 -54.82
C HIS A 568 -9.84 6.21 -55.44
N TYR A 569 -9.68 5.21 -54.57
CA TYR A 569 -9.36 3.86 -55.00
C TYR A 569 -10.32 2.87 -54.36
N TRP A 570 -10.52 1.73 -55.04
CA TRP A 570 -11.35 0.66 -54.53
C TRP A 570 -10.57 -0.64 -54.52
N LEU A 571 -10.43 -1.23 -53.34
CA LEU A 571 -9.92 -2.59 -53.24
C LEU A 571 -11.04 -3.55 -53.59
N PRO A 572 -10.89 -4.36 -54.65
CA PRO A 572 -12.03 -5.01 -55.30
C PRO A 572 -12.49 -6.31 -54.66
N GLY A 573 -12.07 -6.63 -53.44
CA GLY A 573 -12.45 -7.89 -52.84
C GLY A 573 -11.47 -9.02 -53.08
N VAL A 574 -10.24 -8.70 -53.48
CA VAL A 574 -9.20 -9.69 -53.67
C VAL A 574 -8.19 -9.55 -52.55
N GLU A 575 -7.39 -10.60 -52.35
CA GLU A 575 -6.44 -10.61 -51.25
C GLU A 575 -5.30 -9.63 -51.50
N LYS A 576 -4.85 -9.48 -52.74
CA LYS A 576 -3.69 -8.66 -53.06
C LYS A 576 -3.95 -7.92 -54.37
N ALA A 577 -3.32 -6.75 -54.49
CA ALA A 577 -3.42 -5.95 -55.70
C ALA A 577 -2.20 -5.03 -55.77
N GLN A 578 -2.07 -4.33 -56.90
CA GLN A 578 -0.96 -3.41 -57.11
C GLN A 578 -1.48 -2.16 -57.80
N ASN A 579 -0.97 -1.01 -57.40
CA ASN A 579 -1.34 0.26 -58.00
C ASN A 579 -0.24 1.28 -57.73
N ASP A 580 -0.14 2.28 -58.60
CA ASP A 580 0.87 3.31 -58.47
C ASP A 580 0.47 4.44 -57.54
N LEU A 581 -0.76 4.44 -57.02
CA LEU A 581 -1.14 5.42 -56.02
C LEU A 581 -0.41 5.20 -54.70
N PHE A 582 0.13 4.00 -54.48
CA PHE A 582 0.78 3.65 -53.23
C PHE A 582 2.27 3.40 -53.39
N LYS A 583 2.86 3.85 -54.50
CA LYS A 583 4.28 3.71 -54.75
C LYS A 583 4.95 5.07 -54.55
N THR A 584 5.96 5.12 -53.70
CA THR A 584 6.60 6.37 -53.32
C THR A 584 8.10 6.28 -53.53
N THR A 585 8.72 7.45 -53.69
CA THR A 585 10.16 7.56 -53.81
C THR A 585 10.75 7.79 -52.42
N ALA A 586 12.04 8.16 -52.38
CA ALA A 586 12.73 8.36 -51.11
C ALA A 586 12.31 9.63 -50.39
N ASN A 587 11.54 10.50 -51.02
CA ASN A 587 11.15 11.78 -50.43
C ASN A 587 9.71 11.82 -49.94
N ASP A 588 8.77 11.29 -50.72
CA ASP A 588 7.36 11.42 -50.42
C ASP A 588 6.85 10.26 -49.56
N TRP A 589 5.67 10.46 -48.98
CA TRP A 589 5.01 9.46 -48.16
C TRP A 589 3.53 9.48 -48.47
N VAL A 590 2.82 8.42 -48.03
CA VAL A 590 1.38 8.32 -48.22
C VAL A 590 0.71 8.03 -46.88
N LEU A 591 -0.57 8.37 -46.81
CA LEU A 591 -1.41 8.10 -45.65
C LEU A 591 -2.82 7.87 -46.15
N LEU A 592 -3.44 6.77 -45.74
CA LEU A 592 -4.62 6.30 -46.46
C LEU A 592 -5.96 6.73 -45.88
N ASN A 593 -6.30 6.30 -44.67
CA ASN A 593 -7.69 6.44 -44.21
C ASN A 593 -7.90 7.85 -43.69
N LEU A 594 -8.27 8.75 -44.59
CA LEU A 594 -8.41 10.16 -44.24
C LEU A 594 -9.64 10.37 -43.38
N ASN A 595 -9.45 10.97 -42.22
CA ASN A 595 -10.50 11.20 -41.22
C ASN A 595 -11.15 9.91 -40.74
N VAL A 596 -10.49 8.77 -41.02
CA VAL A 596 -10.95 7.44 -40.63
C VAL A 596 -12.41 7.26 -41.01
N THR A 597 -12.73 7.50 -42.29
CA THR A 597 -14.08 7.30 -42.77
C THR A 597 -14.36 5.83 -43.10
N GLY A 598 -13.33 5.01 -43.21
CA GLY A 598 -13.49 3.59 -43.47
C GLY A 598 -13.30 2.77 -42.21
N TYR A 599 -13.96 1.62 -42.19
CA TYR A 599 -13.95 0.74 -41.01
C TYR A 599 -12.90 -0.35 -41.18
N TYR A 600 -11.64 0.08 -41.09
CA TYR A 600 -10.51 -0.84 -41.25
C TYR A 600 -9.27 -0.21 -40.64
N LEU A 601 -8.25 -1.04 -40.43
CA LEU A 601 -6.95 -0.58 -39.96
C LEU A 601 -5.97 -0.46 -41.12
N VAL A 602 -4.91 0.31 -40.91
CA VAL A 602 -3.90 0.57 -41.94
C VAL A 602 -2.52 0.26 -41.37
N ASN A 603 -1.71 -0.44 -42.17
CA ASN A 603 -0.33 -0.76 -41.83
C ASN A 603 0.57 -0.45 -43.01
N TYR A 604 1.75 0.10 -42.73
CA TYR A 604 2.71 0.48 -43.75
C TYR A 604 4.02 -0.30 -43.55
N ASP A 605 4.95 -0.07 -44.46
CA ASP A 605 6.32 -0.53 -44.26
C ASP A 605 7.06 0.44 -43.35
N ASN A 606 8.23 0.00 -42.87
CA ASN A 606 8.95 0.76 -41.85
C ASN A 606 9.43 2.11 -42.38
N GLU A 607 9.83 2.17 -43.65
CA GLU A 607 10.29 3.43 -44.22
C GLU A 607 9.18 4.47 -44.26
N ASN A 608 7.97 4.06 -44.63
CA ASN A 608 6.84 4.99 -44.65
C ASN A 608 6.50 5.46 -43.24
N TRP A 609 6.57 4.54 -42.25
CA TRP A 609 6.35 4.94 -40.87
C TRP A 609 7.38 5.98 -40.43
N LYS A 610 8.65 5.77 -40.80
CA LYS A 610 9.69 6.73 -40.42
C LYS A 610 9.46 8.08 -41.09
N LYS A 611 9.07 8.09 -42.35
CA LYS A 611 8.76 9.35 -43.01
C LYS A 611 7.60 10.07 -42.35
N ILE A 612 6.56 9.32 -41.95
CA ILE A 612 5.42 9.93 -41.27
C ILE A 612 5.85 10.51 -39.93
N GLN A 613 6.70 9.78 -39.18
CA GLN A 613 7.19 10.29 -37.91
C GLN A 613 8.03 11.55 -38.10
N THR A 614 8.85 11.59 -39.14
CA THR A 614 9.63 12.79 -39.45
C THR A 614 8.71 13.96 -39.76
N GLN A 615 7.66 13.73 -40.55
CA GLN A 615 6.71 14.80 -40.85
C GLN A 615 6.02 15.29 -39.59
N LEU A 616 5.65 14.38 -38.70
CA LEU A 616 5.03 14.77 -37.44
C LEU A 616 5.98 15.61 -36.60
N GLN A 617 7.26 15.25 -36.57
CA GLN A 617 8.24 16.06 -35.86
C GLN A 617 8.54 17.37 -36.56
N THR A 618 8.22 17.51 -37.85
CA THR A 618 8.49 18.73 -38.59
C THR A 618 7.32 19.70 -38.61
N ASP A 619 6.15 19.25 -39.05
CA ASP A 619 4.98 20.12 -39.14
C ASP A 619 3.73 19.29 -38.92
N LEU A 620 3.05 19.50 -37.78
CA LEU A 620 1.85 18.75 -37.47
C LEU A 620 0.70 19.12 -38.39
N SER A 621 0.60 20.39 -38.79
CA SER A 621 -0.59 20.90 -39.47
C SER A 621 -0.82 20.21 -40.82
N VAL A 622 0.21 19.62 -41.41
CA VAL A 622 0.03 18.95 -42.70
C VAL A 622 -0.90 17.75 -42.56
N ILE A 623 -0.73 16.97 -41.50
CA ILE A 623 -1.55 15.79 -41.25
C ILE A 623 -2.77 16.17 -40.42
N PRO A 624 -3.98 15.78 -40.84
CA PRO A 624 -5.17 16.11 -40.05
C PRO A 624 -5.14 15.47 -38.67
N VAL A 625 -5.80 16.14 -37.72
CA VAL A 625 -5.71 15.74 -36.31
C VAL A 625 -6.33 14.36 -36.09
N ILE A 626 -7.40 14.05 -36.82
CA ILE A 626 -8.01 12.73 -36.71
C ILE A 626 -7.01 11.65 -37.12
N ASN A 627 -6.27 11.89 -38.20
CA ASN A 627 -5.25 10.94 -38.61
C ASN A 627 -4.05 10.94 -37.68
N ARG A 628 -3.80 12.07 -37.00
CA ARG A 628 -2.76 12.09 -35.98
C ARG A 628 -3.11 11.18 -34.80
N ALA A 629 -4.39 11.09 -34.46
CA ALA A 629 -4.81 10.09 -33.48
C ALA A 629 -4.83 8.69 -34.08
N GLN A 630 -5.16 8.60 -35.37
CA GLN A 630 -5.26 7.31 -36.04
C GLN A 630 -3.93 6.58 -36.07
N VAL A 631 -2.83 7.31 -36.31
CA VAL A 631 -1.53 6.64 -36.39
C VAL A 631 -1.18 5.99 -35.07
N ILE A 632 -1.42 6.70 -33.96
CA ILE A 632 -1.15 6.15 -32.63
C ILE A 632 -2.02 4.94 -32.36
N HIS A 633 -3.33 5.07 -32.62
CA HIS A 633 -4.26 3.98 -32.34
C HIS A 633 -3.90 2.73 -33.14
N ASP A 634 -3.68 2.91 -34.45
CA ASP A 634 -3.35 1.77 -35.30
C ASP A 634 -2.02 1.15 -34.93
N ALA A 635 -1.01 1.95 -34.61
CA ALA A 635 0.27 1.41 -34.22
C ALA A 635 0.16 0.55 -32.96
N PHE A 636 -0.57 1.04 -31.95
CA PHE A 636 -0.71 0.25 -30.73
C PHE A 636 -1.51 -1.03 -30.98
N ASN A 637 -2.58 -0.96 -31.77
CA ASN A 637 -3.36 -2.16 -32.05
C ASN A 637 -2.56 -3.19 -32.85
N LEU A 638 -1.76 -2.72 -33.81
CA LEU A 638 -0.91 -3.63 -34.58
C LEU A 638 0.19 -4.23 -33.71
N ALA A 639 0.71 -3.46 -32.76
CA ALA A 639 1.70 -4.00 -31.82
C ALA A 639 1.07 -5.09 -30.96
N SER A 640 -0.17 -4.89 -30.52
CA SER A 640 -0.84 -5.91 -29.71
C SER A 640 -1.03 -7.21 -30.48
N ALA A 641 -1.19 -7.13 -31.81
CA ALA A 641 -1.37 -8.30 -32.65
C ALA A 641 -0.04 -8.88 -33.14
N GLN A 642 1.09 -8.33 -32.67
CA GLN A 642 2.42 -8.79 -33.05
C GLN A 642 2.65 -8.67 -34.56
N LYS A 643 2.15 -7.59 -35.15
CA LYS A 643 2.44 -7.27 -36.54
C LYS A 643 3.50 -6.20 -36.70
N VAL A 644 3.67 -5.33 -35.70
CA VAL A 644 4.77 -4.37 -35.67
C VAL A 644 5.41 -4.46 -34.29
N PRO A 645 6.68 -4.10 -34.13
CA PRO A 645 7.27 -4.05 -32.79
C PRO A 645 6.65 -2.93 -31.95
N VAL A 646 6.62 -3.17 -30.64
CA VAL A 646 6.05 -2.18 -29.72
C VAL A 646 6.85 -0.89 -29.73
N THR A 647 8.13 -0.97 -30.11
CA THR A 647 8.95 0.23 -30.19
C THR A 647 8.45 1.18 -31.26
N LEU A 648 7.84 0.66 -32.33
CA LEU A 648 7.24 1.54 -33.33
C LEU A 648 6.05 2.30 -32.76
N ALA A 649 5.20 1.60 -31.99
CA ALA A 649 4.08 2.26 -31.34
C ALA A 649 4.55 3.32 -30.36
N LEU A 650 5.64 3.04 -29.63
CA LEU A 650 6.19 4.03 -28.72
C LEU A 650 6.82 5.21 -29.47
N ASN A 651 7.45 4.93 -30.61
CA ASN A 651 8.00 6.00 -31.45
C ASN A 651 6.90 6.91 -31.98
N ASN A 652 5.73 6.35 -32.25
CA ASN A 652 4.62 7.15 -32.77
C ASN A 652 4.08 8.16 -31.77
N THR A 653 4.45 8.06 -30.49
CA THR A 653 3.98 8.99 -29.47
C THR A 653 4.98 10.12 -29.17
N LEU A 654 6.09 10.20 -29.91
CA LEU A 654 7.13 11.16 -29.61
C LEU A 654 6.77 12.59 -30.02
N PHE A 655 5.76 12.77 -30.87
CA PHE A 655 5.39 14.10 -31.33
C PHE A 655 4.44 14.82 -30.39
N LEU A 656 3.96 14.15 -29.34
CA LEU A 656 3.00 14.76 -28.43
C LEU A 656 3.59 15.89 -27.60
N ILE A 657 4.91 16.04 -27.57
CA ILE A 657 5.54 17.13 -26.83
C ILE A 657 5.24 18.49 -27.43
N GLN A 658 4.73 18.53 -28.66
CA GLN A 658 4.37 19.80 -29.30
C GLN A 658 2.92 19.79 -29.79
N GLU A 659 2.10 18.90 -29.26
CA GLU A 659 0.70 18.77 -29.68
C GLU A 659 -0.21 19.41 -28.63
N THR A 660 -1.09 20.31 -29.08
CA THR A 660 -2.03 20.98 -28.21
C THR A 660 -3.48 20.55 -28.44
N GLU A 661 -3.71 19.58 -29.32
CA GLU A 661 -5.07 19.08 -29.57
C GLU A 661 -5.41 17.96 -28.61
N TYR A 662 -6.70 17.64 -28.54
CA TYR A 662 -7.22 16.71 -27.55
C TYR A 662 -7.23 15.26 -28.03
N MET A 663 -7.58 15.02 -29.30
CA MET A 663 -7.77 13.65 -29.76
C MET A 663 -6.48 12.82 -29.76
N PRO A 664 -5.34 13.32 -30.27
CA PRO A 664 -4.11 12.50 -30.17
C PRO A 664 -3.73 12.16 -28.74
N TRP A 665 -3.85 13.12 -27.82
CA TRP A 665 -3.54 12.86 -26.42
C TRP A 665 -4.49 11.81 -25.85
N GLN A 666 -5.78 11.91 -26.17
CA GLN A 666 -6.75 10.94 -25.68
C GLN A 666 -6.44 9.54 -26.18
N ALA A 667 -6.11 9.42 -27.47
CA ALA A 667 -5.76 8.12 -28.03
C ALA A 667 -4.51 7.55 -27.37
N ALA A 668 -3.49 8.38 -27.19
CA ALA A 668 -2.26 7.91 -26.56
C ALA A 668 -2.49 7.45 -25.13
N LEU A 669 -3.28 8.21 -24.36
CA LEU A 669 -3.54 7.83 -22.98
C LEU A 669 -4.39 6.56 -22.89
N SER A 670 -5.36 6.42 -23.79
CA SER A 670 -6.15 5.19 -23.83
C SER A 670 -5.27 3.98 -24.15
N SER A 671 -4.30 4.16 -25.05
CA SER A 671 -3.39 3.06 -25.38
C SER A 671 -2.45 2.76 -24.21
N LEU A 672 -1.98 3.79 -23.52
CA LEU A 672 -1.01 3.62 -22.43
C LEU A 672 -1.63 3.23 -21.10
N SER A 673 -2.96 3.24 -21.00
CA SER A 673 -3.62 2.77 -19.79
C SER A 673 -3.24 1.31 -19.50
N TYR A 674 -3.16 0.48 -20.53
CA TYR A 674 -2.77 -0.92 -20.33
C TYR A 674 -1.34 -1.03 -19.83
N PHE A 675 -0.43 -0.21 -20.38
CA PHE A 675 0.95 -0.20 -19.89
C PHE A 675 1.00 0.21 -18.42
N LYS A 676 0.23 1.22 -18.05
CA LYS A 676 0.19 1.65 -16.65
C LYS A 676 -0.36 0.55 -15.75
N LEU A 677 -1.40 -0.16 -16.20
CA LEU A 677 -1.93 -1.27 -15.41
C LEU A 677 -0.90 -2.37 -15.24
N MET A 678 -0.14 -2.68 -16.30
CA MET A 678 0.79 -3.79 -16.25
C MET A 678 2.10 -3.45 -15.55
N PHE A 679 2.45 -2.17 -15.43
CA PHE A 679 3.79 -1.81 -14.95
C PHE A 679 3.81 -0.84 -13.78
N ASP A 680 2.68 -0.61 -13.10
CA ASP A 680 2.66 0.37 -12.03
C ASP A 680 3.20 -0.17 -10.72
N ARG A 681 3.54 -1.46 -10.64
CA ARG A 681 4.10 -2.04 -9.43
C ARG A 681 5.48 -2.63 -9.66
N SER A 682 6.16 -2.23 -10.74
CA SER A 682 7.46 -2.76 -11.07
C SER A 682 8.47 -1.65 -11.31
N GLU A 683 9.69 -2.01 -11.73
CA GLU A 683 10.73 -1.02 -11.95
C GLU A 683 10.49 -0.21 -13.23
N VAL A 684 9.63 -0.67 -14.13
CA VAL A 684 9.36 0.07 -15.36
C VAL A 684 8.60 1.35 -15.08
N TYR A 685 7.92 1.45 -13.94
CA TYR A 685 7.12 2.62 -13.63
C TYR A 685 7.96 3.86 -13.38
N GLY A 686 9.25 3.68 -13.05
CA GLY A 686 10.14 4.80 -12.83
C GLY A 686 10.37 5.63 -14.08
N PRO A 687 11.04 5.06 -15.07
CA PRO A 687 11.26 5.79 -16.33
C PRO A 687 9.97 6.21 -17.02
N MET A 688 8.96 5.33 -17.05
CA MET A 688 7.75 5.61 -17.81
C MET A 688 7.12 6.92 -17.36
N LYS A 689 6.86 7.06 -16.06
CA LYS A 689 6.34 8.32 -15.54
C LYS A 689 7.20 9.48 -15.98
N ARG A 690 8.52 9.35 -15.82
CA ARG A 690 9.43 10.41 -16.23
C ARG A 690 9.16 10.81 -17.67
N TYR A 691 9.11 9.82 -18.57
CA TYR A 691 8.84 10.12 -19.97
C TYR A 691 7.54 10.89 -20.12
N LEU A 692 6.48 10.41 -19.48
CA LEU A 692 5.19 11.08 -19.61
C LEU A 692 5.27 12.50 -19.08
N LYS A 693 5.97 12.70 -17.96
CA LYS A 693 6.16 14.04 -17.45
C LYS A 693 6.84 14.92 -18.49
N LYS A 694 7.91 14.40 -19.11
CA LYS A 694 8.61 15.17 -20.13
C LYS A 694 7.68 15.51 -21.28
N GLN A 695 6.72 14.63 -21.58
CA GLN A 695 5.82 14.89 -22.69
C GLN A 695 4.72 15.87 -22.32
N VAL A 696 4.34 15.93 -21.03
CA VAL A 696 3.17 16.70 -20.66
C VAL A 696 3.51 18.09 -20.12
N THR A 697 4.78 18.34 -19.79
CA THR A 697 5.15 19.64 -19.23
C THR A 697 4.86 20.81 -20.17
N PRO A 698 5.18 20.76 -21.47
CA PRO A 698 4.86 21.92 -22.32
C PRO A 698 3.36 22.19 -22.43
N LEU A 699 2.57 21.16 -22.69
CA LEU A 699 1.12 21.35 -22.86
C LEU A 699 0.52 22.08 -21.68
N PHE A 700 0.77 21.59 -20.46
CA PHE A 700 0.32 22.29 -19.26
C PHE A 700 0.77 23.75 -19.29
N ASN A 701 2.06 23.98 -19.51
CA ASN A 701 2.56 25.34 -19.58
C ASN A 701 1.77 26.16 -20.60
N HIS A 702 1.50 25.57 -21.76
CA HIS A 702 0.73 26.27 -22.78
C HIS A 702 -0.58 26.79 -22.20
N PHE A 703 -1.35 25.91 -21.56
CA PHE A 703 -2.63 26.36 -21.02
C PHE A 703 -2.43 27.34 -19.88
N GLU A 704 -1.36 27.17 -19.10
CA GLU A 704 -1.08 28.15 -18.04
C GLU A 704 -0.90 29.54 -18.62
N ARG A 705 -0.34 29.61 -19.84
CA ARG A 705 -0.21 30.90 -20.51
C ARG A 705 -1.54 31.32 -21.13
N VAL A 706 -2.33 30.36 -21.63
CA VAL A 706 -3.55 30.70 -22.35
C VAL A 706 -4.63 31.16 -21.38
N THR A 707 -4.77 30.48 -20.24
CA THR A 707 -5.84 30.76 -19.29
C THR A 707 -5.54 31.92 -18.35
N LYS A 708 -4.36 32.55 -18.49
CA LYS A 708 -3.94 33.65 -17.62
C LYS A 708 -3.89 33.20 -16.15
N ASN A 709 -3.05 32.21 -15.90
CA ASN A 709 -2.89 31.62 -14.57
C ASN A 709 -4.23 31.07 -14.06
N TRP A 710 -4.98 30.43 -14.95
CA TRP A 710 -6.21 29.71 -14.61
C TRP A 710 -7.28 30.64 -14.06
N THR A 711 -7.56 31.71 -14.81
CA THR A 711 -8.65 32.63 -14.51
C THR A 711 -9.73 32.63 -15.58
N ASP A 712 -9.35 32.72 -16.84
CA ASP A 712 -10.27 32.67 -17.97
C ASP A 712 -10.16 31.32 -18.65
N HIS A 713 -11.29 30.67 -18.88
CA HIS A 713 -11.26 29.33 -19.42
C HIS A 713 -11.79 29.31 -20.86
N PRO A 714 -11.35 28.34 -21.67
CA PRO A 714 -11.76 28.33 -23.08
C PRO A 714 -13.25 28.15 -23.26
N GLN A 715 -13.78 28.70 -24.35
CA GLN A 715 -15.20 28.64 -24.65
C GLN A 715 -15.57 27.51 -25.61
N THR A 716 -14.60 26.91 -26.29
CA THR A 716 -14.86 25.83 -27.24
C THR A 716 -14.68 24.48 -26.56
N LEU A 717 -15.48 23.50 -27.00
CA LEU A 717 -15.50 22.19 -26.36
C LEU A 717 -14.15 21.49 -26.46
N MET A 718 -13.52 21.54 -27.64
CA MET A 718 -12.25 20.85 -27.84
C MET A 718 -11.15 21.42 -26.95
N ASP A 719 -11.08 22.75 -26.85
CA ASP A 719 -10.07 23.37 -26.01
C ASP A 719 -10.32 23.06 -24.53
N GLN A 720 -11.58 23.00 -24.12
CA GLN A 720 -11.89 22.64 -22.74
C GLN A 720 -11.47 21.19 -22.44
N TYR A 721 -11.75 20.28 -23.37
CA TYR A 721 -11.29 18.90 -23.20
C TYR A 721 -9.77 18.83 -23.13
N SER A 722 -9.09 19.59 -23.98
CA SER A 722 -7.63 19.60 -23.96
C SER A 722 -7.09 20.12 -22.64
N GLU A 723 -7.71 21.18 -22.10
CA GLU A 723 -7.29 21.72 -20.82
C GLU A 723 -7.51 20.72 -19.68
N ILE A 724 -8.66 20.05 -19.69
CA ILE A 724 -8.93 19.04 -18.66
C ILE A 724 -7.89 17.93 -18.74
N ASN A 725 -7.59 17.46 -19.96
CA ASN A 725 -6.58 16.43 -20.14
C ASN A 725 -5.22 16.89 -19.64
N ALA A 726 -4.84 18.13 -19.97
CA ALA A 726 -3.54 18.64 -19.56
C ALA A 726 -3.42 18.69 -18.04
N VAL A 727 -4.42 19.25 -17.37
CA VAL A 727 -4.37 19.36 -15.92
C VAL A 727 -4.35 17.99 -15.27
N SER A 728 -5.22 17.08 -15.73
CA SER A 728 -5.30 15.75 -15.15
C SER A 728 -3.98 14.99 -15.30
N THR A 729 -3.39 15.03 -16.50
CA THR A 729 -2.15 14.31 -16.74
C THR A 729 -0.99 14.94 -15.98
N ALA A 730 -0.94 16.27 -15.92
CA ALA A 730 0.14 16.93 -15.19
C ALA A 730 0.08 16.61 -13.70
N CYS A 731 -1.12 16.62 -13.11
CA CYS A 731 -1.23 16.30 -11.70
C CYS A 731 -0.99 14.81 -11.44
N SER A 732 -1.34 13.94 -12.40
CA SER A 732 -1.17 12.51 -12.19
C SER A 732 0.29 12.09 -12.21
N TYR A 733 1.15 12.82 -12.91
CA TYR A 733 2.55 12.45 -13.08
C TYR A 733 3.49 13.45 -12.42
N GLY A 734 3.06 14.08 -11.34
CA GLY A 734 3.94 14.84 -10.48
C GLY A 734 4.57 16.09 -11.06
N VAL A 735 3.79 16.92 -11.75
CA VAL A 735 4.26 18.25 -12.14
C VAL A 735 4.00 19.19 -10.97
N PRO A 736 5.03 19.86 -10.45
CA PRO A 736 4.84 20.67 -9.22
C PRO A 736 3.82 21.80 -9.37
N GLU A 737 3.73 22.42 -10.54
CA GLU A 737 2.79 23.51 -10.73
C GLU A 737 1.35 23.04 -10.58
N CYS A 738 1.03 21.86 -11.12
CA CYS A 738 -0.32 21.33 -11.00
C CYS A 738 -0.67 21.04 -9.55
N GLU A 739 0.28 20.48 -8.79
CA GLU A 739 0.04 20.21 -7.38
C GLU A 739 -0.16 21.49 -6.59
N LYS A 740 0.63 22.53 -6.89
CA LYS A 740 0.43 23.82 -6.23
C LYS A 740 -0.93 24.40 -6.56
N LEU A 741 -1.34 24.30 -7.83
CA LEU A 741 -2.65 24.80 -8.23
C LEU A 741 -3.77 24.07 -7.50
N ALA A 742 -3.67 22.74 -7.41
CA ALA A 742 -4.70 21.96 -6.73
C ALA A 742 -4.77 22.31 -5.25
N ALA A 743 -3.60 22.45 -4.60
CA ALA A 743 -3.58 22.79 -3.18
C ALA A 743 -4.19 24.18 -2.94
N THR A 744 -3.82 25.15 -3.76
CA THR A 744 -4.34 26.50 -3.58
C THR A 744 -5.85 26.55 -3.81
N LEU A 745 -6.34 25.87 -4.85
CA LEU A 745 -7.78 25.85 -5.10
C LEU A 745 -8.53 25.15 -3.99
N PHE A 746 -7.99 24.05 -3.47
CA PHE A 746 -8.64 23.36 -2.37
C PHE A 746 -8.68 24.22 -1.12
N ALA A 747 -7.60 24.96 -0.84
CA ALA A 747 -7.60 25.87 0.29
C ALA A 747 -8.66 26.96 0.12
N GLN A 748 -8.76 27.52 -1.09
CA GLN A 748 -9.78 28.54 -1.34
C GLN A 748 -11.19 27.98 -1.15
N TRP A 749 -11.43 26.75 -1.62
CA TRP A 749 -12.74 26.13 -1.44
C TRP A 749 -13.03 25.89 0.04
N LYS A 750 -12.04 25.39 0.79
CA LYS A 750 -12.25 25.09 2.20
C LYS A 750 -12.44 26.35 3.04
N LYS A 751 -11.88 27.48 2.58
CA LYS A 751 -12.08 28.73 3.32
C LYS A 751 -13.55 29.14 3.30
N ASN A 752 -14.21 29.04 2.15
CA ASN A 752 -15.61 29.43 1.99
C ASN A 752 -16.37 28.30 1.30
N PRO A 753 -16.79 27.29 2.06
CA PRO A 753 -17.49 26.15 1.44
C PRO A 753 -18.82 26.51 0.82
N GLN A 754 -19.43 27.65 1.20
CA GLN A 754 -20.74 28.01 0.69
C GLN A 754 -20.70 28.23 -0.83
N ASN A 755 -19.70 28.95 -1.32
CA ASN A 755 -19.53 29.19 -2.75
C ASN A 755 -18.25 28.48 -3.20
N ASN A 756 -18.39 27.63 -4.22
CA ASN A 756 -17.25 26.86 -4.71
C ASN A 756 -16.50 27.71 -5.73
N PRO A 757 -15.25 28.10 -5.45
CA PRO A 757 -14.49 28.91 -6.42
C PRO A 757 -13.87 28.10 -7.54
N ILE A 758 -13.93 26.78 -7.48
CA ILE A 758 -13.29 25.92 -8.47
C ILE A 758 -14.24 25.75 -9.65
N HIS A 759 -13.72 25.94 -10.86
CA HIS A 759 -14.51 25.74 -12.05
C HIS A 759 -14.93 24.28 -12.16
N PRO A 760 -16.17 24.00 -12.58
CA PRO A 760 -16.64 22.61 -12.59
C PRO A 760 -15.83 21.67 -13.47
N ASN A 761 -15.10 22.19 -14.46
CA ASN A 761 -14.29 21.31 -15.30
C ASN A 761 -13.09 20.73 -14.55
N LEU A 762 -12.59 21.44 -13.56
CA LEU A 762 -11.37 21.05 -12.86
C LEU A 762 -11.62 20.46 -11.48
N ARG A 763 -12.88 20.31 -11.07
CA ARG A 763 -13.16 19.96 -9.68
C ARG A 763 -12.65 18.56 -9.33
N SER A 764 -12.86 17.58 -10.21
CA SER A 764 -12.47 16.21 -9.90
C SER A 764 -10.96 16.10 -9.71
N THR A 765 -10.19 16.68 -10.64
CA THR A 765 -8.73 16.62 -10.55
C THR A 765 -8.23 17.33 -9.31
N VAL A 766 -8.77 18.52 -9.02
CA VAL A 766 -8.34 19.27 -7.85
C VAL A 766 -8.64 18.51 -6.57
N TYR A 767 -9.84 17.94 -6.46
CA TYR A 767 -10.21 17.18 -5.27
C TYR A 767 -9.30 15.98 -5.08
N CYS A 768 -9.13 15.17 -6.14
CA CYS A 768 -8.31 13.97 -6.02
C CYS A 768 -6.86 14.30 -5.69
N ASN A 769 -6.30 15.33 -6.34
CA ASN A 769 -4.90 15.69 -6.08
C ASN A 769 -4.72 16.25 -4.68
N ALA A 770 -5.67 17.05 -4.21
CA ALA A 770 -5.57 17.58 -2.85
C ALA A 770 -5.68 16.48 -1.81
N ILE A 771 -6.56 15.49 -2.04
CA ILE A 771 -6.65 14.37 -1.12
C ILE A 771 -5.37 13.53 -1.15
N ALA A 772 -4.80 13.33 -2.35
CA ALA A 772 -3.57 12.55 -2.46
C ALA A 772 -2.41 13.24 -1.76
N GLN A 773 -2.29 14.56 -1.91
CA GLN A 773 -1.20 15.30 -1.25
C GLN A 773 -1.41 15.39 0.26
N GLY A 774 -2.64 15.61 0.69
CA GLY A 774 -2.92 15.88 2.09
C GLY A 774 -3.08 14.62 2.91
N GLY A 775 -3.78 14.76 4.03
CA GLY A 775 -4.00 13.67 4.94
C GLY A 775 -5.43 13.50 5.38
N GLU A 776 -5.66 13.38 6.69
CA GLU A 776 -6.99 13.09 7.20
C GLU A 776 -7.91 14.30 7.15
N GLU A 777 -7.36 15.52 7.26
CA GLU A 777 -8.20 16.71 7.29
C GLU A 777 -8.92 16.92 5.95
N GLU A 778 -8.18 16.82 4.85
CA GLU A 778 -8.80 16.98 3.54
C GLU A 778 -9.84 15.90 3.28
N TRP A 779 -9.51 14.65 3.63
CA TRP A 779 -10.44 13.56 3.44
C TRP A 779 -11.71 13.76 4.25
N ASN A 780 -11.57 14.19 5.50
CA ASN A 780 -12.75 14.44 6.33
C ASN A 780 -13.60 15.58 5.78
N PHE A 781 -12.96 16.64 5.29
CA PHE A 781 -13.72 17.74 4.71
C PHE A 781 -14.50 17.28 3.48
N VAL A 782 -13.86 16.50 2.61
CA VAL A 782 -14.54 16.03 1.41
C VAL A 782 -15.66 15.06 1.77
N TRP A 783 -15.44 14.21 2.78
CA TRP A 783 -16.47 13.29 3.22
C TRP A 783 -17.67 14.02 3.79
N GLU A 784 -17.44 15.06 4.59
CA GLU A 784 -18.53 15.85 5.14
C GLU A 784 -19.29 16.56 4.03
N GLN A 785 -18.59 17.08 3.02
CA GLN A 785 -19.27 17.69 1.89
C GLN A 785 -20.09 16.67 1.12
N PHE A 786 -19.57 15.45 0.96
CA PHE A 786 -20.29 14.40 0.26
C PHE A 786 -21.57 14.01 1.00
N LEU A 787 -21.51 13.95 2.34
CA LEU A 787 -22.68 13.54 3.12
C LEU A 787 -23.84 14.50 2.94
N LYS A 788 -23.56 15.79 2.76
CA LYS A 788 -24.60 16.81 2.64
C LYS A 788 -24.89 17.19 1.20
N ALA A 789 -24.34 16.47 0.23
CA ALA A 789 -24.54 16.81 -1.17
C ALA A 789 -25.97 16.51 -1.59
N GLU A 790 -26.59 17.47 -2.29
CA GLU A 790 -27.95 17.32 -2.78
C GLU A 790 -28.02 16.91 -4.24
N LEU A 791 -27.10 17.41 -5.06
CA LEU A 791 -27.07 17.06 -6.48
C LEU A 791 -26.42 15.69 -6.68
N VAL A 792 -26.39 15.24 -7.93
CA VAL A 792 -25.87 13.91 -8.25
C VAL A 792 -24.45 14.00 -8.82
N ASN A 793 -24.20 14.94 -9.73
CA ASN A 793 -22.88 15.06 -10.33
C ASN A 793 -21.83 15.43 -9.29
N GLU A 794 -22.14 16.41 -8.42
CA GLU A 794 -21.20 16.82 -7.40
C GLU A 794 -20.93 15.69 -6.41
N ALA A 795 -21.98 14.97 -6.02
CA ALA A 795 -21.81 13.83 -5.11
C ALA A 795 -20.94 12.75 -5.74
N ASP A 796 -21.15 12.47 -7.02
CA ASP A 796 -20.33 11.48 -7.72
C ASP A 796 -18.87 11.93 -7.78
N LYS A 797 -18.64 13.21 -8.06
CA LYS A 797 -17.26 13.71 -8.10
C LYS A 797 -16.59 13.58 -6.74
N LEU A 798 -17.30 13.94 -5.67
CA LEU A 798 -16.73 13.83 -4.33
C LEU A 798 -16.45 12.37 -3.96
N ARG A 799 -17.38 11.47 -4.30
CA ARG A 799 -17.18 10.05 -4.00
C ARG A 799 -16.00 9.48 -4.76
N GLY A 800 -15.83 9.90 -6.02
CA GLY A 800 -14.67 9.45 -6.77
C GLY A 800 -13.37 10.00 -6.22
N ALA A 801 -13.40 11.25 -5.74
CA ALA A 801 -12.20 11.86 -5.16
C ALA A 801 -11.82 11.21 -3.83
N LEU A 802 -12.80 10.69 -3.11
CA LEU A 802 -12.51 10.09 -1.81
C LEU A 802 -11.63 8.83 -1.92
N ALA A 803 -11.46 8.28 -3.12
CA ALA A 803 -10.71 7.05 -3.30
C ALA A 803 -9.25 7.29 -3.70
N CYS A 804 -8.78 8.54 -3.66
CA CYS A 804 -7.42 8.88 -4.05
C CYS A 804 -6.44 8.93 -2.87
N SER A 805 -6.86 8.45 -1.70
CA SER A 805 -6.01 8.51 -0.51
C SER A 805 -4.87 7.49 -0.60
N ASN A 806 -3.73 7.88 -0.05
CA ASN A 806 -2.55 7.02 0.01
C ASN A 806 -2.37 6.32 1.35
N GLN A 807 -3.32 6.48 2.27
CA GLN A 807 -3.23 5.86 3.59
C GLN A 807 -4.05 4.58 3.61
N VAL A 808 -3.44 3.51 4.14
CA VAL A 808 -4.10 2.21 4.18
C VAL A 808 -5.31 2.23 5.10
N TRP A 809 -5.16 2.85 6.27
CA TRP A 809 -6.25 2.85 7.25
C TRP A 809 -7.45 3.66 6.77
N ILE A 810 -7.20 4.75 6.05
CA ILE A 810 -8.29 5.55 5.49
C ILE A 810 -9.06 4.74 4.46
N LEU A 811 -8.34 4.02 3.59
CA LEU A 811 -9.00 3.19 2.59
C LEU A 811 -9.79 2.06 3.23
N ASN A 812 -9.25 1.45 4.29
CA ASN A 812 -10.00 0.41 4.99
C ASN A 812 -11.25 0.97 5.66
N ARG A 813 -11.15 2.18 6.22
CA ARG A 813 -12.33 2.81 6.80
C ARG A 813 -13.37 3.12 5.74
N PHE A 814 -12.93 3.53 4.55
CA PHE A 814 -13.87 3.75 3.44
C PHE A 814 -14.55 2.44 3.03
N LEU A 815 -13.77 1.35 2.97
CA LEU A 815 -14.36 0.05 2.66
C LEU A 815 -15.39 -0.36 3.71
N SER A 816 -15.10 -0.07 4.99
CA SER A 816 -16.08 -0.31 6.03
C SER A 816 -17.33 0.55 5.85
N TYR A 817 -17.15 1.80 5.44
CA TYR A 817 -18.29 2.68 5.18
C TYR A 817 -19.17 2.14 4.07
N THR A 818 -18.58 1.49 3.07
CA THR A 818 -19.36 1.00 1.93
C THR A 818 -20.39 -0.05 2.33
N LEU A 819 -20.28 -0.64 3.52
CA LEU A 819 -21.24 -1.66 3.96
C LEU A 819 -22.51 -1.08 4.54
N ASP A 820 -22.57 0.24 4.76
CA ASP A 820 -23.73 0.87 5.38
C ASP A 820 -24.57 1.55 4.31
N PRO A 821 -25.82 1.13 4.09
CA PRO A 821 -26.66 1.81 3.08
C PRO A 821 -26.98 3.25 3.42
N ASN A 822 -26.92 3.65 4.70
CA ASN A 822 -27.21 5.02 5.06
C ASN A 822 -26.12 5.98 4.60
N LEU A 823 -24.89 5.50 4.45
CA LEU A 823 -23.76 6.32 4.01
C LEU A 823 -23.54 6.23 2.51
N ILE A 824 -23.41 5.02 1.98
CA ILE A 824 -23.22 4.79 0.55
C ILE A 824 -24.44 4.04 0.03
N ARG A 825 -25.07 4.57 -1.01
CA ARG A 825 -26.21 3.90 -1.61
C ARG A 825 -25.79 2.59 -2.26
N LYS A 826 -26.74 1.66 -2.35
CA LYS A 826 -26.45 0.36 -2.94
C LYS A 826 -26.00 0.50 -4.39
N GLN A 827 -26.72 1.30 -5.19
CA GLN A 827 -26.45 1.43 -6.60
C GLN A 827 -25.07 2.01 -6.90
N ASP A 828 -24.42 2.61 -5.91
CA ASP A 828 -23.07 3.14 -6.06
C ASP A 828 -21.99 2.22 -5.55
N VAL A 829 -22.34 1.21 -4.73
CA VAL A 829 -21.34 0.48 -3.97
C VAL A 829 -20.27 -0.10 -4.88
N THR A 830 -20.69 -0.86 -5.89
CA THR A 830 -19.73 -1.49 -6.79
C THR A 830 -18.83 -0.43 -7.43
N SER A 831 -19.42 0.67 -7.90
CA SER A 831 -18.62 1.74 -8.49
C SER A 831 -17.54 2.20 -7.52
N THR A 832 -17.93 2.44 -6.26
CA THR A 832 -16.95 2.85 -5.26
C THR A 832 -15.83 1.84 -5.18
N LEU A 833 -16.17 0.54 -5.10
CA LEU A 833 -15.13 -0.48 -5.02
C LEU A 833 -14.20 -0.38 -6.21
N SER A 834 -14.75 -0.22 -7.42
CA SER A 834 -13.90 -0.10 -8.60
C SER A 834 -12.95 1.07 -8.47
N SER A 835 -13.45 2.20 -7.98
CA SER A 835 -12.57 3.35 -7.81
C SER A 835 -11.45 3.03 -6.83
N ILE A 836 -11.77 2.37 -5.72
CA ILE A 836 -10.73 2.03 -4.75
C ILE A 836 -9.78 1.02 -5.35
N SER A 837 -10.26 0.20 -6.30
CA SER A 837 -9.38 -0.73 -6.98
C SER A 837 -8.42 -0.02 -7.92
N SER A 838 -8.78 1.17 -8.41
CA SER A 838 -7.90 1.89 -9.32
C SER A 838 -6.65 2.42 -8.62
N ASN A 839 -6.73 2.65 -7.32
CA ASN A 839 -5.55 3.06 -6.55
C ASN A 839 -4.60 1.88 -6.41
N VAL A 840 -3.30 2.15 -6.63
CA VAL A 840 -2.31 1.09 -6.56
C VAL A 840 -2.17 0.57 -5.12
N VAL A 841 -2.41 1.43 -4.13
CA VAL A 841 -2.40 0.99 -2.74
C VAL A 841 -3.61 0.12 -2.45
N GLY A 842 -4.77 0.48 -3.00
CA GLY A 842 -6.02 -0.18 -2.69
C GLY A 842 -6.31 -1.45 -3.47
N GLN A 843 -5.41 -1.88 -4.36
CA GLN A 843 -5.64 -3.10 -5.13
C GLN A 843 -5.79 -4.31 -4.21
N THR A 844 -4.81 -4.52 -3.34
CA THR A 844 -4.86 -5.67 -2.43
C THR A 844 -5.99 -5.55 -1.43
N LEU A 845 -6.23 -4.33 -0.92
CA LEU A 845 -7.31 -4.13 0.03
C LEU A 845 -8.66 -4.48 -0.58
N VAL A 846 -8.91 -4.03 -1.81
CA VAL A 846 -10.17 -4.33 -2.47
C VAL A 846 -10.30 -5.81 -2.77
N TRP A 847 -9.20 -6.44 -3.23
CA TRP A 847 -9.26 -7.87 -3.51
C TRP A 847 -9.58 -8.68 -2.26
N ASP A 848 -8.94 -8.33 -1.14
CA ASP A 848 -9.23 -9.02 0.12
C ASP A 848 -10.65 -8.75 0.59
N PHE A 849 -11.14 -7.52 0.43
CA PHE A 849 -12.51 -7.20 0.82
C PHE A 849 -13.51 -8.00 0.00
N VAL A 850 -13.28 -8.13 -1.30
CA VAL A 850 -14.18 -8.89 -2.16
C VAL A 850 -14.13 -10.37 -1.81
N GLN A 851 -12.94 -10.91 -1.55
CA GLN A 851 -12.83 -12.32 -1.17
C GLN A 851 -13.53 -12.58 0.15
N SER A 852 -13.47 -11.64 1.08
CA SER A 852 -14.09 -11.85 2.39
C SER A 852 -15.61 -11.73 2.35
N ASN A 853 -16.15 -10.89 1.46
CA ASN A 853 -17.59 -10.63 1.38
C ASN A 853 -18.17 -11.15 0.07
N TRP A 854 -17.73 -12.33 -0.37
CA TRP A 854 -18.15 -12.87 -1.65
C TRP A 854 -19.65 -13.14 -1.69
N LYS A 855 -20.16 -13.80 -0.64
CA LYS A 855 -21.55 -14.23 -0.63
C LYS A 855 -22.51 -13.04 -0.62
N LYS A 856 -22.24 -12.06 0.25
CA LYS A 856 -23.13 -10.90 0.33
C LYS A 856 -23.12 -10.10 -0.97
N LEU A 857 -21.94 -9.91 -1.57
CA LEU A 857 -21.85 -9.18 -2.83
C LEU A 857 -22.59 -9.92 -3.94
N PHE A 858 -22.43 -11.24 -4.01
CA PHE A 858 -23.14 -12.00 -5.04
C PHE A 858 -24.65 -11.94 -4.84
N GLN A 859 -25.11 -12.02 -3.58
CA GLN A 859 -26.54 -11.93 -3.32
C GLN A 859 -27.09 -10.56 -3.69
N ASP A 860 -26.35 -9.50 -3.39
CA ASP A 860 -26.86 -8.15 -3.60
C ASP A 860 -26.71 -7.65 -5.03
N TYR A 861 -25.77 -8.19 -5.81
CA TYR A 861 -25.53 -7.66 -7.14
C TYR A 861 -25.39 -8.72 -8.23
N GLY A 862 -25.59 -9.99 -7.93
CA GLY A 862 -25.44 -11.02 -8.94
C GLY A 862 -26.73 -11.75 -9.28
N THR A 863 -27.84 -11.32 -8.68
CA THR A 863 -29.11 -12.01 -8.90
C THR A 863 -29.59 -11.86 -10.33
N GLY A 864 -29.63 -10.63 -10.84
CA GLY A 864 -30.10 -10.39 -12.19
C GLY A 864 -29.38 -9.26 -12.91
N SER A 865 -28.28 -8.80 -12.35
CA SER A 865 -27.55 -7.66 -12.88
C SER A 865 -26.16 -8.07 -13.34
N PHE A 866 -25.64 -7.34 -14.32
CA PHE A 866 -24.29 -7.55 -14.83
C PHE A 866 -23.25 -6.72 -14.10
N SER A 867 -23.64 -6.00 -13.05
CA SER A 867 -22.69 -5.19 -12.30
C SER A 867 -21.66 -6.06 -11.58
N PHE A 868 -22.06 -7.25 -11.13
CA PHE A 868 -21.13 -8.14 -10.45
C PHE A 868 -19.99 -8.58 -11.37
N SER A 869 -20.33 -8.91 -12.62
CA SER A 869 -19.30 -9.32 -13.58
C SER A 869 -18.33 -8.17 -13.87
N ASN A 870 -18.86 -6.95 -13.99
CA ASN A 870 -18.00 -5.79 -14.20
C ASN A 870 -17.10 -5.54 -12.98
N LEU A 871 -17.64 -5.73 -11.77
CA LEU A 871 -16.82 -5.58 -10.57
C LEU A 871 -15.70 -6.61 -10.55
N ILE A 872 -16.01 -7.86 -10.92
CA ILE A 872 -14.99 -8.91 -10.94
C ILE A 872 -13.92 -8.59 -11.98
N GLN A 873 -14.33 -8.10 -13.14
CA GLN A 873 -13.37 -7.75 -14.18
C GLN A 873 -12.50 -6.57 -13.76
N ALA A 874 -13.07 -5.61 -13.03
CA ALA A 874 -12.33 -4.40 -12.69
C ALA A 874 -11.29 -4.64 -11.60
N VAL A 875 -11.53 -5.59 -10.70
CA VAL A 875 -10.63 -5.80 -9.56
C VAL A 875 -9.55 -6.83 -9.84
N THR A 876 -9.50 -7.41 -11.04
CA THR A 876 -8.52 -8.44 -11.36
C THR A 876 -7.70 -8.10 -12.59
N ARG A 877 -7.77 -6.88 -13.11
CA ARG A 877 -7.09 -6.54 -14.35
C ARG A 877 -5.62 -6.21 -14.16
N ARG A 878 -5.13 -6.15 -12.93
CA ARG A 878 -3.70 -5.96 -12.68
C ARG A 878 -2.95 -7.28 -12.56
N PHE A 879 -3.64 -8.41 -12.57
CA PHE A 879 -2.99 -9.70 -12.34
C PHE A 879 -2.13 -10.07 -13.54
N SER A 880 -0.81 -10.17 -13.32
CA SER A 880 0.10 -10.55 -14.38
C SER A 880 1.22 -11.47 -13.91
N THR A 881 1.13 -12.02 -12.70
CA THR A 881 2.18 -12.89 -12.16
C THR A 881 1.63 -14.27 -11.88
N GLU A 882 2.54 -15.24 -11.76
CA GLU A 882 2.15 -16.62 -11.51
C GLU A 882 1.57 -16.81 -10.12
N PHE A 883 2.07 -16.06 -9.13
CA PHE A 883 1.52 -16.14 -7.78
C PHE A 883 0.07 -15.70 -7.74
N GLU A 884 -0.25 -14.59 -8.42
CA GLU A 884 -1.63 -14.13 -8.49
C GLU A 884 -2.52 -15.14 -9.21
N LEU A 885 -2.01 -15.75 -10.28
CA LEU A 885 -2.77 -16.76 -11.00
C LEU A 885 -3.06 -17.96 -10.11
N GLN A 886 -2.06 -18.42 -9.35
CA GLN A 886 -2.25 -19.55 -8.45
C GLN A 886 -3.25 -19.20 -7.36
N GLN A 887 -3.17 -17.99 -6.81
CA GLN A 887 -4.14 -17.57 -5.80
C GLN A 887 -5.55 -17.53 -6.36
N LEU A 888 -5.72 -17.01 -7.57
CA LEU A 888 -7.04 -16.95 -8.20
C LEU A 888 -7.59 -18.34 -8.46
N GLU A 889 -6.73 -19.26 -8.93
CA GLU A 889 -7.18 -20.63 -9.15
C GLU A 889 -7.57 -21.30 -7.84
N GLN A 890 -6.81 -21.06 -6.77
CA GLN A 890 -7.18 -21.63 -5.48
C GLN A 890 -8.52 -21.07 -4.98
N PHE A 891 -8.74 -19.77 -5.17
CA PHE A 891 -10.01 -19.17 -4.78
C PHE A 891 -11.17 -19.78 -5.57
N LYS A 892 -10.98 -19.95 -6.88
CA LYS A 892 -12.01 -20.56 -7.70
C LYS A 892 -12.30 -21.99 -7.26
N LYS A 893 -11.24 -22.76 -6.96
CA LYS A 893 -11.44 -24.13 -6.50
C LYS A 893 -12.18 -24.17 -5.17
N ASN A 894 -11.92 -23.21 -4.28
CA ASN A 894 -12.57 -23.17 -2.98
C ASN A 894 -13.95 -22.51 -3.03
N ASN A 895 -14.36 -21.95 -4.17
CA ASN A 895 -15.65 -21.30 -4.30
C ASN A 895 -16.47 -21.91 -5.42
N MET A 896 -16.55 -23.24 -5.44
CA MET A 896 -17.41 -23.94 -6.38
C MET A 896 -18.34 -24.90 -5.65
N GLY A 901 -22.72 -20.08 -10.25
CA GLY A 901 -23.40 -19.66 -11.46
C GLY A 901 -22.53 -18.81 -12.37
N SER A 902 -22.89 -17.53 -12.49
CA SER A 902 -22.11 -16.61 -13.31
C SER A 902 -20.80 -16.21 -12.64
N ALA A 903 -20.69 -16.38 -11.33
CA ALA A 903 -19.45 -16.03 -10.64
C ALA A 903 -18.29 -16.90 -11.12
N THR A 904 -18.54 -18.20 -11.32
CA THR A 904 -17.50 -19.08 -11.83
C THR A 904 -17.11 -18.71 -13.26
N ARG A 905 -18.07 -18.32 -14.09
CA ARG A 905 -17.74 -17.87 -15.44
C ARG A 905 -16.88 -16.61 -15.41
N ALA A 906 -17.21 -15.67 -14.53
CA ALA A 906 -16.39 -14.46 -14.39
C ALA A 906 -14.99 -14.82 -13.92
N LEU A 907 -14.87 -15.76 -12.98
CA LEU A 907 -13.56 -16.20 -12.52
C LEU A 907 -12.75 -16.85 -13.64
N GLU A 908 -13.41 -17.65 -14.48
CA GLU A 908 -12.71 -18.28 -15.60
C GLU A 908 -12.22 -17.24 -16.60
N GLN A 909 -13.06 -16.25 -16.91
CA GLN A 909 -12.63 -15.17 -17.79
C GLN A 909 -11.47 -14.39 -17.20
N ALA A 910 -11.51 -14.14 -15.89
CA ALA A 910 -10.37 -13.50 -15.22
C ALA A 910 -9.11 -14.34 -15.30
N LEU A 911 -9.24 -15.67 -15.18
CA LEU A 911 -8.08 -16.55 -15.31
C LEU A 911 -7.47 -16.45 -16.70
N GLU A 912 -8.31 -16.46 -17.74
CA GLU A 912 -7.80 -16.34 -19.10
C GLU A 912 -7.10 -14.99 -19.30
N LYS A 913 -7.70 -13.91 -18.81
CA LYS A 913 -7.09 -12.60 -18.92
C LYS A 913 -5.76 -12.54 -18.18
N THR A 914 -5.69 -13.17 -17.00
CA THR A 914 -4.45 -13.21 -16.23
C THR A 914 -3.35 -13.94 -16.98
N LYS A 915 -3.69 -15.07 -17.60
CA LYS A 915 -2.69 -15.80 -18.38
C LYS A 915 -2.17 -14.94 -19.54
N ALA A 916 -3.07 -14.28 -20.25
CA ALA A 916 -2.65 -13.41 -21.35
C ALA A 916 -1.75 -12.28 -20.85
N ASN A 917 -2.12 -11.66 -19.73
CA ASN A 917 -1.30 -10.57 -19.18
C ASN A 917 0.08 -11.06 -18.77
N LEU A 918 0.15 -12.25 -18.16
CA LEU A 918 1.43 -12.81 -17.76
C LEU A 918 2.32 -13.02 -18.97
N LYS A 919 1.77 -13.61 -20.04
CA LYS A 919 2.56 -13.83 -21.25
C LYS A 919 3.04 -12.51 -21.84
N TRP A 920 2.15 -11.52 -21.93
CA TRP A 920 2.54 -10.24 -22.52
C TRP A 920 3.62 -9.54 -21.72
N VAL A 921 3.50 -9.54 -20.39
CA VAL A 921 4.51 -8.90 -19.56
C VAL A 921 5.85 -9.60 -19.71
N LYS A 922 5.85 -10.93 -19.65
CA LYS A 922 7.10 -11.67 -19.80
C LYS A 922 7.74 -11.42 -21.16
N GLU A 923 6.93 -11.15 -22.18
CA GLU A 923 7.47 -10.91 -23.51
C GLU A 923 7.94 -9.48 -23.74
N ASN A 924 7.39 -8.49 -23.04
CA ASN A 924 7.65 -7.10 -23.38
C ASN A 924 8.38 -6.27 -22.32
N LYS A 925 8.58 -6.79 -21.11
CA LYS A 925 9.08 -5.97 -20.02
C LYS A 925 10.44 -5.34 -20.34
N ASP A 926 11.40 -6.15 -20.80
CA ASP A 926 12.77 -5.66 -20.99
C ASP A 926 12.83 -4.60 -22.07
N VAL A 927 12.17 -4.82 -23.20
CA VAL A 927 12.23 -3.87 -24.30
C VAL A 927 11.50 -2.57 -23.95
N VAL A 928 10.36 -2.65 -23.25
CA VAL A 928 9.70 -1.38 -22.90
C VAL A 928 10.53 -0.63 -21.85
N LEU A 929 11.18 -1.33 -20.92
CA LEU A 929 12.04 -0.65 -19.96
C LEU A 929 13.20 0.04 -20.67
N ARG A 930 13.82 -0.64 -21.64
CA ARG A 930 14.92 -0.02 -22.36
C ARG A 930 14.46 1.21 -23.13
N TRP A 931 13.31 1.14 -23.79
CA TRP A 931 12.82 2.29 -24.54
C TRP A 931 12.52 3.46 -23.62
N PHE A 932 11.85 3.20 -22.49
CA PHE A 932 11.51 4.29 -21.57
C PHE A 932 12.76 4.91 -20.96
N THR A 933 13.78 4.10 -20.63
CA THR A 933 15.02 4.67 -20.12
C THR A 933 15.71 5.52 -21.17
N GLU A 934 15.73 5.06 -22.43
CA GLU A 934 16.43 5.81 -23.46
C GLU A 934 15.71 7.09 -23.87
N ASN A 935 14.38 7.14 -23.75
CA ASN A 935 13.63 8.30 -24.23
C ASN A 935 13.12 9.23 -23.14
N SER A 936 13.43 8.97 -21.87
CA SER A 936 12.95 9.84 -20.79
C SER A 936 13.97 10.91 -20.45
N VAL B 40 -13.51 64.13 -19.72
CA VAL B 40 -14.34 64.65 -18.64
C VAL B 40 -14.38 63.65 -17.49
N ASN B 41 -15.59 63.41 -16.95
CA ASN B 41 -15.77 62.48 -15.85
C ASN B 41 -15.84 61.07 -16.42
N ILE B 42 -14.69 60.43 -16.52
CA ILE B 42 -14.56 59.09 -17.08
C ILE B 42 -14.60 58.10 -15.94
N THR B 43 -15.45 57.09 -16.06
CA THR B 43 -15.62 56.06 -15.04
C THR B 43 -15.18 54.71 -15.60
N ILE B 44 -14.37 54.00 -14.81
CA ILE B 44 -13.88 52.68 -15.18
C ILE B 44 -14.32 51.69 -14.12
N ASP B 45 -15.10 50.69 -14.54
CA ASP B 45 -15.53 49.59 -13.69
C ASP B 45 -14.59 48.42 -13.95
N LEU B 46 -13.62 48.23 -13.07
CA LEU B 46 -12.66 47.15 -13.19
C LEU B 46 -13.23 45.87 -12.59
N GLY B 47 -12.86 44.75 -13.22
CA GLY B 47 -13.22 43.44 -12.72
C GLY B 47 -12.00 42.63 -12.35
N MET B 48 -11.94 42.18 -11.10
CA MET B 48 -10.77 41.49 -10.58
C MET B 48 -11.12 40.05 -10.23
N LYS B 49 -10.18 39.15 -10.47
CA LYS B 49 -10.34 37.74 -10.14
C LYS B 49 -9.12 37.25 -9.38
N LEU B 50 -9.32 36.20 -8.60
CA LEU B 50 -8.22 35.54 -7.89
C LEU B 50 -7.77 34.33 -8.71
N SER B 51 -6.49 34.30 -9.08
CA SER B 51 -5.99 33.25 -9.95
C SER B 51 -5.89 31.94 -9.18
N GLY B 52 -5.61 30.86 -9.92
CA GLY B 52 -5.45 29.56 -9.31
C GLY B 52 -4.24 29.45 -8.41
N TYR B 53 -3.27 30.34 -8.58
CA TYR B 53 -2.11 30.42 -7.70
C TYR B 53 -2.29 31.44 -6.58
N GLY B 54 -3.42 32.15 -6.56
CA GLY B 54 -3.67 33.14 -5.53
C GLY B 54 -3.11 34.50 -5.86
N GLN B 55 -3.40 35.01 -7.05
CA GLN B 55 -2.90 36.29 -7.52
C GLN B 55 -4.04 37.12 -8.09
N PRO B 56 -3.97 38.44 -7.94
CA PRO B 56 -5.01 39.30 -8.53
C PRO B 56 -4.80 39.46 -10.03
N ILE B 57 -5.86 39.21 -10.80
CA ILE B 57 -5.83 39.30 -12.26
C ILE B 57 -6.95 40.23 -12.70
N ALA B 58 -6.61 41.19 -13.55
CA ALA B 58 -7.59 42.15 -14.06
C ALA B 58 -8.31 41.56 -15.26
N SER B 59 -9.61 41.38 -15.14
CA SER B 59 -10.39 40.78 -16.21
C SER B 59 -10.56 41.76 -17.37
N ALA B 60 -10.60 41.20 -18.58
CA ALA B 60 -10.83 42.01 -19.78
C ALA B 60 -12.26 42.47 -19.93
N LEU B 61 -13.17 41.98 -19.08
CA LEU B 61 -14.57 42.39 -19.10
C LEU B 61 -14.82 43.69 -18.37
N SER B 62 -13.77 44.45 -18.05
CA SER B 62 -13.95 45.75 -17.42
C SER B 62 -14.64 46.71 -18.37
N ASN B 63 -15.37 47.67 -17.81
CA ASN B 63 -16.18 48.60 -18.58
C ASN B 63 -15.66 50.02 -18.44
N ILE B 64 -15.84 50.82 -19.48
CA ILE B 64 -15.42 52.22 -19.49
C ILE B 64 -16.59 53.05 -20.00
N THR B 65 -16.88 54.15 -19.29
CA THR B 65 -17.97 55.05 -19.66
C THR B 65 -17.41 56.44 -19.92
N LEU B 66 -17.87 57.06 -21.00
CA LEU B 66 -17.44 58.40 -21.40
C LEU B 66 -18.68 59.25 -21.65
N PRO B 67 -19.31 59.77 -20.59
CA PRO B 67 -20.52 60.60 -20.72
C PRO B 67 -20.22 61.98 -21.30
N VAL B 85 -10.44 66.26 -16.45
CA VAL B 85 -10.53 64.88 -16.91
C VAL B 85 -10.39 63.93 -15.73
N TYR B 86 -11.31 64.03 -14.77
CA TYR B 86 -11.28 63.17 -13.60
C TYR B 86 -11.57 61.73 -13.98
N VAL B 87 -10.92 60.80 -13.29
CA VAL B 87 -11.11 59.37 -13.51
C VAL B 87 -11.59 58.74 -12.21
N HIS B 88 -12.72 58.04 -12.27
CA HIS B 88 -13.31 57.36 -11.12
C HIS B 88 -13.28 55.86 -11.34
N SER B 89 -12.63 55.14 -10.43
CA SER B 89 -12.43 53.70 -10.55
C SER B 89 -13.32 52.98 -9.54
N THR B 90 -14.10 52.01 -10.03
CA THR B 90 -14.93 51.17 -9.19
C THR B 90 -14.53 49.71 -9.40
N CYS B 91 -14.20 49.02 -8.32
CA CYS B 91 -13.67 47.66 -8.39
C CYS B 91 -14.78 46.67 -8.05
N LYS B 92 -14.86 45.59 -8.84
CA LYS B 92 -15.79 44.51 -8.54
C LYS B 92 -15.09 43.17 -8.71
N SER B 93 -15.36 42.25 -7.79
CA SER B 93 -14.77 40.92 -7.82
C SER B 93 -15.81 39.90 -8.30
N SER B 94 -15.31 38.76 -8.77
CA SER B 94 -16.17 37.70 -9.27
C SER B 94 -15.46 36.36 -9.14
N LEU B 95 -16.15 35.32 -9.59
CA LEU B 95 -15.66 33.95 -9.60
C LEU B 95 -15.61 33.45 -11.04
N TRP B 96 -15.41 32.14 -11.21
CA TRP B 96 -15.30 31.55 -12.54
C TRP B 96 -16.53 31.80 -13.40
N ASP B 97 -17.68 32.09 -12.80
CA ASP B 97 -18.91 32.31 -13.54
C ASP B 97 -19.02 33.73 -14.10
N ASN B 98 -18.07 34.61 -13.80
CA ASN B 98 -18.05 35.98 -14.31
C ASN B 98 -19.30 36.75 -13.90
N VAL B 99 -19.55 36.78 -12.59
CA VAL B 99 -20.67 37.53 -12.01
C VAL B 99 -20.07 38.50 -11.01
N PHE B 100 -19.94 39.77 -11.40
CA PHE B 100 -19.32 40.79 -10.57
C PHE B 100 -20.36 41.39 -9.62
N ASN B 101 -20.69 40.61 -8.59
CA ASN B 101 -21.69 41.00 -7.60
C ASN B 101 -21.09 41.10 -6.21
N SER B 102 -19.77 41.18 -6.09
CA SER B 102 -19.11 41.25 -4.80
C SER B 102 -18.10 42.40 -4.80
N ASP B 103 -18.07 43.14 -3.70
CA ASP B 103 -17.10 44.23 -3.57
C ASP B 103 -15.69 43.67 -3.41
N CYS B 104 -14.72 44.39 -3.97
CA CYS B 104 -13.34 43.94 -3.94
C CYS B 104 -12.79 43.96 -2.51
N THR B 105 -12.03 42.92 -2.18
CA THR B 105 -11.38 42.82 -0.88
C THR B 105 -10.04 43.55 -0.92
N ASP B 106 -9.25 43.41 0.14
CA ASP B 106 -7.93 44.06 0.18
C ASP B 106 -7.00 43.44 -0.86
N VAL B 107 -7.03 42.12 -0.99
CA VAL B 107 -6.12 41.45 -1.92
C VAL B 107 -6.46 41.80 -3.37
N LEU B 108 -7.75 41.74 -3.72
CA LEU B 108 -8.18 42.02 -5.08
C LEU B 108 -8.58 43.48 -5.26
N HIS B 109 -7.70 44.39 -4.87
CA HIS B 109 -7.96 45.82 -4.97
C HIS B 109 -7.03 46.42 -6.02
N ALA B 110 -7.63 47.10 -7.00
CA ALA B 110 -6.87 47.72 -8.08
C ALA B 110 -7.43 49.11 -8.35
N THR B 111 -6.56 49.99 -8.86
CA THR B 111 -6.94 51.35 -9.20
C THR B 111 -6.79 51.55 -10.70
N ALA B 112 -7.80 52.11 -11.35
CA ALA B 112 -7.74 52.34 -12.78
C ALA B 112 -6.76 53.47 -13.09
N VAL B 113 -5.85 53.22 -14.03
CA VAL B 113 -4.84 54.19 -14.42
C VAL B 113 -4.80 54.27 -15.94
N ILE B 114 -4.26 55.37 -16.44
CA ILE B 114 -4.14 55.59 -17.87
C ILE B 114 -2.69 55.93 -18.23
N PHE B 148 -4.71 55.53 -26.15
CA PHE B 148 -4.16 55.20 -24.85
C PHE B 148 -4.73 53.89 -24.32
N ASP B 149 -4.11 53.35 -23.28
CA ASP B 149 -4.52 52.08 -22.70
C ASP B 149 -4.90 52.30 -21.24
N VAL B 150 -6.09 51.82 -20.86
CA VAL B 150 -6.55 51.88 -19.48
C VAL B 150 -6.19 50.57 -18.79
N ALA B 151 -5.41 50.67 -17.72
CA ALA B 151 -4.89 49.52 -17.00
C ALA B 151 -5.36 49.56 -15.55
N ALA B 152 -5.05 48.48 -14.83
CA ALA B 152 -5.41 48.36 -13.42
C ALA B 152 -4.12 48.16 -12.62
N ARG B 153 -3.79 49.15 -11.79
CA ARG B 153 -2.61 49.09 -10.93
C ARG B 153 -3.00 48.39 -9.64
N THR B 154 -2.39 47.24 -9.38
CA THR B 154 -2.58 46.51 -8.14
C THR B 154 -1.50 46.92 -7.15
N ARG B 155 -1.37 46.17 -6.05
CA ARG B 155 -0.36 46.49 -5.06
C ARG B 155 1.04 46.11 -5.52
N THR B 156 1.14 45.22 -6.51
CA THR B 156 2.43 44.71 -6.95
C THR B 156 2.71 44.88 -8.44
N ASN B 157 1.69 45.13 -9.26
CA ASN B 157 1.88 45.24 -10.70
C ASN B 157 0.73 46.03 -11.30
N GLU B 158 0.84 46.31 -12.60
CA GLU B 158 -0.20 46.96 -13.37
C GLU B 158 -0.53 46.10 -14.57
N GLN B 159 -1.81 45.85 -14.80
CA GLN B 159 -2.27 45.00 -15.88
C GLN B 159 -3.18 45.79 -16.80
N VAL B 160 -2.90 45.74 -18.11
CA VAL B 160 -3.68 46.47 -19.08
C VAL B 160 -5.05 45.82 -19.22
N VAL B 161 -6.11 46.63 -19.10
CA VAL B 161 -7.47 46.12 -19.13
C VAL B 161 -8.07 46.36 -20.51
N ARG B 162 -8.15 47.63 -20.93
CA ARG B 162 -8.75 47.97 -22.21
C ARG B 162 -7.93 49.06 -22.89
N SER B 163 -8.38 49.45 -24.08
CA SER B 163 -7.75 50.52 -24.85
C SER B 163 -8.81 51.53 -25.26
N LEU B 164 -8.57 52.81 -24.96
CA LEU B 164 -9.50 53.87 -25.31
C LEU B 164 -9.05 54.54 -26.61
N TYR B 165 -9.23 53.81 -27.71
CA TYR B 165 -8.83 54.29 -29.03
C TYR B 165 -10.05 54.74 -29.82
N ASP C 33 24.31 -49.06 26.94
CA ASP C 33 24.99 -49.94 27.88
C ASP C 33 25.86 -49.13 28.84
N GLN C 34 25.30 -48.76 29.99
CA GLN C 34 25.99 -47.92 30.95
C GLN C 34 26.99 -48.70 31.80
N SER C 35 27.07 -50.02 31.67
CA SER C 35 28.06 -50.79 32.40
C SER C 35 29.47 -50.42 31.96
N LYS C 36 29.68 -50.23 30.66
CA LYS C 36 30.98 -49.84 30.14
C LYS C 36 31.24 -48.37 30.47
N PRO C 37 32.37 -48.05 31.12
CA PRO C 37 32.62 -46.65 31.49
C PRO C 37 32.80 -45.70 30.32
N TRP C 38 33.09 -46.20 29.13
CA TRP C 38 33.25 -45.35 27.96
C TRP C 38 31.94 -45.03 27.27
N ASN C 39 30.82 -45.57 27.74
CA ASN C 39 29.50 -45.19 27.24
C ASN C 39 28.84 -44.12 28.10
N VAL C 40 29.50 -43.67 29.16
CA VAL C 40 28.95 -42.65 30.06
C VAL C 40 29.48 -41.29 29.63
N TYR C 41 28.56 -40.32 29.49
CA TYR C 41 28.96 -38.99 29.04
C TYR C 41 29.83 -38.25 30.04
N ARG C 42 29.81 -38.65 31.31
CA ARG C 42 30.62 -38.00 32.33
C ARG C 42 31.95 -38.71 32.48
N LEU C 43 33.02 -37.93 32.58
CA LEU C 43 34.36 -38.48 32.67
C LEU C 43 34.56 -39.18 34.01
N PRO C 44 35.30 -40.30 34.03
CA PRO C 44 35.56 -40.98 35.30
C PRO C 44 36.40 -40.12 36.24
N LYS C 45 36.22 -40.35 37.55
CA LYS C 45 36.94 -39.62 38.59
C LYS C 45 38.23 -40.31 39.01
N THR C 46 38.84 -41.11 38.12
CA THR C 46 40.01 -41.90 38.49
C THR C 46 41.32 -41.18 38.19
N LEU C 47 41.38 -40.40 37.12
CA LEU C 47 42.61 -39.74 36.68
C LEU C 47 42.44 -38.23 36.74
N ILE C 48 43.42 -37.53 37.30
CA ILE C 48 43.38 -36.09 37.45
C ILE C 48 44.62 -35.50 36.76
N PRO C 49 44.44 -34.65 35.75
CA PRO C 49 45.61 -34.04 35.09
C PRO C 49 46.25 -32.97 35.96
N ASP C 50 47.55 -32.75 35.72
CA ASP C 50 48.30 -31.72 36.43
C ASP C 50 48.87 -30.66 35.50
N SER C 51 49.48 -31.08 34.39
CA SER C 51 50.07 -30.14 33.45
C SER C 51 49.97 -30.71 32.05
N TYR C 52 49.99 -29.81 31.07
CA TYR C 52 49.93 -30.15 29.65
C TYR C 52 51.07 -29.46 28.92
N ASN C 53 51.55 -30.13 27.86
CA ASN C 53 52.48 -29.54 26.90
C ASN C 53 51.84 -29.66 25.53
N VAL C 54 51.32 -28.55 25.01
CA VAL C 54 50.62 -28.54 23.73
C VAL C 54 51.47 -27.78 22.72
N THR C 55 51.72 -28.43 21.57
CA THR C 55 52.44 -27.82 20.46
C THR C 55 51.54 -27.85 19.23
N LEU C 56 51.36 -26.70 18.59
CA LEU C 56 50.47 -26.58 17.45
C LEU C 56 51.21 -25.95 16.28
N ARG C 57 50.79 -26.31 15.06
CA ARG C 57 51.40 -25.82 13.84
C ARG C 57 50.32 -25.65 12.79
N PRO C 58 49.65 -24.50 12.76
CA PRO C 58 48.62 -24.28 11.75
C PRO C 58 49.22 -24.16 10.35
N TYR C 59 48.44 -24.57 9.36
CA TYR C 59 48.82 -24.49 7.96
C TYR C 59 47.77 -23.62 7.25
N LEU C 60 48.03 -22.32 7.19
CA LEU C 60 47.11 -21.40 6.55
C LEU C 60 47.05 -21.59 5.04
N THR C 61 48.00 -22.32 4.46
CA THR C 61 47.98 -22.59 3.02
C THR C 61 47.02 -23.73 2.73
N PRO C 62 46.03 -23.54 1.84
CA PRO C 62 45.08 -24.59 1.50
C PRO C 62 45.70 -25.73 0.70
N LEU C 67 41.69 -27.31 1.44
CA LEU C 67 41.88 -28.36 2.44
C LEU C 67 42.77 -27.88 3.58
N TYR C 68 42.31 -26.87 4.30
CA TYR C 68 43.07 -26.34 5.43
C TYR C 68 43.10 -27.36 6.56
N VAL C 69 44.27 -27.53 7.15
CA VAL C 69 44.49 -28.52 8.21
C VAL C 69 45.58 -28.01 9.14
N PHE C 70 45.72 -28.67 10.28
CA PHE C 70 46.77 -28.37 11.24
C PHE C 70 47.25 -29.66 11.87
N THR C 71 48.48 -29.64 12.36
CA THR C 71 49.09 -30.80 13.01
C THR C 71 49.61 -30.39 14.37
N GLY C 72 49.79 -31.36 15.25
CA GLY C 72 50.29 -31.03 16.58
C GLY C 72 50.75 -32.25 17.33
N THR C 73 51.39 -31.98 18.46
CA THR C 73 51.83 -33.00 19.41
C THR C 73 51.41 -32.57 20.81
N ASN C 74 51.17 -33.54 21.67
CA ASN C 74 50.62 -33.25 22.99
C ASN C 74 51.18 -34.22 24.02
N ILE C 75 51.40 -33.71 25.23
CA ILE C 75 51.86 -34.49 26.37
C ILE C 75 50.97 -34.17 27.56
N VAL C 76 50.43 -35.20 28.21
CA VAL C 76 49.56 -35.04 29.36
C VAL C 76 50.18 -35.76 30.54
N ARG C 77 50.34 -35.04 31.65
CA ARG C 77 50.81 -35.62 32.91
C ARG C 77 49.61 -35.69 33.85
N PHE C 78 49.34 -36.88 34.38
CA PHE C 78 48.18 -37.07 35.24
C PHE C 78 48.51 -38.01 36.39
N THR C 79 47.71 -37.92 37.44
CA THR C 79 47.83 -38.77 38.61
C THR C 79 46.61 -39.66 38.73
N CYS C 80 46.83 -40.92 39.10
CA CYS C 80 45.76 -41.90 39.27
C CYS C 80 45.34 -41.89 40.74
N LYS C 81 44.18 -41.29 41.02
CA LYS C 81 43.67 -41.27 42.39
C LYS C 81 43.29 -42.67 42.86
N GLU C 82 42.70 -43.47 41.97
CA GLU C 82 42.30 -44.84 42.28
C GLU C 82 42.81 -45.77 41.19
N SER C 83 43.15 -46.99 41.59
CA SER C 83 43.71 -47.96 40.65
C SER C 83 42.68 -48.30 39.57
N THR C 84 43.14 -48.33 38.32
CA THR C 84 42.28 -48.62 37.19
C THR C 84 43.10 -49.24 36.07
N ASN C 85 42.42 -49.97 35.19
CA ASN C 85 43.05 -50.65 34.06
C ASN C 85 42.53 -50.11 32.73
N ILE C 86 42.17 -48.84 32.69
CA ILE C 86 41.63 -48.22 31.49
C ILE C 86 41.88 -46.71 31.58
N VAL C 87 42.13 -46.09 30.43
CA VAL C 87 42.33 -44.64 30.35
C VAL C 87 41.35 -44.10 29.32
N ILE C 88 40.50 -43.16 29.75
CA ILE C 88 39.51 -42.53 28.89
C ILE C 88 39.81 -41.04 28.84
N ILE C 89 39.91 -40.48 27.64
CA ILE C 89 40.23 -39.07 27.49
C ILE C 89 39.46 -38.51 26.30
N HIS C 90 38.99 -37.28 26.42
CA HIS C 90 38.19 -36.68 25.35
C HIS C 90 39.02 -36.48 24.09
N SER C 91 38.36 -36.70 22.95
CA SER C 91 39.00 -36.56 21.64
C SER C 91 37.91 -36.47 20.58
N LYS C 92 37.97 -35.45 19.72
CA LYS C 92 36.94 -35.20 18.74
C LYS C 92 37.58 -34.85 17.40
N ARG C 93 37.46 -35.76 16.44
CA ARG C 93 37.93 -35.56 15.06
C ARG C 93 39.42 -35.22 15.00
N LEU C 94 40.22 -36.14 15.53
CA LEU C 94 41.67 -36.02 15.50
C LEU C 94 42.25 -37.31 14.92
N ASN C 95 43.05 -37.18 13.87
CA ASN C 95 43.74 -38.32 13.27
C ASN C 95 45.09 -38.48 13.95
N TYR C 96 45.33 -39.63 14.56
CA TYR C 96 46.56 -39.90 15.28
C TYR C 96 47.53 -40.68 14.41
N THR C 97 48.78 -40.71 14.84
CA THR C 97 49.84 -41.45 14.17
C THR C 97 50.25 -42.64 15.03
N SER C 98 50.51 -43.77 14.37
CA SER C 98 50.82 -45.00 15.10
C SER C 98 52.14 -44.88 15.83
N HIS C 99 52.13 -45.20 17.11
CA HIS C 99 53.32 -45.23 17.95
C HIS C 99 53.43 -46.63 18.53
N GLN C 100 54.33 -47.44 17.96
CA GLN C 100 54.46 -48.85 18.30
C GLN C 100 53.16 -49.62 18.07
N GLY C 101 52.39 -49.20 17.06
CA GLY C 101 51.15 -49.85 16.71
C GLY C 101 49.91 -49.22 17.29
N HIS C 102 50.04 -48.27 18.21
CA HIS C 102 48.90 -47.66 18.88
C HIS C 102 48.91 -46.15 18.63
N MET C 103 47.74 -45.54 18.84
CA MET C 103 47.58 -44.12 18.52
C MET C 103 48.37 -43.24 19.48
N VAL C 104 48.43 -43.60 20.76
CA VAL C 104 49.13 -42.82 21.77
C VAL C 104 50.11 -43.71 22.50
N ALA C 105 51.06 -43.08 23.19
CA ALA C 105 52.05 -43.78 23.99
C ALA C 105 51.90 -43.39 25.44
N LEU C 106 52.07 -44.34 26.34
CA LEU C 106 51.92 -44.11 27.77
C LEU C 106 53.16 -44.58 28.51
N SER C 107 53.55 -43.84 29.55
CA SER C 107 54.72 -44.19 30.33
C SER C 107 54.56 -43.66 31.74
N GLY C 108 55.39 -44.16 32.65
CA GLY C 108 55.38 -43.74 34.03
C GLY C 108 56.29 -42.56 34.30
N VAL C 109 56.34 -42.17 35.57
CA VAL C 109 57.18 -41.07 36.01
C VAL C 109 57.94 -41.45 37.27
N HIS C 113 59.45 -48.32 37.51
CA HIS C 113 58.69 -47.96 36.31
C HIS C 113 57.97 -49.17 35.73
N PRO C 114 56.80 -49.49 36.28
CA PRO C 114 55.96 -50.56 35.70
C PRO C 114 55.21 -50.05 34.47
N GLN C 115 55.91 -50.07 33.33
CA GLN C 115 55.37 -49.50 32.11
C GLN C 115 54.13 -50.26 31.66
N PRO C 116 52.99 -49.58 31.49
CA PRO C 116 51.79 -50.27 31.03
C PRO C 116 51.93 -50.74 29.59
N VAL C 117 51.23 -51.82 29.28
CA VAL C 117 51.20 -52.38 27.93
C VAL C 117 49.83 -52.08 27.34
N ILE C 118 49.81 -51.35 26.24
CA ILE C 118 48.56 -50.93 25.61
C ILE C 118 48.02 -52.13 24.81
N VAL C 119 46.98 -52.78 25.34
CA VAL C 119 46.36 -53.88 24.63
C VAL C 119 45.63 -53.37 23.39
N ARG C 120 44.90 -52.26 23.53
CA ARG C 120 44.19 -51.68 22.40
C ARG C 120 43.92 -50.22 22.68
N THR C 121 43.60 -49.48 21.62
CA THR C 121 43.21 -48.08 21.71
C THR C 121 42.18 -47.81 20.62
N GLU C 122 41.06 -47.22 21.01
CA GLU C 122 39.98 -46.98 20.07
C GLU C 122 39.34 -45.62 20.31
N LEU C 123 38.50 -45.21 19.36
CA LEU C 123 37.76 -43.95 19.42
C LEU C 123 36.28 -44.26 19.49
N VAL C 124 35.59 -43.64 20.45
CA VAL C 124 34.13 -43.75 20.58
C VAL C 124 33.56 -42.42 20.12
N GLU C 125 32.93 -42.42 18.94
CA GLU C 125 32.48 -41.17 18.34
C GLU C 125 31.23 -40.61 19.03
N LEU C 126 30.40 -41.49 19.61
CA LEU C 126 29.17 -41.01 20.24
C LEU C 126 29.48 -40.15 21.46
N THR C 127 30.34 -40.63 22.35
CA THR C 127 30.72 -39.90 23.54
C THR C 127 31.99 -39.09 23.36
N GLU C 128 32.56 -39.06 22.16
CA GLU C 128 33.78 -38.30 21.85
C GLU C 128 34.92 -38.69 22.80
N TYR C 129 35.28 -39.96 22.74
CA TYR C 129 36.25 -40.54 23.67
C TYR C 129 37.42 -41.15 22.92
N LEU C 130 38.49 -41.36 23.68
CA LEU C 130 39.67 -42.11 23.25
C LEU C 130 39.96 -43.05 24.42
N VAL C 131 39.87 -44.35 24.15
CA VAL C 131 39.96 -45.39 25.18
C VAL C 131 41.23 -46.18 24.96
N VAL C 132 42.03 -46.30 26.02
CA VAL C 132 43.28 -47.05 26.02
C VAL C 132 43.16 -48.14 27.06
N HIS C 133 43.39 -49.39 26.64
CA HIS C 133 43.26 -50.55 27.52
C HIS C 133 44.65 -51.00 27.96
N LEU C 134 44.83 -51.13 29.27
CA LEU C 134 46.13 -51.49 29.84
C LEU C 134 46.07 -52.91 30.38
N GLN C 135 47.18 -53.64 30.21
CA GLN C 135 47.22 -55.05 30.62
C GLN C 135 47.22 -55.19 32.14
N GLU C 136 47.61 -54.17 32.88
CA GLU C 136 47.64 -54.22 34.33
C GLU C 136 47.07 -52.93 34.90
N PRO C 137 46.45 -53.00 36.08
CA PRO C 137 45.92 -51.77 36.69
C PRO C 137 47.02 -50.80 37.05
N LEU C 138 46.71 -49.51 36.95
CA LEU C 138 47.65 -48.48 37.32
C LEU C 138 47.79 -48.40 38.84
N VAL C 139 49.00 -48.14 39.30
CA VAL C 139 49.27 -48.03 40.73
C VAL C 139 48.78 -46.68 41.23
N ALA C 140 47.99 -46.68 42.30
CA ALA C 140 47.50 -45.45 42.88
C ALA C 140 48.63 -44.66 43.52
N GLY C 141 48.54 -43.34 43.43
CA GLY C 141 49.56 -42.47 43.97
C GLY C 141 50.76 -42.25 43.08
N ARG C 142 50.71 -42.70 41.83
CA ARG C 142 51.81 -42.55 40.89
C ARG C 142 51.38 -41.68 39.71
N GLN C 143 52.33 -40.95 39.15
CA GLN C 143 52.08 -40.05 38.04
C GLN C 143 52.52 -40.69 36.73
N TYR C 144 51.77 -40.40 35.67
CA TYR C 144 52.00 -40.99 34.37
C TYR C 144 51.91 -39.92 33.29
N GLU C 145 52.61 -40.16 32.19
CA GLU C 145 52.65 -39.24 31.06
C GLU C 145 52.22 -39.95 29.79
N MET C 146 51.33 -39.31 29.04
CA MET C 146 50.81 -39.83 27.78
C MET C 146 51.19 -38.87 26.67
N ASN C 147 51.93 -39.37 25.69
CA ASN C 147 52.31 -38.60 24.51
C ASN C 147 51.46 -38.99 23.32
N SER C 148 51.21 -38.01 22.45
CA SER C 148 50.42 -38.27 21.25
C SER C 148 50.81 -37.27 20.17
N GLU C 149 50.57 -37.67 18.92
CA GLU C 149 50.77 -36.81 17.76
C GLU C 149 49.54 -36.92 16.89
N PHE C 150 48.94 -35.77 16.56
CA PHE C 150 47.62 -35.75 15.93
C PHE C 150 47.60 -34.74 14.80
N GLN C 151 46.54 -34.83 13.99
CA GLN C 151 46.35 -33.93 12.86
C GLN C 151 44.86 -33.68 12.68
N GLY C 152 44.44 -32.42 12.84
CA GLY C 152 43.07 -32.03 12.66
C GLY C 152 42.88 -31.07 11.51
N GLU C 153 41.69 -30.49 11.44
CA GLU C 153 41.32 -29.61 10.34
C GLU C 153 40.97 -28.22 10.88
N LEU C 154 41.47 -27.19 10.19
CA LEU C 154 41.09 -25.81 10.47
C LEU C 154 39.89 -25.47 9.60
N ALA C 155 38.69 -25.76 10.11
CA ALA C 155 37.47 -25.58 9.34
C ALA C 155 36.97 -24.14 9.47
N ASP C 156 35.85 -23.85 8.81
CA ASP C 156 35.23 -22.54 8.85
C ASP C 156 34.18 -22.42 9.96
N ASP C 157 33.99 -23.46 10.77
CA ASP C 157 33.04 -23.42 11.87
C ASP C 157 33.74 -22.91 13.13
N LEU C 158 33.07 -21.97 13.82
CA LEU C 158 33.67 -21.35 15.00
C LEU C 158 33.67 -22.29 16.19
N ALA C 159 34.51 -23.32 16.13
CA ALA C 159 34.60 -24.30 17.20
C ALA C 159 36.04 -24.82 17.28
N GLY C 160 36.59 -24.85 18.48
CA GLY C 160 37.95 -25.31 18.64
C GLY C 160 38.92 -24.40 17.91
N PHE C 161 39.93 -25.02 17.30
CA PHE C 161 40.93 -24.33 16.50
C PHE C 161 40.43 -24.24 15.06
N TYR C 162 40.01 -23.05 14.63
CA TYR C 162 39.46 -22.90 13.29
C TYR C 162 40.07 -21.70 12.58
N ARG C 163 39.59 -21.40 11.37
CA ARG C 163 40.11 -20.32 10.55
C ARG C 163 39.01 -19.31 10.25
N SER C 164 39.41 -18.05 10.14
CA SER C 164 38.51 -16.96 9.77
C SER C 164 39.06 -16.26 8.54
N GLU C 165 38.23 -16.13 7.52
CA GLU C 165 38.62 -15.50 6.25
C GLU C 165 37.90 -14.18 6.12
N TYR C 166 38.66 -13.11 5.90
CA TYR C 166 38.08 -11.77 5.76
C TYR C 166 38.66 -11.10 4.53
N MET C 167 38.08 -9.96 4.17
CA MET C 167 38.50 -9.20 3.00
C MET C 167 39.18 -7.92 3.47
N GLU C 168 40.48 -7.80 3.21
CA GLU C 168 41.24 -6.60 3.53
C GLU C 168 41.65 -5.93 2.23
N ASN C 169 41.25 -4.67 2.06
CA ASN C 169 41.45 -3.91 0.82
C ASN C 169 40.78 -4.71 -0.29
N GLY C 170 41.49 -5.14 -1.32
CA GLY C 170 40.90 -5.97 -2.36
C GLY C 170 41.27 -7.43 -2.22
N VAL C 171 42.13 -7.75 -1.26
CA VAL C 171 42.63 -9.11 -1.10
C VAL C 171 41.84 -9.82 -0.01
N LYS C 172 41.98 -11.14 0.02
CA LYS C 172 41.35 -11.99 1.02
C LYS C 172 42.43 -12.58 1.92
N LYS C 173 42.29 -12.38 3.23
CA LYS C 173 43.27 -12.82 4.21
C LYS C 173 42.64 -13.84 5.15
N VAL C 174 43.49 -14.67 5.74
CA VAL C 174 43.08 -15.79 6.59
C VAL C 174 43.82 -15.70 7.91
N LEU C 175 43.09 -15.91 9.01
CA LEU C 175 43.68 -15.98 10.34
C LEU C 175 43.24 -17.28 11.01
N ALA C 176 44.00 -17.71 12.01
CA ALA C 176 43.73 -18.95 12.74
C ALA C 176 43.45 -18.60 14.19
N THR C 177 42.22 -18.84 14.64
CA THR C 177 41.79 -18.47 15.98
C THR C 177 41.04 -19.62 16.63
N THR C 178 40.89 -19.56 17.96
CA THR C 178 40.25 -20.62 18.72
C THR C 178 39.04 -20.09 19.49
N HIS C 179 37.96 -20.86 19.44
CA HIS C 179 36.78 -20.66 20.28
C HIS C 179 36.45 -22.01 20.91
N MET C 180 37.01 -22.27 22.08
CA MET C 180 36.92 -23.58 22.72
C MET C 180 36.01 -23.58 23.95
N GLN C 181 35.01 -22.70 23.98
CA GLN C 181 34.11 -22.64 25.13
C GLN C 181 33.27 -23.91 25.20
N ALA C 182 32.85 -24.25 26.42
CA ALA C 182 32.06 -25.44 26.72
C ALA C 182 32.88 -26.70 26.51
N THR C 183 32.61 -27.43 25.42
CA THR C 183 33.17 -28.76 25.19
C THR C 183 33.82 -28.85 23.82
N GLU C 184 34.64 -27.85 23.47
CA GLU C 184 35.27 -27.81 22.17
C GLU C 184 36.79 -27.77 22.23
N ALA C 185 37.40 -27.87 23.40
CA ALA C 185 38.85 -28.00 23.49
C ALA C 185 39.32 -29.41 23.11
N ARG C 186 38.43 -30.40 23.22
CA ARG C 186 38.74 -31.74 22.75
C ARG C 186 38.89 -31.80 21.23
N LYS C 187 38.30 -30.85 20.52
CA LYS C 187 38.38 -30.81 19.06
C LYS C 187 39.77 -30.41 18.58
N SER C 188 40.60 -29.82 19.45
CA SER C 188 41.92 -29.35 19.08
C SER C 188 43.05 -30.25 19.58
N PHE C 189 42.93 -30.81 20.78
CA PHE C 189 43.93 -31.73 21.29
C PHE C 189 43.29 -32.59 22.36
N PRO C 190 43.73 -33.83 22.53
CA PRO C 190 43.14 -34.70 23.56
C PRO C 190 43.40 -34.16 24.96
N CYS C 191 42.33 -34.07 25.75
CA CYS C 191 42.41 -33.54 27.11
C CYS C 191 41.20 -34.02 27.90
N PHE C 192 41.29 -33.87 29.21
CA PHE C 192 40.15 -34.09 30.10
C PHE C 192 39.29 -32.83 30.08
N ASP C 193 38.37 -32.77 29.12
CA ASP C 193 37.65 -31.53 28.80
C ASP C 193 36.43 -31.38 29.70
N GLU C 194 36.69 -31.11 30.97
CA GLU C 194 35.66 -30.79 31.95
C GLU C 194 36.13 -29.62 32.79
N PRO C 195 35.22 -28.71 33.16
CA PRO C 195 35.65 -27.52 33.92
C PRO C 195 36.28 -27.84 35.27
N ALA C 196 35.85 -28.91 35.93
CA ALA C 196 36.42 -29.27 37.22
C ALA C 196 37.84 -29.82 37.09
N MET C 197 38.24 -30.23 35.89
CA MET C 197 39.60 -30.72 35.63
C MET C 197 40.48 -29.51 35.33
N LYS C 198 41.34 -29.15 36.29
CA LYS C 198 42.18 -27.96 36.18
C LYS C 198 43.64 -28.35 36.17
N ALA C 199 44.42 -27.74 35.28
CA ALA C 199 45.82 -28.07 35.11
C ALA C 199 46.55 -26.87 34.54
N THR C 200 47.88 -26.90 34.63
CA THR C 200 48.72 -25.89 34.01
C THR C 200 48.96 -26.26 32.55
N PHE C 201 49.30 -25.27 31.74
CA PHE C 201 49.49 -25.47 30.30
C PHE C 201 50.78 -24.81 29.83
N ASN C 202 51.48 -25.49 28.92
CA ASN C 202 52.66 -24.97 28.24
C ASN C 202 52.39 -25.00 26.74
N ILE C 203 52.21 -23.82 26.14
CA ILE C 203 51.77 -23.70 24.75
C ILE C 203 52.96 -23.34 23.87
N THR C 204 53.04 -23.99 22.70
CA THR C 204 54.03 -23.67 21.69
C THR C 204 53.33 -23.61 20.34
N ILE C 205 53.69 -22.62 19.53
CA ILE C 205 53.07 -22.40 18.23
C ILE C 205 54.17 -22.33 17.18
N ILE C 206 53.91 -22.90 16.01
CA ILE C 206 54.79 -22.80 14.85
C ILE C 206 54.03 -22.06 13.75
N HIS C 207 54.53 -20.90 13.36
CA HIS C 207 53.79 -20.00 12.47
C HIS C 207 54.76 -19.37 11.48
N PRO C 208 54.24 -18.91 10.33
CA PRO C 208 55.10 -18.22 9.37
C PRO C 208 55.67 -16.93 9.94
N ASN C 209 56.83 -16.54 9.40
CA ASN C 209 57.51 -15.35 9.88
C ASN C 209 56.70 -14.08 9.67
N ASN C 210 55.81 -14.08 8.68
CA ASN C 210 55.01 -12.90 8.37
C ASN C 210 53.84 -12.71 9.33
N LEU C 211 53.60 -13.64 10.25
CA LEU C 211 52.48 -13.58 11.16
C LEU C 211 52.97 -13.45 12.59
N VAL C 212 52.04 -13.13 13.49
CA VAL C 212 52.31 -13.03 14.92
C VAL C 212 51.31 -13.91 15.66
N ALA C 213 51.74 -14.41 16.82
CA ALA C 213 50.97 -15.38 17.60
C ALA C 213 50.70 -14.82 18.99
N LEU C 214 49.45 -14.95 19.44
CA LEU C 214 49.00 -14.51 20.75
C LEU C 214 48.43 -15.69 21.52
N SER C 215 48.61 -15.67 22.83
CA SER C 215 48.11 -16.73 23.71
C SER C 215 47.66 -16.10 25.02
N ASN C 216 47.42 -16.94 26.02
CA ASN C 216 46.97 -16.45 27.32
C ASN C 216 48.06 -15.71 28.07
N MET C 217 49.31 -16.15 27.93
CA MET C 217 50.42 -15.62 28.70
C MET C 217 51.41 -14.90 27.79
N LEU C 218 52.41 -14.29 28.41
CA LEU C 218 53.46 -13.63 27.65
C LEU C 218 54.42 -14.65 27.03
N PRO C 219 54.95 -14.35 25.85
CA PRO C 219 55.97 -15.23 25.27
C PRO C 219 57.22 -15.27 26.14
N ARG C 220 57.91 -16.41 26.12
CA ARG C 220 59.13 -16.58 26.90
C ARG C 220 60.31 -15.79 26.34
N GLY C 221 60.22 -15.31 25.11
CA GLY C 221 61.30 -14.54 24.51
C GLY C 221 61.10 -14.35 23.02
N PRO C 222 62.19 -14.01 22.32
CA PRO C 222 62.10 -13.84 20.87
C PRO C 222 61.72 -15.14 20.17
N SER C 223 60.98 -15.01 19.07
CA SER C 223 60.51 -16.16 18.31
C SER C 223 61.60 -16.58 17.34
N VAL C 224 62.26 -17.70 17.64
CA VAL C 224 63.30 -18.23 16.78
C VAL C 224 63.13 -19.73 16.59
N THR C 231 61.50 -20.12 6.98
CA THR C 231 60.22 -19.53 6.61
C THR C 231 59.19 -19.75 7.72
N TRP C 232 59.61 -20.43 8.79
CA TRP C 232 58.74 -20.72 9.93
C TRP C 232 59.47 -20.35 11.22
N LYS C 233 58.72 -19.85 12.18
CA LYS C 233 59.23 -19.45 13.48
C LYS C 233 58.43 -20.14 14.59
N VAL C 234 59.08 -20.33 15.73
CA VAL C 234 58.52 -21.05 16.87
C VAL C 234 58.37 -20.06 18.01
N THR C 235 57.15 -19.91 18.51
CA THR C 235 56.84 -19.03 19.62
C THR C 235 56.43 -19.87 20.82
N GLU C 236 57.11 -19.68 21.94
CA GLU C 236 56.81 -20.36 23.19
C GLU C 236 56.29 -19.36 24.20
N PHE C 237 55.32 -19.79 25.01
CA PHE C 237 54.67 -18.93 25.98
C PHE C 237 54.92 -19.46 27.38
N GLU C 238 54.85 -18.56 28.36
CA GLU C 238 55.06 -18.93 29.74
C GLU C 238 53.92 -19.84 30.23
N THR C 239 54.20 -20.55 31.32
CA THR C 239 53.23 -21.50 31.85
C THR C 239 52.02 -20.76 32.43
N THR C 240 50.83 -21.21 32.03
CA THR C 240 49.60 -20.62 32.56
C THR C 240 49.40 -21.02 34.01
N PRO C 241 48.61 -20.25 34.76
CA PRO C 241 48.22 -20.71 36.10
C PRO C 241 47.24 -21.87 36.04
N ILE C 242 46.77 -22.33 37.19
CA ILE C 242 45.78 -23.41 37.23
C ILE C 242 44.45 -22.87 36.68
N MET C 243 44.01 -23.44 35.56
CA MET C 243 42.82 -22.95 34.88
C MET C 243 42.11 -24.11 34.21
N SER C 244 41.02 -23.81 33.51
CA SER C 244 40.21 -24.79 32.83
C SER C 244 40.53 -24.81 31.34
N THR C 245 40.14 -25.90 30.68
CA THR C 245 40.46 -26.08 29.26
C THR C 245 39.68 -25.12 28.38
N TYR C 246 38.43 -24.82 28.75
CA TYR C 246 37.59 -23.99 27.89
C TYR C 246 37.98 -22.52 27.93
N LEU C 247 38.89 -22.13 28.82
CA LEU C 247 39.35 -20.75 28.91
C LEU C 247 40.64 -20.50 28.15
N LEU C 248 41.17 -21.50 27.44
CA LEU C 248 42.40 -21.33 26.69
C LEU C 248 42.13 -20.75 25.31
N ALA C 249 43.14 -20.07 24.76
CA ALA C 249 43.01 -19.45 23.45
C ALA C 249 44.39 -19.15 22.89
N TYR C 250 44.49 -19.21 21.55
CA TYR C 250 45.68 -18.78 20.83
C TYR C 250 45.28 -18.41 19.41
N ILE C 251 45.83 -17.29 18.93
CA ILE C 251 45.45 -16.74 17.63
C ILE C 251 46.70 -16.39 16.86
N VAL C 252 46.75 -16.79 15.58
CA VAL C 252 47.85 -16.45 14.69
C VAL C 252 47.29 -15.58 13.57
N SER C 253 47.82 -14.37 13.44
CA SER C 253 47.29 -13.42 12.47
C SER C 253 48.32 -12.31 12.24
N GLU C 254 48.00 -11.43 11.30
CA GLU C 254 48.80 -10.24 11.01
C GLU C 254 48.00 -9.03 11.47
N PHE C 255 48.15 -8.68 12.74
CA PHE C 255 47.40 -7.60 13.36
C PHE C 255 48.34 -6.59 14.01
N SER C 256 47.84 -5.37 14.18
CA SER C 256 48.53 -4.32 14.89
C SER C 256 47.87 -4.11 16.25
N TYR C 257 48.60 -3.44 17.14
CA TYR C 257 48.11 -3.23 18.49
C TYR C 257 48.49 -1.84 19.00
N VAL C 258 47.68 -1.34 19.92
CA VAL C 258 48.00 -0.14 20.70
C VAL C 258 48.12 -0.56 22.15
N GLU C 259 49.20 -0.11 22.80
CA GLU C 259 49.57 -0.60 24.13
C GLU C 259 49.62 0.54 25.13
N THR C 260 49.44 0.19 26.40
CA THR C 260 49.58 1.12 27.51
C THR C 260 49.92 0.31 28.75
N ARG C 261 50.37 1.01 29.79
CA ARG C 261 50.70 0.39 31.06
C ARG C 261 50.00 1.12 32.19
N ALA C 262 49.25 0.37 32.99
CA ALA C 262 48.55 0.92 34.15
C ALA C 262 49.54 1.19 35.28
N PRO C 263 49.19 2.08 36.21
CA PRO C 263 50.06 2.30 37.38
C PRO C 263 50.25 1.05 38.22
N SER C 264 49.32 0.10 38.16
CA SER C 264 49.49 -1.18 38.85
C SER C 264 50.52 -2.07 38.18
N GLY C 265 50.96 -1.74 36.97
CA GLY C 265 51.95 -2.53 36.27
C GLY C 265 51.42 -3.50 35.25
N VAL C 266 50.13 -3.44 34.93
CA VAL C 266 49.52 -4.36 33.98
C VAL C 266 49.63 -3.77 32.58
N LEU C 267 50.13 -4.56 31.64
CA LEU C 267 50.26 -4.13 30.26
C LEU C 267 48.97 -4.42 29.50
N ILE C 268 48.31 -3.37 29.00
CA ILE C 268 47.02 -3.47 28.33
C ILE C 268 47.24 -3.25 26.85
N ARG C 269 46.80 -4.21 26.04
CA ARG C 269 46.95 -4.12 24.59
C ARG C 269 45.60 -4.29 23.90
N ILE C 270 45.40 -3.51 22.84
CA ILE C 270 44.23 -3.62 21.98
C ILE C 270 44.72 -4.01 20.59
N TRP C 271 44.25 -5.14 20.10
CA TRP C 271 44.67 -5.69 18.82
C TRP C 271 43.54 -5.59 17.80
N ALA C 272 43.89 -5.16 16.59
CA ALA C 272 42.94 -5.06 15.49
C ALA C 272 43.72 -5.05 14.19
N ARG C 273 43.00 -4.87 13.09
CA ARG C 273 43.65 -4.77 11.79
C ARG C 273 44.52 -3.52 11.75
N PRO C 274 45.61 -3.54 10.99
CA PRO C 274 46.51 -2.38 10.97
C PRO C 274 45.83 -1.10 10.52
N SER C 275 44.89 -1.17 9.58
CA SER C 275 44.18 0.02 9.13
C SER C 275 43.38 0.64 10.27
N ALA C 276 42.66 -0.19 11.02
CA ALA C 276 41.85 0.33 12.13
C ALA C 276 42.73 0.92 13.22
N ILE C 277 43.86 0.29 13.51
CA ILE C 277 44.78 0.83 14.50
C ILE C 277 45.36 2.17 14.05
N ASN C 278 45.71 2.27 12.76
CA ASN C 278 46.24 3.52 12.24
C ASN C 278 45.18 4.64 12.30
N GLN C 279 43.93 4.30 11.99
CA GLN C 279 42.87 5.31 12.05
C GLN C 279 42.48 5.68 13.47
N GLY C 280 42.97 4.96 14.48
CA GLY C 280 42.68 5.28 15.86
C GLY C 280 41.36 4.76 16.39
N HIS C 281 40.83 3.69 15.80
CA HIS C 281 39.55 3.15 16.21
C HIS C 281 39.61 2.38 17.53
N GLY C 282 40.80 2.09 18.04
CA GLY C 282 40.97 1.39 19.30
C GLY C 282 41.36 2.27 20.47
N ASP C 283 41.24 3.59 20.36
CA ASP C 283 41.69 4.48 21.43
C ASP C 283 40.71 4.49 22.61
N TYR C 284 39.41 4.44 22.33
CA TYR C 284 38.43 4.52 23.41
C TYR C 284 38.47 3.27 24.30
N ALA C 285 38.64 2.09 23.69
CA ALA C 285 38.75 0.86 24.48
C ALA C 285 39.98 0.90 25.37
N LEU C 286 41.12 1.35 24.82
CA LEU C 286 42.33 1.46 25.63
C LEU C 286 42.14 2.47 26.75
N LYS C 287 41.45 3.57 26.46
CA LYS C 287 41.21 4.59 27.49
C LYS C 287 40.36 4.05 28.63
N VAL C 288 39.32 3.27 28.31
CA VAL C 288 38.40 2.83 29.36
C VAL C 288 38.81 1.53 30.03
N THR C 289 39.75 0.76 29.46
CA THR C 289 40.10 -0.52 30.05
C THR C 289 40.75 -0.35 31.42
N GLY C 290 41.63 0.63 31.58
CA GLY C 290 42.35 0.84 32.81
C GLY C 290 41.49 1.16 34.02
N PRO C 291 40.61 2.18 33.90
CA PRO C 291 39.71 2.48 35.01
C PRO C 291 38.81 1.31 35.40
N ILE C 292 38.35 0.53 34.44
CA ILE C 292 37.51 -0.63 34.75
C ILE C 292 38.32 -1.66 35.54
N LEU C 293 39.57 -1.90 35.13
CA LEU C 293 40.42 -2.84 35.87
C LEU C 293 40.67 -2.36 37.29
N ASP C 294 40.92 -1.05 37.46
CA ASP C 294 41.10 -0.52 38.81
C ASP C 294 39.84 -0.68 39.65
N PHE C 295 38.67 -0.40 39.06
CA PHE C 295 37.43 -0.55 39.79
C PHE C 295 37.20 -2.00 40.19
N PHE C 296 37.50 -2.95 39.31
CA PHE C 296 37.30 -4.36 39.64
C PHE C 296 38.32 -4.84 40.67
N SER C 297 39.53 -4.29 40.65
CA SER C 297 40.51 -4.61 41.68
C SER C 297 40.04 -4.13 43.05
N GLN C 298 39.47 -2.93 43.12
CA GLN C 298 39.01 -2.41 44.40
C GLN C 298 37.71 -3.08 44.85
N HIS C 299 36.81 -3.38 43.91
CA HIS C 299 35.51 -3.94 44.24
C HIS C 299 35.64 -5.38 44.74
N TYR C 300 36.41 -6.19 44.02
CA TYR C 300 36.67 -7.57 44.43
C TYR C 300 37.64 -7.66 45.60
N ASP C 301 38.34 -6.57 45.92
CA ASP C 301 39.39 -6.56 46.94
C ASP C 301 40.45 -7.61 46.65
N THR C 302 40.77 -7.78 45.36
CA THR C 302 41.75 -8.74 44.91
C THR C 302 42.44 -8.16 43.68
N PRO C 303 43.77 -8.17 43.63
CA PRO C 303 44.47 -7.64 42.46
C PRO C 303 44.24 -8.50 41.23
N TYR C 304 44.53 -7.92 40.08
CA TYR C 304 44.37 -8.61 38.81
C TYR C 304 45.27 -9.84 38.79
N PRO C 305 44.72 -11.03 38.54
CA PRO C 305 45.54 -12.26 38.70
C PRO C 305 46.70 -12.38 37.73
N LEU C 306 46.66 -11.71 36.59
CA LEU C 306 47.66 -11.90 35.54
C LEU C 306 48.54 -10.66 35.42
N ASN C 307 49.44 -10.69 34.43
CA ASN C 307 50.34 -9.57 34.17
C ASN C 307 49.96 -8.75 32.96
N LYS C 308 49.31 -9.35 31.96
CA LYS C 308 48.91 -8.66 30.75
C LYS C 308 47.41 -8.79 30.53
N SER C 309 46.87 -7.88 29.71
CA SER C 309 45.46 -7.88 29.35
C SER C 309 45.37 -7.51 27.88
N ASP C 310 45.17 -8.52 27.03
CA ASP C 310 45.04 -8.31 25.60
C ASP C 310 43.57 -8.45 25.20
N GLN C 311 43.09 -7.50 24.41
CA GLN C 311 41.74 -7.56 23.85
C GLN C 311 41.85 -7.42 22.35
N ILE C 312 41.34 -8.41 21.61
CA ILE C 312 41.52 -8.47 20.17
C ILE C 312 40.16 -8.46 19.49
N ALA C 313 40.03 -7.62 18.47
CA ALA C 313 38.80 -7.49 17.71
C ALA C 313 38.91 -8.26 16.40
N LEU C 314 37.92 -9.13 16.12
CA LEU C 314 37.91 -9.95 14.93
C LEU C 314 36.84 -9.47 13.95
N PRO C 315 37.15 -9.45 12.65
CA PRO C 315 36.15 -8.97 11.67
C PRO C 315 34.88 -9.81 11.64
N ASP C 316 34.96 -11.11 11.91
CA ASP C 316 33.79 -11.98 11.90
C ASP C 316 33.84 -12.86 13.14
N PHE C 317 32.95 -12.58 14.10
CA PHE C 317 32.89 -13.35 15.34
C PHE C 317 31.43 -13.36 15.79
N ASN C 318 30.69 -14.41 15.44
CA ASN C 318 29.27 -14.49 15.74
C ASN C 318 29.00 -14.65 17.23
N ALA C 319 29.95 -15.16 18.00
CA ALA C 319 29.73 -15.36 19.43
C ALA C 319 29.61 -14.04 20.18
N GLY C 320 30.10 -12.94 19.62
CA GLY C 320 30.04 -11.65 20.28
C GLY C 320 31.26 -11.34 21.12
N ALA C 321 31.48 -12.12 22.17
CA ALA C 321 32.64 -11.93 23.04
C ALA C 321 32.86 -13.19 23.86
N MET C 322 34.12 -13.52 24.11
CA MET C 322 34.50 -14.67 24.91
C MET C 322 35.54 -14.26 25.94
N GLU C 323 35.36 -14.73 27.17
CA GLU C 323 36.17 -14.28 28.31
C GLU C 323 37.35 -15.22 28.55
N ASN C 324 38.17 -15.39 27.53
CA ASN C 324 39.40 -16.17 27.68
C ASN C 324 40.36 -15.44 28.63
N TRP C 325 41.00 -16.20 29.50
CA TRP C 325 41.82 -15.62 30.55
C TRP C 325 43.09 -15.02 29.95
N GLY C 326 43.17 -13.69 29.94
CA GLY C 326 44.32 -12.97 29.46
C GLY C 326 44.25 -12.54 28.01
N LEU C 327 43.37 -13.14 27.21
CA LEU C 327 43.22 -12.80 25.80
C LEU C 327 41.73 -12.80 25.48
N VAL C 328 41.08 -11.65 25.65
CA VAL C 328 39.65 -11.53 25.40
C VAL C 328 39.41 -11.26 23.92
N THR C 329 38.40 -11.92 23.36
CA THR C 329 38.08 -11.83 21.94
C THR C 329 36.74 -11.14 21.77
N TYR C 330 36.71 -10.10 20.95
CA TYR C 330 35.49 -9.37 20.61
C TYR C 330 35.27 -9.40 19.11
N ARG C 331 34.06 -9.04 18.70
CA ARG C 331 33.81 -8.69 17.30
C ARG C 331 34.13 -7.22 17.11
N GLU C 332 34.68 -6.88 15.95
CA GLU C 332 35.14 -5.52 15.72
C GLU C 332 33.98 -4.51 15.71
N SER C 333 32.75 -4.96 15.47
CA SER C 333 31.61 -4.06 15.52
C SER C 333 31.22 -3.67 16.94
N ALA C 334 31.79 -4.33 17.95
CA ALA C 334 31.45 -4.06 19.33
C ALA C 334 32.62 -3.57 20.18
N LEU C 335 33.83 -3.54 19.64
CA LEU C 335 35.00 -3.09 20.39
C LEU C 335 35.61 -1.81 19.84
N LEU C 336 35.52 -1.57 18.55
CA LEU C 336 36.11 -0.40 17.91
C LEU C 336 35.10 0.74 17.85
N TYR C 337 35.57 1.95 18.16
CA TYR C 337 34.73 3.14 18.16
C TYR C 337 35.33 4.17 17.23
N ASP C 338 34.52 4.70 16.33
CA ASP C 338 34.93 5.75 15.40
C ASP C 338 34.24 7.04 15.80
N ARG C 339 35.03 8.06 16.11
CA ARG C 339 34.48 9.34 16.56
C ARG C 339 33.86 10.15 15.43
N GLN C 340 33.73 9.61 14.23
CA GLN C 340 33.18 10.35 13.10
C GLN C 340 31.87 9.78 12.57
N SER C 341 31.54 8.53 12.87
CA SER C 341 30.32 7.93 12.34
C SER C 341 29.56 7.09 13.35
N SER C 342 29.99 7.05 14.61
CA SER C 342 29.36 6.22 15.63
C SER C 342 28.49 7.07 16.54
N SER C 343 27.35 6.51 16.94
CA SER C 343 26.42 7.19 17.82
C SER C 343 26.71 6.83 19.28
N SER C 344 25.83 7.32 20.18
CA SER C 344 26.03 7.08 21.61
C SER C 344 25.72 5.64 21.99
N GLY C 345 24.79 4.99 21.30
CA GLY C 345 24.50 3.60 21.57
C GLY C 345 25.69 2.70 21.35
N ASN C 346 26.47 2.97 20.30
CA ASN C 346 27.68 2.20 20.06
C ASN C 346 28.70 2.38 21.18
N GLN C 347 28.87 3.61 21.66
CA GLN C 347 29.82 3.85 22.75
C GLN C 347 29.38 3.16 24.03
N GLU C 348 28.09 3.23 24.34
CA GLU C 348 27.58 2.53 25.52
C GLU C 348 27.77 1.02 25.38
N ARG C 349 27.51 0.47 24.19
CA ARG C 349 27.72 -0.96 23.99
C ARG C 349 29.18 -1.33 24.18
N VAL C 350 30.10 -0.51 23.66
CA VAL C 350 31.52 -0.79 23.82
C VAL C 350 31.91 -0.84 25.28
N VAL C 351 31.54 0.19 26.05
CA VAL C 351 31.97 0.25 27.44
C VAL C 351 31.33 -0.88 28.25
N THR C 352 30.05 -1.19 27.99
CA THR C 352 29.38 -2.24 28.75
C THR C 352 29.93 -3.61 28.42
N VAL C 353 30.24 -3.88 27.15
CA VAL C 353 30.79 -5.19 26.79
C VAL C 353 32.20 -5.35 27.36
N ILE C 354 32.98 -4.27 27.37
CA ILE C 354 34.31 -4.34 27.97
C ILE C 354 34.20 -4.65 29.46
N ALA C 355 33.30 -3.96 30.16
CA ALA C 355 33.12 -4.23 31.59
C ALA C 355 32.65 -5.65 31.84
N HIS C 356 31.72 -6.13 31.03
CA HIS C 356 31.19 -7.49 31.19
C HIS C 356 32.29 -8.53 31.00
N GLU C 357 33.13 -8.35 29.99
CA GLU C 357 34.18 -9.34 29.75
C GLU C 357 35.32 -9.23 30.76
N LEU C 358 35.61 -8.03 31.27
CA LEU C 358 36.64 -7.90 32.29
C LEU C 358 36.18 -8.37 33.66
N ALA C 359 34.86 -8.41 33.91
CA ALA C 359 34.38 -8.93 35.18
C ALA C 359 34.68 -10.43 35.34
N HIS C 360 34.72 -11.17 34.24
CA HIS C 360 34.94 -12.61 34.30
C HIS C 360 36.36 -12.98 34.74
N GLN C 361 37.29 -12.03 34.72
CA GLN C 361 38.67 -12.35 35.06
C GLN C 361 38.81 -12.79 36.52
N TRP C 362 37.93 -12.30 37.39
CA TRP C 362 37.89 -12.75 38.79
C TRP C 362 36.80 -13.78 39.02
N PHE C 363 35.55 -13.42 38.72
CA PHE C 363 34.40 -14.28 38.98
C PHE C 363 34.11 -15.08 37.73
N GLY C 364 34.63 -16.31 37.68
CA GLY C 364 34.43 -17.16 36.52
C GLY C 364 35.72 -17.82 36.05
N ASN C 365 36.84 -17.12 36.17
CA ASN C 365 38.15 -17.65 35.80
C ASN C 365 39.01 -17.98 37.00
N LEU C 366 39.13 -17.06 37.95
CA LEU C 366 39.85 -17.36 39.20
C LEU C 366 39.13 -18.44 39.99
N VAL C 367 37.80 -18.37 40.07
CA VAL C 367 36.96 -19.40 40.65
C VAL C 367 35.96 -19.83 39.59
N THR C 368 35.92 -21.12 39.29
CA THR C 368 35.13 -21.65 38.20
C THR C 368 33.97 -22.50 38.73
N LEU C 369 32.97 -22.70 37.88
CA LEU C 369 31.86 -23.56 38.23
C LEU C 369 32.28 -25.02 38.27
N GLU C 370 31.66 -25.79 39.15
CA GLU C 370 31.96 -27.22 39.24
C GLU C 370 31.38 -27.97 38.04
N TRP C 371 30.19 -27.59 37.60
CA TRP C 371 29.56 -28.20 36.43
C TRP C 371 28.64 -27.18 35.79
N TRP C 372 28.26 -27.46 34.54
CA TRP C 372 27.54 -26.51 33.69
C TRP C 372 26.12 -26.24 34.15
N ASN C 373 25.67 -26.78 35.28
CA ASN C 373 24.34 -26.50 35.78
C ASN C 373 24.28 -25.25 36.65
N ASP C 374 25.42 -24.65 36.99
CA ASP C 374 25.47 -23.43 37.79
C ASP C 374 25.87 -22.21 36.97
N LEU C 375 25.85 -22.33 35.64
CA LEU C 375 26.30 -21.26 34.76
C LEU C 375 25.57 -19.95 35.02
N TRP C 376 24.28 -20.02 35.37
CA TRP C 376 23.51 -18.80 35.63
C TRP C 376 24.19 -17.94 36.70
N LEU C 377 24.85 -18.57 37.67
CA LEU C 377 25.51 -17.80 38.72
C LEU C 377 26.66 -16.99 38.15
N ASN C 378 27.41 -17.57 37.20
CA ASN C 378 28.54 -16.86 36.62
C ASN C 378 28.08 -15.72 35.72
N GLU C 379 27.40 -16.07 34.63
CA GLU C 379 27.02 -15.06 33.64
C GLU C 379 26.18 -13.97 34.27
N GLY C 380 25.15 -14.35 35.03
CA GLY C 380 24.31 -13.35 35.66
C GLY C 380 25.11 -12.38 36.51
N PHE C 381 26.07 -12.89 37.27
CA PHE C 381 26.90 -11.99 38.09
C PHE C 381 27.57 -10.96 37.20
N ALA C 382 28.21 -11.39 36.11
CA ALA C 382 28.82 -10.44 35.19
C ALA C 382 27.78 -9.49 34.66
N SER C 383 26.62 -10.03 34.25
CA SER C 383 25.57 -9.20 33.68
C SER C 383 25.08 -8.15 34.67
N TYR C 384 25.32 -8.34 35.96
CA TYR C 384 24.96 -7.32 36.93
C TYR C 384 26.09 -6.32 37.16
N VAL C 385 27.34 -6.78 37.19
CA VAL C 385 28.42 -5.89 37.63
C VAL C 385 28.97 -5.03 36.50
N GLU C 386 28.74 -5.42 35.24
CA GLU C 386 29.24 -4.62 34.12
C GLU C 386 28.80 -3.17 34.24
N TYR C 387 27.50 -2.94 34.45
CA TYR C 387 27.01 -1.58 34.65
C TYR C 387 27.80 -0.86 35.74
N LEU C 388 27.98 -1.51 36.89
CA LEU C 388 28.77 -0.91 37.95
C LEU C 388 30.15 -0.52 37.45
N GLY C 389 30.85 -1.45 36.79
CA GLY C 389 32.14 -1.11 36.22
C GLY C 389 32.02 0.03 35.23
N ALA C 390 31.03 -0.05 34.34
CA ALA C 390 30.82 1.04 33.40
C ALA C 390 30.48 2.33 34.12
N ASP C 391 29.71 2.23 35.22
CA ASP C 391 29.36 3.42 35.97
C ASP C 391 30.60 4.09 36.54
N PHE C 392 31.66 3.31 36.78
CA PHE C 392 32.91 3.90 37.23
C PHE C 392 33.66 4.57 36.08
N ALA C 393 33.58 3.98 34.88
CA ALA C 393 34.30 4.55 33.75
C ALA C 393 33.61 5.80 33.20
N GLU C 394 32.28 5.86 33.31
CA GLU C 394 31.48 6.99 32.83
C GLU C 394 30.59 7.46 33.96
N PRO C 395 31.13 8.27 34.88
CA PRO C 395 30.34 8.66 36.06
C PRO C 395 29.07 9.43 35.74
N THR C 396 29.05 10.20 34.66
CA THR C 396 27.95 11.09 34.36
C THR C 396 26.87 10.46 33.46
N TRP C 397 27.01 9.19 33.12
CA TRP C 397 26.07 8.56 32.19
C TRP C 397 24.86 7.93 32.87
N ASN C 398 24.89 7.75 34.19
CA ASN C 398 23.80 7.12 34.93
C ASN C 398 23.42 5.77 34.32
N LEU C 399 24.44 4.95 34.10
CA LEU C 399 24.24 3.68 33.40
C LEU C 399 23.46 2.65 34.22
N LYS C 400 23.62 2.65 35.55
CA LYS C 400 22.96 1.66 36.38
C LYS C 400 21.44 1.72 36.31
N ASP C 401 20.87 2.83 35.83
CA ASP C 401 19.43 2.92 35.65
C ASP C 401 18.95 2.20 34.40
N LEU C 402 19.81 2.04 33.38
CA LEU C 402 19.39 1.38 32.15
C LEU C 402 19.19 -0.12 32.31
N MET C 403 19.85 -0.74 33.30
CA MET C 403 19.82 -2.19 33.44
C MET C 403 18.39 -2.72 33.44
N VAL C 404 17.49 -2.08 34.19
CA VAL C 404 16.09 -2.49 34.19
C VAL C 404 15.57 -2.61 32.77
N LEU C 405 15.60 -1.50 32.02
CA LEU C 405 15.09 -1.51 30.66
C LEU C 405 15.81 -2.55 29.82
N ASN C 406 17.10 -2.77 30.10
CA ASN C 406 17.85 -3.74 29.31
C ASN C 406 17.61 -5.16 29.76
N ASP C 407 17.39 -5.39 31.06
CA ASP C 407 17.36 -6.77 31.54
C ASP C 407 16.01 -7.18 32.09
N VAL C 408 15.54 -6.50 33.15
CA VAL C 408 14.35 -6.97 33.87
C VAL C 408 13.16 -7.02 32.94
N TYR C 409 12.79 -5.88 32.36
CA TYR C 409 11.65 -5.83 31.46
C TYR C 409 11.88 -6.70 30.24
N ARG C 410 13.14 -7.02 29.92
CA ARG C 410 13.39 -7.89 28.78
C ARG C 410 13.11 -9.35 29.13
N VAL C 411 13.36 -9.74 30.38
CA VAL C 411 13.19 -11.15 30.75
C VAL C 411 11.79 -11.44 31.27
N MET C 412 11.14 -10.46 31.91
CA MET C 412 9.76 -10.66 32.37
C MET C 412 8.81 -10.97 31.22
N ALA C 413 9.15 -10.57 30.00
CA ALA C 413 8.34 -10.95 28.85
C ALA C 413 8.34 -12.45 28.63
N VAL C 414 9.49 -13.10 28.80
CA VAL C 414 9.56 -14.54 28.55
C VAL C 414 9.42 -15.36 29.84
N ASP C 415 9.62 -14.76 31.01
CA ASP C 415 9.45 -15.46 32.26
C ASP C 415 8.00 -15.52 32.72
N ALA C 416 7.11 -14.75 32.10
CA ALA C 416 5.69 -14.76 32.43
C ALA C 416 4.90 -15.75 31.57
N LEU C 417 5.56 -16.77 31.04
CA LEU C 417 4.92 -17.80 30.23
C LEU C 417 5.00 -19.14 30.94
N ALA C 418 4.06 -20.02 30.63
CA ALA C 418 4.04 -21.35 31.24
C ALA C 418 5.16 -22.25 30.72
N SER C 419 5.87 -21.83 29.67
CA SER C 419 6.95 -22.60 29.10
C SER C 419 8.32 -22.23 29.68
N SER C 420 8.34 -21.38 30.70
CA SER C 420 9.60 -20.97 31.31
C SER C 420 10.22 -22.13 32.10
N HIS C 421 11.42 -21.91 32.62
CA HIS C 421 12.13 -22.91 33.40
C HIS C 421 12.86 -22.22 34.54
N PRO C 422 13.13 -22.94 35.63
CA PRO C 422 13.88 -22.34 36.73
C PRO C 422 15.34 -22.09 36.36
N LEU C 423 15.97 -21.22 37.15
CA LEU C 423 17.40 -20.95 36.98
C LEU C 423 18.24 -22.18 37.27
N SER C 424 17.92 -22.91 38.34
CA SER C 424 18.75 -23.98 38.86
C SER C 424 18.13 -25.33 38.54
N THR C 425 18.96 -26.26 38.07
CA THR C 425 18.57 -27.63 37.78
C THR C 425 19.63 -28.57 38.34
N PRO C 426 19.25 -29.81 38.69
CA PRO C 426 20.24 -30.77 39.16
C PRO C 426 21.27 -31.10 38.09
N ALA C 427 22.49 -31.42 38.54
CA ALA C 427 23.59 -31.67 37.62
C ALA C 427 23.36 -32.94 36.79
N SER C 428 22.61 -33.90 37.32
CA SER C 428 22.35 -35.15 36.61
C SER C 428 21.49 -34.96 35.37
N GLU C 429 20.86 -33.80 35.19
CA GLU C 429 20.01 -33.55 34.05
C GLU C 429 20.74 -32.92 32.86
N ILE C 430 22.04 -32.68 32.99
CA ILE C 430 22.84 -32.09 31.91
C ILE C 430 24.04 -33.01 31.70
N ASN C 431 23.98 -33.85 30.69
CA ASN C 431 25.09 -34.73 30.33
C ASN C 431 25.52 -34.60 28.87
N THR C 432 24.56 -34.49 27.97
CA THR C 432 24.80 -34.38 26.53
C THR C 432 25.34 -32.99 26.20
N PRO C 433 26.29 -32.87 25.26
CA PRO C 433 26.76 -31.54 24.87
C PRO C 433 25.66 -30.63 24.34
N ALA C 434 24.61 -31.18 23.72
CA ALA C 434 23.46 -30.37 23.36
C ALA C 434 22.76 -29.83 24.60
N GLN C 435 22.61 -30.66 25.63
CA GLN C 435 22.06 -30.19 26.89
C GLN C 435 22.95 -29.12 27.51
N ILE C 436 24.27 -29.26 27.39
CA ILE C 436 25.19 -28.25 27.90
C ILE C 436 25.01 -26.95 27.15
N SER C 437 24.87 -27.00 25.83
CA SER C 437 24.66 -25.79 25.05
C SER C 437 23.30 -25.16 25.31
N GLU C 438 22.32 -25.96 25.76
CA GLU C 438 20.98 -25.43 26.00
C GLU C 438 20.92 -24.44 27.16
N VAL C 439 21.87 -24.48 28.08
CA VAL C 439 21.80 -23.62 29.26
C VAL C 439 22.24 -22.19 29.00
N PHE C 440 22.75 -21.90 27.80
CA PHE C 440 23.17 -20.53 27.44
C PHE C 440 21.98 -19.82 26.79
N ASP C 441 21.04 -19.40 27.64
CA ASP C 441 19.83 -18.73 27.19
C ASP C 441 19.67 -17.41 27.93
N SER C 442 18.70 -16.61 27.47
CA SER C 442 18.50 -15.27 28.03
C SER C 442 18.06 -15.32 29.48
N ILE C 443 17.41 -16.40 29.91
CA ILE C 443 17.01 -16.53 31.31
C ILE C 443 18.24 -16.50 32.21
N SER C 444 19.23 -17.34 31.90
CA SER C 444 20.40 -17.48 32.77
C SER C 444 21.14 -16.16 32.93
N TYR C 445 21.17 -15.33 31.88
CA TYR C 445 21.81 -14.03 31.98
C TYR C 445 20.94 -13.03 32.72
N SER C 446 19.75 -12.74 32.17
CA SER C 446 18.96 -11.61 32.65
C SER C 446 18.35 -11.88 34.02
N LYS C 447 17.71 -13.04 34.20
CA LYS C 447 17.08 -13.31 35.49
C LYS C 447 18.11 -13.55 36.58
N GLY C 448 19.25 -14.15 36.23
CA GLY C 448 20.34 -14.27 37.18
C GLY C 448 20.84 -12.91 37.63
N ALA C 449 21.03 -11.99 36.68
CA ALA C 449 21.42 -10.63 37.04
C ALA C 449 20.37 -9.97 37.92
N SER C 450 19.10 -10.17 37.62
CA SER C 450 18.03 -9.55 38.41
C SER C 450 18.01 -10.07 39.84
N VAL C 451 18.10 -11.39 40.01
CA VAL C 451 18.04 -11.95 41.36
C VAL C 451 19.29 -11.59 42.16
N LEU C 452 20.45 -11.54 41.49
CA LEU C 452 21.67 -11.14 42.20
C LEU C 452 21.63 -9.67 42.58
N ARG C 453 21.04 -8.83 41.73
CA ARG C 453 20.87 -7.42 42.07
C ARG C 453 19.93 -7.25 43.27
N MET C 454 18.83 -8.02 43.29
CA MET C 454 17.92 -7.97 44.43
C MET C 454 18.61 -8.42 45.71
N LEU C 455 19.37 -9.52 45.63
CA LEU C 455 20.10 -10.01 46.79
C LEU C 455 21.11 -8.98 47.29
N SER C 456 21.84 -8.35 46.38
CA SER C 456 22.78 -7.30 46.77
C SER C 456 22.07 -6.13 47.41
N ASN C 457 20.85 -5.81 46.94
CA ASN C 457 20.16 -4.64 47.48
C ASN C 457 19.60 -4.90 48.89
N PHE C 458 19.05 -6.09 49.14
CA PHE C 458 18.51 -6.28 50.49
C PHE C 458 19.57 -6.75 51.49
N LEU C 459 20.81 -6.99 51.05
CA LEU C 459 21.91 -7.27 51.96
C LEU C 459 22.89 -6.10 52.09
N THR C 460 22.59 -4.97 51.44
CA THR C 460 23.47 -3.80 51.38
C THR C 460 24.73 -4.11 50.57
N GLU C 461 25.34 -3.07 50.00
CA GLU C 461 26.49 -3.28 49.12
C GLU C 461 27.73 -3.71 49.89
N ASP C 462 27.91 -3.19 51.11
CA ASP C 462 29.12 -3.50 51.87
C ASP C 462 29.18 -4.97 52.25
N LEU C 463 28.08 -5.52 52.78
CA LEU C 463 28.07 -6.93 53.16
C LEU C 463 28.21 -7.82 51.93
N PHE C 464 27.57 -7.43 50.82
CA PHE C 464 27.69 -8.20 49.58
C PHE C 464 29.13 -8.24 49.10
N LYS C 465 29.81 -7.10 49.13
CA LYS C 465 31.21 -7.06 48.71
C LYS C 465 32.10 -7.87 49.64
N MET C 466 31.85 -7.81 50.95
CA MET C 466 32.63 -8.60 51.89
C MET C 466 32.45 -10.09 51.65
N GLY C 467 31.22 -10.52 51.42
CA GLY C 467 30.97 -11.93 51.12
C GLY C 467 31.63 -12.36 49.83
N ILE C 468 31.56 -11.52 48.80
CA ILE C 468 32.19 -11.84 47.53
C ILE C 468 33.70 -11.96 47.69
N ALA C 469 34.31 -11.04 48.44
CA ALA C 469 35.75 -11.08 48.67
C ALA C 469 36.15 -12.34 49.43
N SER C 470 35.39 -12.70 50.46
CA SER C 470 35.69 -13.93 51.19
C SER C 470 35.57 -15.15 50.30
N TYR C 471 34.53 -15.19 49.48
CA TYR C 471 34.33 -16.31 48.57
C TYR C 471 35.47 -16.42 47.56
N LEU C 472 35.91 -15.29 47.03
CA LEU C 472 37.02 -15.30 46.07
C LEU C 472 38.32 -15.73 46.73
N HIS C 473 38.57 -15.27 47.95
CA HIS C 473 39.82 -15.62 48.63
C HIS C 473 39.85 -17.09 49.01
N THR C 474 38.72 -17.64 49.45
CA THR C 474 38.71 -19.01 49.96
C THR C 474 38.91 -20.03 48.85
N TYR C 475 38.31 -19.81 47.68
CA TYR C 475 38.24 -20.83 46.64
C TYR C 475 39.02 -20.44 45.38
N LYS C 476 40.09 -19.67 45.52
CA LYS C 476 40.87 -19.28 44.35
C LYS C 476 41.54 -20.50 43.73
N TYR C 477 41.57 -20.52 42.40
CA TYR C 477 42.08 -21.66 41.62
C TYR C 477 41.34 -22.95 41.97
N GLY C 478 40.02 -22.84 42.11
CA GLY C 478 39.19 -24.00 42.45
C GLY C 478 37.82 -23.94 41.82
N ASN C 479 36.95 -24.88 42.21
CA ASN C 479 35.59 -24.96 41.70
C ASN C 479 34.60 -24.89 42.85
N THR C 480 33.42 -24.33 42.59
CA THR C 480 32.44 -24.10 43.63
C THR C 480 31.03 -24.39 43.12
N ILE C 481 30.08 -24.36 44.06
CA ILE C 481 28.66 -24.36 43.79
C ILE C 481 28.06 -23.14 44.48
N TYR C 482 26.80 -22.83 44.16
CA TYR C 482 26.18 -21.63 44.72
C TYR C 482 25.97 -21.74 46.23
N LEU C 483 25.90 -22.95 46.77
CA LEU C 483 25.75 -23.11 48.20
C LEU C 483 26.94 -22.54 48.97
N ASN C 484 28.15 -22.62 48.39
CA ASN C 484 29.32 -22.03 49.04
C ASN C 484 29.19 -20.51 49.14
N LEU C 485 28.72 -19.87 48.06
CA LEU C 485 28.50 -18.43 48.09
C LEU C 485 27.43 -18.06 49.10
N TRP C 486 26.35 -18.85 49.16
CA TRP C 486 25.31 -18.60 50.16
C TRP C 486 25.88 -18.72 51.57
N GLU C 487 26.72 -19.71 51.81
CA GLU C 487 27.32 -19.90 53.13
C GLU C 487 28.21 -18.72 53.50
N HIS C 488 29.01 -18.23 52.55
CA HIS C 488 29.87 -17.08 52.84
C HIS C 488 29.04 -15.84 53.13
N LEU C 489 27.98 -15.62 52.36
CA LEU C 489 27.10 -14.48 52.63
C LEU C 489 26.43 -14.61 53.99
N GLN C 490 26.02 -15.82 54.36
CA GLN C 490 25.40 -16.03 55.67
C GLN C 490 26.39 -15.78 56.79
N GLN C 491 27.65 -16.19 56.60
CA GLN C 491 28.68 -15.91 57.60
C GLN C 491 28.88 -14.42 57.77
N VAL C 492 28.91 -13.67 56.66
CA VAL C 492 29.06 -12.23 56.75
C VAL C 492 27.87 -11.60 57.46
N VAL C 493 26.66 -12.09 57.17
CA VAL C 493 25.46 -11.55 57.79
C VAL C 493 25.45 -11.81 59.28
N ASP C 494 25.84 -13.02 59.69
CA ASP C 494 25.79 -13.38 61.11
C ASP C 494 26.78 -12.60 61.94
N LYS C 495 27.80 -12.03 61.32
CA LYS C 495 28.84 -11.30 62.05
C LYS C 495 28.50 -9.83 62.29
N GLN C 496 27.30 -9.39 61.92
CA GLN C 496 26.87 -8.02 62.11
C GLN C 496 25.48 -8.01 62.72
N PRO C 497 25.17 -7.03 63.57
CA PRO C 497 23.85 -7.00 64.20
C PRO C 497 22.84 -6.11 63.50
N THR C 498 23.28 -5.34 62.50
CA THR C 498 22.42 -4.32 61.90
C THR C 498 21.33 -4.92 61.04
N ILE C 499 21.69 -5.81 60.12
CA ILE C 499 20.75 -6.35 59.14
C ILE C 499 20.16 -7.66 59.65
N LYS C 500 18.84 -7.76 59.65
CA LYS C 500 18.12 -8.95 60.09
C LYS C 500 17.26 -9.47 58.95
N LEU C 501 17.30 -10.78 58.74
CA LEU C 501 16.57 -11.43 57.66
C LEU C 501 15.51 -12.37 58.22
N PRO C 502 14.40 -12.56 57.50
CA PRO C 502 13.38 -13.51 57.97
C PRO C 502 13.85 -14.95 58.02
N ASP C 503 14.89 -15.30 57.27
CA ASP C 503 15.42 -16.66 57.22
C ASP C 503 16.87 -16.58 56.77
N THR C 504 17.46 -17.72 56.42
CA THR C 504 18.81 -17.76 55.92
C THR C 504 18.86 -17.30 54.47
N VAL C 505 20.06 -17.00 53.99
CA VAL C 505 20.23 -16.56 52.61
C VAL C 505 19.83 -17.66 51.64
N SER C 506 20.24 -18.90 51.92
CA SER C 506 19.91 -20.01 51.03
C SER C 506 18.41 -20.27 50.99
N ALA C 507 17.74 -20.18 52.14
CA ALA C 507 16.30 -20.39 52.18
C ALA C 507 15.56 -19.34 51.36
N ILE C 508 16.01 -18.10 51.43
CA ILE C 508 15.38 -17.03 50.64
C ILE C 508 15.66 -17.23 49.15
N MET C 509 16.90 -17.59 48.80
CA MET C 509 17.25 -17.73 47.40
C MET C 509 16.66 -18.98 46.75
N ASP C 510 16.26 -19.97 47.57
CA ASP C 510 15.61 -21.16 47.02
C ASP C 510 14.31 -20.80 46.32
N ARG C 511 13.56 -19.86 46.88
CA ARG C 511 12.29 -19.45 46.27
C ARG C 511 12.52 -18.81 44.90
N TRP C 512 13.69 -18.23 44.67
CA TRP C 512 13.95 -17.50 43.44
C TRP C 512 14.79 -18.26 42.43
N ILE C 513 15.44 -19.35 42.82
CA ILE C 513 16.24 -20.12 41.88
C ILE C 513 15.67 -21.51 41.59
N LEU C 514 14.73 -22.00 42.39
CA LEU C 514 14.21 -23.35 42.20
C LEU C 514 12.86 -23.40 41.51
N GLN C 515 12.14 -22.29 41.39
CA GLN C 515 10.87 -22.26 40.70
C GLN C 515 10.87 -21.13 39.68
N MET C 516 10.13 -21.35 38.59
CA MET C 516 10.06 -20.39 37.50
C MET C 516 9.04 -19.29 37.80
N GLY C 517 9.19 -18.18 37.07
CA GLY C 517 8.26 -17.08 37.17
C GLY C 517 8.58 -16.11 38.30
N PHE C 518 7.73 -15.11 38.40
CA PHE C 518 7.83 -14.07 39.42
C PHE C 518 6.43 -13.77 39.92
N PRO C 519 6.30 -13.19 41.11
CA PRO C 519 4.98 -12.86 41.64
C PRO C 519 4.50 -11.47 41.24
N VAL C 520 3.18 -11.30 41.36
CA VAL C 520 2.53 -10.00 41.36
C VAL C 520 1.99 -9.78 42.77
N ILE C 521 2.28 -8.62 43.32
CA ILE C 521 1.92 -8.24 44.69
C ILE C 521 0.79 -7.24 44.61
N THR C 522 -0.37 -7.59 45.17
CA THR C 522 -1.54 -6.74 45.17
C THR C 522 -1.72 -6.12 46.55
N VAL C 523 -1.97 -4.82 46.59
CA VAL C 523 -2.10 -4.07 47.84
C VAL C 523 -3.47 -3.43 47.88
N ASP C 524 -4.18 -3.63 48.98
CA ASP C 524 -5.44 -2.94 49.28
C ASP C 524 -5.17 -1.97 50.41
N THR C 525 -5.22 -0.67 50.10
CA THR C 525 -4.87 0.38 51.04
C THR C 525 -6.03 0.79 51.93
N GLN C 526 -7.26 0.37 51.63
CA GLN C 526 -8.37 0.62 52.55
C GLN C 526 -8.18 -0.12 53.86
N THR C 527 -7.69 -1.36 53.81
CA THR C 527 -7.40 -2.14 54.99
C THR C 527 -5.92 -2.44 55.18
N GLY C 528 -5.08 -2.16 54.18
CA GLY C 528 -3.67 -2.47 54.28
C GLY C 528 -3.30 -3.90 54.00
N THR C 529 -4.15 -4.65 53.31
CA THR C 529 -3.87 -6.06 53.05
C THR C 529 -2.96 -6.21 51.84
N ILE C 530 -2.09 -7.22 51.90
CA ILE C 530 -1.10 -7.44 50.85
C ILE C 530 -1.08 -8.92 50.50
N SER C 531 -1.14 -9.22 49.20
CA SER C 531 -1.20 -10.60 48.74
C SER C 531 -0.27 -10.79 47.56
N GLN C 532 0.07 -12.04 47.28
CA GLN C 532 0.97 -12.39 46.20
C GLN C 532 0.35 -13.49 45.35
N GLN C 533 0.68 -13.49 44.05
CA GLN C 533 0.15 -14.50 43.15
C GLN C 533 1.13 -14.71 42.00
N HIS C 534 1.18 -15.93 41.49
CA HIS C 534 2.00 -16.21 40.32
C HIS C 534 1.45 -15.47 39.11
N PHE C 535 2.29 -14.66 38.47
CA PHE C 535 1.84 -13.81 37.37
C PHE C 535 2.04 -14.52 36.03
N LEU C 536 1.01 -14.47 35.19
CA LEU C 536 1.06 -15.01 33.84
C LEU C 536 0.42 -14.01 32.89
N LEU C 537 1.03 -13.85 31.71
CA LEU C 537 0.49 -12.92 30.73
C LEU C 537 -0.82 -13.42 30.12
N ASP C 538 -0.97 -14.74 29.99
CA ASP C 538 -2.18 -15.32 29.43
C ASP C 538 -3.15 -15.64 30.57
N PRO C 539 -4.31 -14.99 30.65
CA PRO C 539 -5.25 -15.28 31.74
C PRO C 539 -5.81 -16.70 31.69
N GLN C 540 -5.79 -17.36 30.54
CA GLN C 540 -6.31 -18.71 30.38
C GLN C 540 -5.20 -19.73 30.17
N SER C 541 -4.07 -19.53 30.84
CA SER C 541 -2.92 -20.41 30.72
C SER C 541 -2.93 -21.44 31.86
N VAL C 542 -2.50 -22.65 31.55
CA VAL C 542 -2.43 -23.74 32.51
C VAL C 542 -0.96 -24.07 32.74
N VAL C 543 -0.53 -24.03 34.00
CA VAL C 543 0.84 -24.35 34.37
C VAL C 543 0.89 -25.81 34.79
N THR C 544 1.71 -26.60 34.09
CA THR C 544 1.84 -28.02 34.37
C THR C 544 3.15 -28.38 35.04
N ARG C 545 4.05 -27.41 35.25
CA ARG C 545 5.32 -27.67 35.91
C ARG C 545 5.11 -27.56 37.41
N PRO C 546 5.27 -28.64 38.18
CA PRO C 546 5.04 -28.56 39.62
C PRO C 546 6.13 -27.76 40.33
N SER C 547 5.77 -27.21 41.48
CA SER C 547 6.68 -26.44 42.31
C SER C 547 6.58 -26.95 43.75
N GLN C 548 7.74 -27.06 44.41
CA GLN C 548 7.75 -27.51 45.80
C GLN C 548 7.27 -26.45 46.77
N PHE C 549 7.30 -25.18 46.37
CA PHE C 549 6.83 -24.08 47.19
C PHE C 549 5.42 -23.62 46.83
N ASN C 550 4.78 -24.30 45.87
CA ASN C 550 3.45 -23.94 45.39
C ASN C 550 3.40 -22.50 44.88
N TYR C 551 4.50 -22.05 44.27
CA TYR C 551 4.62 -20.72 43.69
C TYR C 551 4.30 -19.63 44.71
N LEU C 552 5.01 -19.69 45.83
CA LEU C 552 4.99 -18.65 46.86
C LEU C 552 6.43 -18.23 47.12
N TRP C 553 6.66 -16.92 47.13
CA TRP C 553 7.99 -16.36 47.33
C TRP C 553 8.07 -15.65 48.68
N ILE C 554 9.30 -15.47 49.14
CA ILE C 554 9.61 -14.60 50.28
C ILE C 554 10.14 -13.30 49.70
N VAL C 555 9.40 -12.22 49.87
CA VAL C 555 9.55 -11.03 49.03
C VAL C 555 10.09 -9.88 49.87
N PRO C 556 11.16 -9.20 49.44
CA PRO C 556 11.55 -7.96 50.12
C PRO C 556 10.85 -6.74 49.52
N ILE C 557 10.24 -5.91 50.35
CA ILE C 557 9.37 -4.84 49.88
C ILE C 557 9.79 -3.54 50.55
N SER C 558 10.25 -2.57 49.77
CA SER C 558 10.37 -1.20 50.22
C SER C 558 9.12 -0.42 49.83
N SER C 559 9.04 0.83 50.26
CA SER C 559 7.90 1.67 49.95
C SER C 559 8.18 3.09 50.40
N VAL C 560 7.36 4.02 49.88
CA VAL C 560 7.33 5.40 50.33
C VAL C 560 5.87 5.77 50.58
N ARG C 561 5.68 6.76 51.44
CA ARG C 561 4.35 7.32 51.73
C ARG C 561 4.37 8.79 51.37
N SER C 562 3.77 9.13 50.23
CA SER C 562 3.75 10.50 49.71
C SER C 562 5.17 11.05 49.57
N GLY C 563 6.08 10.21 49.10
CA GLY C 563 7.46 10.60 48.90
C GLY C 563 8.37 10.45 50.11
N SER C 564 7.85 9.98 51.24
CA SER C 564 8.65 9.80 52.44
C SER C 564 8.94 8.33 52.66
N PRO C 565 10.21 7.96 52.87
CA PRO C 565 10.55 6.54 53.00
C PRO C 565 9.89 5.90 54.21
N GLN C 566 9.55 4.62 54.06
CA GLN C 566 8.96 3.81 55.12
C GLN C 566 9.98 2.78 55.60
N ALA C 567 9.53 1.93 56.51
CA ALA C 567 10.37 0.84 57.00
C ALA C 567 10.30 -0.35 56.05
N HIS C 568 11.42 -1.05 55.92
CA HIS C 568 11.49 -2.20 55.03
C HIS C 568 10.60 -3.32 55.54
N TYR C 569 9.99 -4.06 54.62
CA TYR C 569 9.03 -5.10 54.95
C TYR C 569 9.41 -6.40 54.23
N TRP C 570 9.00 -7.52 54.81
CA TRP C 570 9.21 -8.83 54.22
C TRP C 570 7.88 -9.57 54.13
N LEU C 571 7.49 -9.93 52.92
CA LEU C 571 6.39 -10.85 52.73
C LEU C 571 6.88 -12.27 53.00
N PRO C 572 6.33 -12.97 54.00
CA PRO C 572 7.00 -14.14 54.57
C PRO C 572 6.77 -15.45 53.84
N GLY C 573 6.28 -15.44 52.61
CA GLY C 573 5.99 -16.67 51.91
C GLY C 573 4.59 -17.19 52.11
N VAL C 574 3.67 -16.34 52.54
CA VAL C 574 2.27 -16.70 52.68
C VAL C 574 1.47 -16.00 51.59
N GLU C 575 0.28 -16.51 51.33
CA GLU C 575 -0.55 -15.97 50.25
C GLU C 575 -1.07 -14.58 50.58
N LYS C 576 -1.40 -14.32 51.84
CA LYS C 576 -2.00 -13.06 52.24
C LYS C 576 -1.46 -12.63 53.59
N ALA C 577 -1.44 -11.31 53.81
CA ALA C 577 -0.97 -10.76 55.08
C ALA C 577 -1.58 -9.36 55.24
N GLN C 578 -1.37 -8.77 56.41
CA GLN C 578 -1.89 -7.44 56.71
C GLN C 578 -0.83 -6.66 57.48
N ASN C 579 -0.72 -5.38 57.16
CA ASN C 579 0.23 -4.50 57.85
C ASN C 579 -0.23 -3.06 57.66
N ASP C 580 0.16 -2.21 58.60
CA ASP C 580 -0.22 -0.80 58.56
C ASP C 580 0.71 0.05 57.71
N LEU C 581 1.79 -0.52 57.18
CA LEU C 581 2.63 0.21 56.22
C LEU C 581 1.90 0.47 54.92
N PHE C 582 0.84 -0.28 54.62
CA PHE C 582 0.13 -0.18 53.36
C PHE C 582 -1.30 0.32 53.53
N LYS C 583 -1.60 0.92 54.67
CA LYS C 583 -2.92 1.48 54.94
C LYS C 583 -2.82 3.00 54.86
N THR C 584 -3.67 3.60 54.02
CA THR C 584 -3.60 5.03 53.74
C THR C 584 -4.96 5.68 53.98
N THR C 585 -4.92 6.98 54.24
CA THR C 585 -6.12 7.78 54.39
C THR C 585 -6.51 8.36 53.03
N ALA C 586 -7.45 9.32 53.04
CA ALA C 586 -7.92 9.92 51.79
C ALA C 586 -6.93 10.87 51.16
N ASN C 587 -5.83 11.20 51.84
CA ASN C 587 -4.87 12.17 51.33
C ASN C 587 -3.58 11.53 50.82
N ASP C 588 -3.03 10.55 51.54
CA ASP C 588 -1.73 9.99 51.23
C ASP C 588 -1.85 8.79 50.28
N TRP C 589 -0.71 8.43 49.69
CA TRP C 589 -0.61 7.29 48.79
C TRP C 589 0.69 6.56 49.08
N VAL C 590 0.79 5.33 48.55
CA VAL C 590 1.99 4.52 48.70
C VAL C 590 2.45 4.03 47.33
N LEU C 591 3.74 3.70 47.27
CA LEU C 591 4.36 3.14 46.07
C LEU C 591 5.47 2.21 46.53
N LEU C 592 5.47 0.98 46.03
CA LEU C 592 6.26 -0.06 46.69
C LEU C 592 7.65 -0.30 46.12
N ASN C 593 7.75 -0.76 44.88
CA ASN C 593 9.03 -1.29 44.40
C ASN C 593 9.92 -0.13 43.98
N LEU C 594 10.68 0.41 44.94
CA LEU C 594 11.49 1.59 44.69
C LEU C 594 12.70 1.22 43.82
N ASN C 595 12.85 1.93 42.70
CA ASN C 595 13.88 1.68 41.70
C ASN C 595 13.81 0.27 41.12
N VAL C 596 12.69 -0.41 41.34
CA VAL C 596 12.44 -1.77 40.84
C VAL C 596 13.62 -2.67 41.19
N THR C 597 13.98 -2.70 42.47
CA THR C 597 15.06 -3.58 42.91
C THR C 597 14.58 -5.01 43.13
N GLY C 598 13.27 -5.23 43.20
CA GLY C 598 12.71 -6.56 43.37
C GLY C 598 12.16 -7.09 42.06
N TYR C 599 12.17 -8.41 41.93
CA TYR C 599 11.77 -9.09 40.70
C TYR C 599 10.31 -9.52 40.81
N TYR C 600 9.42 -8.53 40.77
CA TYR C 600 7.99 -8.79 40.89
C TYR C 600 7.23 -7.59 40.34
N LEU C 601 5.93 -7.79 40.11
CA LEU C 601 5.04 -6.72 39.68
C LEU C 601 4.21 -6.22 40.87
N VAL C 602 3.67 -5.01 40.73
CA VAL C 602 2.90 -4.37 41.80
C VAL C 602 1.55 -3.93 41.23
N ASN C 603 0.49 -4.18 42.00
CA ASN C 603 -0.87 -3.76 41.66
C ASN C 603 -1.52 -3.13 42.88
N TYR C 604 -2.27 -2.06 42.65
CA TYR C 604 -2.94 -1.32 43.71
C TYR C 604 -4.44 -1.35 43.48
N ASP C 605 -5.17 -0.75 44.43
CA ASP C 605 -6.58 -0.47 44.23
C ASP C 605 -6.74 0.81 43.40
N ASN C 606 -7.95 1.03 42.90
CA ASN C 606 -8.18 2.11 41.96
C ASN C 606 -7.96 3.49 42.59
N GLU C 607 -8.30 3.64 43.87
CA GLU C 607 -8.09 4.93 44.54
C GLU C 607 -6.62 5.28 44.63
N ASN C 608 -5.77 4.30 44.95
CA ASN C 608 -4.33 4.55 45.00
C ASN C 608 -3.77 4.89 43.63
N TRP C 609 -4.27 4.20 42.59
CA TRP C 609 -3.86 4.54 41.22
C TRP C 609 -4.24 5.98 40.87
N LYS C 610 -5.45 6.40 41.25
CA LYS C 610 -5.88 7.76 40.97
C LYS C 610 -5.04 8.78 41.72
N LYS C 611 -4.70 8.50 42.98
CA LYS C 611 -3.83 9.41 43.72
C LYS C 611 -2.45 9.50 43.09
N ILE C 612 -1.91 8.37 42.62
CA ILE C 612 -0.61 8.39 41.96
C ILE C 612 -0.68 9.20 40.67
N GLN C 613 -1.75 9.03 39.90
CA GLN C 613 -1.91 9.80 38.67
C GLN C 613 -2.02 11.30 38.96
N THR C 614 -2.74 11.66 40.02
CA THR C 614 -2.84 13.07 40.42
C THR C 614 -1.47 13.61 40.80
N GLN C 615 -0.68 12.84 41.54
CA GLN C 615 0.66 13.28 41.91
C GLN C 615 1.54 13.45 40.67
N LEU C 616 1.42 12.53 39.71
CA LEU C 616 2.19 12.67 38.47
C LEU C 616 1.78 13.92 37.71
N GLN C 617 0.49 14.24 37.69
CA GLN C 617 0.05 15.48 37.04
C GLN C 617 0.41 16.72 37.84
N THR C 618 0.74 16.58 39.12
CA THR C 618 1.08 17.72 39.96
C THR C 618 2.58 17.99 40.02
N ASP C 619 3.38 16.99 40.42
CA ASP C 619 4.82 17.17 40.54
C ASP C 619 5.50 15.85 40.24
N LEU C 620 6.22 15.78 39.12
CA LEU C 620 6.91 14.56 38.72
C LEU C 620 8.08 14.25 39.65
N SER C 621 8.78 15.28 40.12
CA SER C 621 10.04 15.09 40.83
C SER C 621 9.88 14.28 42.11
N VAL C 622 8.69 14.22 42.69
CA VAL C 622 8.49 13.48 43.92
C VAL C 622 8.71 11.99 43.68
N ILE C 623 8.20 11.46 42.56
CA ILE C 623 8.34 10.05 42.23
C ILE C 623 9.61 9.84 41.40
N PRO C 624 10.46 8.88 41.76
CA PRO C 624 11.67 8.64 40.98
C PRO C 624 11.37 8.20 39.56
N VAL C 625 12.27 8.52 38.64
CA VAL C 625 12.04 8.31 37.21
C VAL C 625 11.89 6.83 36.89
N ILE C 626 12.67 5.98 37.57
CA ILE C 626 12.55 4.54 37.35
C ILE C 626 11.15 4.07 37.72
N ASN C 627 10.59 4.57 38.82
CA ASN C 627 9.23 4.21 39.19
C ASN C 627 8.21 4.86 38.26
N ARG C 628 8.55 6.01 37.68
CA ARG C 628 7.68 6.61 36.68
C ARG C 628 7.56 5.74 35.44
N ALA C 629 8.65 5.05 35.07
CA ALA C 629 8.53 4.05 34.00
C ALA C 629 7.85 2.78 34.51
N GLN C 630 8.06 2.45 35.78
CA GLN C 630 7.51 1.23 36.37
C GLN C 630 5.99 1.26 36.37
N VAL C 631 5.38 2.40 36.68
CA VAL C 631 3.92 2.46 36.74
C VAL C 631 3.33 2.16 35.36
N ILE C 632 3.90 2.74 34.30
CA ILE C 632 3.41 2.49 32.95
C ILE C 632 3.60 1.02 32.58
N HIS C 633 4.79 0.48 32.83
CA HIS C 633 5.07 -0.90 32.46
C HIS C 633 4.13 -1.87 33.18
N ASP C 634 3.99 -1.70 34.50
CA ASP C 634 3.14 -2.59 35.28
C ASP C 634 1.68 -2.45 34.87
N ALA C 635 1.21 -1.23 34.63
CA ALA C 635 -0.18 -1.05 34.24
C ALA C 635 -0.47 -1.76 32.92
N PHE C 636 0.42 -1.62 31.94
CA PHE C 636 0.18 -2.29 30.66
C PHE C 636 0.24 -3.81 30.80
N ASN C 637 1.19 -4.33 31.57
CA ASN C 637 1.27 -5.77 31.75
C ASN C 637 0.06 -6.33 32.49
N LEU C 638 -0.43 -5.60 33.51
CA LEU C 638 -1.63 -6.02 34.21
C LEU C 638 -2.87 -5.95 33.33
N ALA C 639 -2.93 -4.95 32.44
CA ALA C 639 -4.03 -4.88 31.49
C ALA C 639 -4.01 -6.07 30.54
N SER C 640 -2.81 -6.47 30.09
CA SER C 640 -2.72 -7.63 29.21
C SER C 640 -3.19 -8.91 29.88
N ALA C 641 -3.05 -9.00 31.20
CA ALA C 641 -3.49 -10.17 31.95
C ALA C 641 -4.93 -10.06 32.42
N GLN C 642 -5.64 -9.00 32.03
CA GLN C 642 -7.04 -8.77 32.40
C GLN C 642 -7.21 -8.66 33.91
N LYS C 643 -6.25 -8.00 34.56
CA LYS C 643 -6.37 -7.68 35.98
C LYS C 643 -6.78 -6.24 36.23
N VAL C 644 -6.48 -5.33 35.30
CA VAL C 644 -6.95 -3.95 35.35
C VAL C 644 -7.53 -3.63 33.98
N PRO C 645 -8.46 -2.68 33.88
CA PRO C 645 -8.92 -2.25 32.56
C PRO C 645 -7.83 -1.52 31.79
N VAL C 646 -7.88 -1.65 30.46
CA VAL C 646 -6.88 -1.02 29.60
C VAL C 646 -6.96 0.50 29.72
N THR C 647 -8.11 1.04 30.11
CA THR C 647 -8.24 2.47 30.29
C THR C 647 -7.35 2.98 31.42
N LEU C 648 -7.10 2.15 32.43
CA LEU C 648 -6.16 2.55 33.49
C LEU C 648 -4.74 2.66 32.95
N ALA C 649 -4.34 1.70 32.11
CA ALA C 649 -3.02 1.77 31.49
C ALA C 649 -2.90 2.99 30.59
N LEU C 650 -3.96 3.33 29.87
CA LEU C 650 -3.95 4.52 29.04
C LEU C 650 -3.93 5.80 29.88
N ASN C 651 -4.64 5.79 31.01
CA ASN C 651 -4.61 6.93 31.94
C ASN C 651 -3.21 7.14 32.50
N ASN C 652 -2.46 6.07 32.72
CA ASN C 652 -1.12 6.18 33.27
C ASN C 652 -0.12 6.85 32.33
N THR C 653 -0.48 7.05 31.06
CA THR C 653 0.40 7.70 30.10
C THR C 653 0.09 9.17 29.91
N LEU C 654 -0.85 9.74 30.66
CA LEU C 654 -1.27 11.12 30.45
C LEU C 654 -0.28 12.15 30.95
N PHE C 655 0.69 11.75 31.78
CA PHE C 655 1.65 12.69 32.34
C PHE C 655 2.85 12.91 31.43
N LEU C 656 2.96 12.17 30.32
CA LEU C 656 4.11 12.29 29.44
C LEU C 656 4.17 13.62 28.72
N ILE C 657 3.09 14.40 28.72
CA ILE C 657 3.09 15.71 28.06
C ILE C 657 4.01 16.70 28.74
N GLN C 658 4.44 16.41 29.97
CA GLN C 658 5.37 17.27 30.69
C GLN C 658 6.62 16.53 31.15
N GLU C 659 6.92 15.38 30.55
CA GLU C 659 8.06 14.56 30.93
C GLU C 659 9.18 14.74 29.92
N THR C 660 10.38 15.06 30.41
CA THR C 660 11.55 15.24 29.56
C THR C 660 12.59 14.14 29.75
N GLU C 661 12.32 13.12 30.54
CA GLU C 661 13.23 12.01 30.74
C GLU C 661 13.00 10.93 29.69
N TYR C 662 13.97 10.03 29.58
CA TYR C 662 13.98 9.03 28.52
C TYR C 662 13.26 7.74 28.89
N MET C 663 13.44 7.26 30.13
CA MET C 663 12.91 5.95 30.50
C MET C 663 11.39 5.86 30.47
N PRO C 664 10.63 6.82 31.02
CA PRO C 664 9.16 6.72 30.90
C PRO C 664 8.68 6.72 29.45
N TRP C 665 9.28 7.55 28.60
CA TRP C 665 8.91 7.57 27.19
C TRP C 665 9.24 6.23 26.53
N GLN C 666 10.41 5.67 26.83
CA GLN C 666 10.78 4.38 26.25
C GLN C 666 9.81 3.29 26.67
N ALA C 667 9.44 3.25 27.95
CA ALA C 667 8.49 2.25 28.42
C ALA C 667 7.13 2.42 27.75
N ALA C 668 6.65 3.66 27.64
CA ALA C 668 5.35 3.90 27.00
C ALA C 668 5.37 3.48 25.54
N LEU C 669 6.44 3.81 24.81
CA LEU C 669 6.49 3.44 23.40
C LEU C 669 6.62 1.93 23.22
N SER C 670 7.38 1.27 24.08
CA SER C 670 7.46 -0.19 24.02
C SER C 670 6.10 -0.82 24.27
N SER C 671 5.33 -0.26 25.21
CA SER C 671 3.98 -0.79 25.46
C SER C 671 3.04 -0.51 24.30
N LEU C 672 3.15 0.67 23.67
CA LEU C 672 2.24 1.07 22.61
C LEU C 672 2.62 0.53 21.24
N SER C 673 3.78 -0.12 21.13
CA SER C 673 4.14 -0.76 19.86
C SER C 673 3.11 -1.82 19.47
N TYR C 674 2.61 -2.58 20.45
CA TYR C 674 1.59 -3.59 20.17
C TYR C 674 0.29 -2.94 19.68
N PHE C 675 -0.11 -1.84 20.30
CA PHE C 675 -1.30 -1.10 19.84
C PHE C 675 -1.11 -0.62 18.42
N LYS C 676 0.07 -0.09 18.09
CA LYS C 676 0.34 0.35 16.73
C LYS C 676 0.29 -0.81 15.74
N LEU C 677 0.84 -1.96 16.12
CA LEU C 677 0.78 -3.13 15.25
C LEU C 677 -0.66 -3.57 15.02
N MET C 678 -1.48 -3.54 16.06
CA MET C 678 -2.85 -4.05 15.95
C MET C 678 -3.81 -3.06 15.31
N PHE C 679 -3.49 -1.76 15.28
CA PHE C 679 -4.47 -0.76 14.86
C PHE C 679 -3.98 0.17 13.76
N ASP C 680 -2.87 -0.13 13.08
CA ASP C 680 -2.36 0.78 12.08
C ASP C 680 -3.07 0.68 10.73
N ARG C 681 -3.99 -0.27 10.57
CA ARG C 681 -4.74 -0.42 9.33
C ARG C 681 -6.25 -0.27 9.55
N SER C 682 -6.65 0.33 10.67
CA SER C 682 -8.06 0.49 10.98
C SER C 682 -8.39 1.93 11.32
N GLU C 683 -9.64 2.19 11.73
CA GLU C 683 -10.06 3.54 12.06
C GLU C 683 -9.48 4.04 13.36
N VAL C 684 -8.99 3.16 14.22
CA VAL C 684 -8.40 3.58 15.49
C VAL C 684 -7.11 4.34 15.29
N TYR C 685 -6.44 4.17 14.15
CA TYR C 685 -5.16 4.81 13.92
C TYR C 685 -5.30 6.32 13.76
N GLY C 686 -6.48 6.82 13.44
CA GLY C 686 -6.71 8.24 13.32
C GLY C 686 -6.52 8.99 14.62
N PRO C 687 -7.41 8.75 15.58
CA PRO C 687 -7.26 9.41 16.90
C PRO C 687 -5.95 9.08 17.60
N MET C 688 -5.50 7.83 17.55
CA MET C 688 -4.31 7.43 18.30
C MET C 688 -3.11 8.28 17.93
N LYS C 689 -2.80 8.37 16.64
CA LYS C 689 -1.73 9.25 16.19
C LYS C 689 -1.92 10.65 16.74
N ARG C 690 -3.13 11.19 16.59
CA ARG C 690 -3.40 12.53 17.09
C ARG C 690 -3.00 12.65 18.55
N TYR C 691 -3.45 11.70 19.38
CA TYR C 691 -3.10 11.73 20.79
C TYR C 691 -1.60 11.75 20.97
N LEU C 692 -0.89 10.85 20.29
CA LEU C 692 0.55 10.79 20.44
C LEU C 692 1.20 12.10 20.00
N LYS C 693 0.69 12.70 18.92
CA LYS C 693 1.21 14.00 18.50
C LYS C 693 1.04 15.01 19.62
N LYS C 694 -0.17 15.05 20.21
CA LYS C 694 -0.42 15.98 21.30
C LYS C 694 0.54 15.74 22.46
N GLN C 695 0.94 14.49 22.68
CA GLN C 695 1.83 14.19 23.79
C GLN C 695 3.27 14.53 23.45
N VAL C 696 3.64 14.49 22.18
CA VAL C 696 5.06 14.61 21.83
C VAL C 696 5.45 16.02 21.41
N THR C 697 4.48 16.89 21.11
CA THR C 697 4.80 18.24 20.65
C THR C 697 5.62 19.04 21.66
N PRO C 698 5.28 19.07 22.96
CA PRO C 698 6.12 19.86 23.89
C PRO C 698 7.54 19.35 23.99
N LEU C 699 7.74 18.03 24.16
CA LEU C 699 9.08 17.48 24.32
C LEU C 699 10.00 17.90 23.18
N PHE C 700 9.55 17.69 21.94
CA PHE C 700 10.30 18.16 20.78
C PHE C 700 10.63 19.64 20.92
N ASN C 701 9.62 20.47 21.19
CA ASN C 701 9.85 21.89 21.35
C ASN C 701 10.92 22.14 22.41
N HIS C 702 10.85 21.41 23.52
CA HIS C 702 11.85 21.57 24.58
C HIS C 702 13.24 21.42 24.01
N PHE C 703 13.50 20.32 23.28
CA PHE C 703 14.84 20.12 22.76
C PHE C 703 15.17 21.15 21.70
N GLU C 704 14.18 21.59 20.92
CA GLU C 704 14.43 22.64 19.95
C GLU C 704 14.95 23.90 20.64
N ARG C 705 14.47 24.16 21.85
CA ARG C 705 14.98 25.28 22.62
C ARG C 705 16.34 24.96 23.25
N VAL C 706 16.53 23.70 23.66
CA VAL C 706 17.76 23.34 24.37
C VAL C 706 18.94 23.28 23.41
N THR C 707 18.74 22.71 22.24
CA THR C 707 19.84 22.49 21.29
C THR C 707 20.15 23.71 20.44
N LYS C 708 19.44 24.83 20.63
CA LYS C 708 19.63 26.05 19.87
C LYS C 708 19.40 25.78 18.37
N ASN C 709 18.17 25.36 18.06
CA ASN C 709 17.78 25.01 16.71
C ASN C 709 18.67 23.92 16.12
N TRP C 710 19.00 22.93 16.95
CA TRP C 710 19.72 21.72 16.54
C TRP C 710 21.13 22.04 16.05
N THR C 711 21.88 22.78 16.86
CA THR C 711 23.29 23.07 16.61
C THR C 711 24.21 22.46 17.65
N ASP C 712 23.90 22.64 18.93
CA ASP C 712 24.66 22.06 20.03
C ASP C 712 23.88 20.90 20.61
N HIS C 713 24.54 19.77 20.78
CA HIS C 713 23.85 18.58 21.22
C HIS C 713 24.27 18.20 22.64
N PRO C 714 23.40 17.52 23.39
CA PRO C 714 23.72 17.21 24.79
C PRO C 714 24.94 16.30 24.92
N GLN C 715 25.64 16.45 26.05
CA GLN C 715 26.84 15.68 26.32
C GLN C 715 26.60 14.45 27.18
N THR C 716 25.45 14.35 27.85
CA THR C 716 25.12 13.22 28.70
C THR C 716 24.32 12.18 27.93
N LEU C 717 24.52 10.92 28.30
CA LEU C 717 23.91 9.81 27.56
C LEU C 717 22.38 9.86 27.64
N MET C 718 21.85 10.13 28.83
CA MET C 718 20.39 10.13 29.00
C MET C 718 19.73 11.24 28.18
N ASP C 719 20.32 12.43 28.18
CA ASP C 719 19.77 13.52 27.39
C ASP C 719 19.85 13.24 25.90
N GLN C 720 20.93 12.60 25.45
CA GLN C 720 21.04 12.23 24.05
C GLN C 720 19.99 11.19 23.66
N TYR C 721 19.75 10.20 24.52
CA TYR C 721 18.68 9.24 24.26
C TYR C 721 17.33 9.93 24.21
N SER C 722 17.09 10.87 25.12
CA SER C 722 15.82 11.59 25.13
C SER C 722 15.64 12.40 23.86
N GLU C 723 16.71 13.05 23.38
CA GLU C 723 16.62 13.82 22.15
C GLU C 723 16.35 12.92 20.95
N ILE C 724 17.02 11.78 20.89
CA ILE C 724 16.78 10.84 19.79
C ILE C 724 15.33 10.38 19.80
N ASN C 725 14.82 10.03 20.98
CA ASN C 725 13.43 9.62 21.12
C ASN C 725 12.48 10.72 20.68
N ALA C 726 12.74 11.96 21.10
CA ALA C 726 11.86 13.08 20.75
C ALA C 726 11.82 13.28 19.24
N VAL C 727 12.99 13.33 18.60
CA VAL C 727 13.02 13.55 17.15
C VAL C 727 12.34 12.41 16.41
N SER C 728 12.64 11.17 16.80
CA SER C 728 12.07 10.01 16.11
C SER C 728 10.55 9.99 16.24
N THR C 729 10.04 10.22 17.45
CA THR C 729 8.59 10.19 17.65
C THR C 729 7.90 11.36 16.97
N ALA C 730 8.51 12.55 17.00
CA ALA C 730 7.91 13.70 16.34
C ALA C 730 7.83 13.50 14.83
N CYS C 731 8.90 12.96 14.23
CA CYS C 731 8.86 12.73 12.79
C CYS C 731 7.93 11.57 12.44
N SER C 732 7.79 10.58 13.31
CA SER C 732 6.94 9.44 13.02
C SER C 732 5.45 9.78 13.03
N TYR C 733 5.06 10.79 13.81
CA TYR C 733 3.66 11.14 13.97
C TYR C 733 3.33 12.52 13.40
N GLY C 734 4.04 12.92 12.35
CA GLY C 734 3.66 14.09 11.56
C GLY C 734 3.72 15.44 12.23
N VAL C 735 4.78 15.73 12.97
CA VAL C 735 5.03 17.08 13.46
C VAL C 735 5.74 17.86 12.37
N PRO C 736 5.18 18.98 11.90
CA PRO C 736 5.77 19.68 10.74
C PRO C 736 7.20 20.14 10.95
N GLU C 737 7.56 20.56 12.16
CA GLU C 737 8.93 21.03 12.40
C GLU C 737 9.94 19.92 12.20
N CYS C 738 9.63 18.71 12.65
CA CYS C 738 10.55 17.59 12.46
C CYS C 738 10.73 17.27 10.98
N GLU C 739 9.64 17.31 10.21
CA GLU C 739 9.74 17.05 8.78
C GLU C 739 10.57 18.12 8.09
N LYS C 740 10.38 19.39 8.46
CA LYS C 740 11.20 20.46 7.89
C LYS C 740 12.67 20.27 8.24
N LEU C 741 12.95 19.90 9.48
CA LEU C 741 14.33 19.65 9.91
C LEU C 741 14.96 18.53 9.10
N ALA C 742 14.23 17.42 8.93
CA ALA C 742 14.75 16.29 8.17
C ALA C 742 15.00 16.67 6.72
N ALA C 743 14.07 17.40 6.10
CA ALA C 743 14.26 17.81 4.71
C ALA C 743 15.46 18.73 4.55
N THR C 744 15.61 19.70 5.45
CA THR C 744 16.73 20.63 5.35
C THR C 744 18.06 19.91 5.55
N LEU C 745 18.13 19.01 6.54
CA LEU C 745 19.37 18.27 6.76
C LEU C 745 19.71 17.37 5.59
N PHE C 746 18.70 16.71 5.00
CA PHE C 746 18.96 15.87 3.84
C PHE C 746 19.43 16.69 2.65
N ALA C 747 18.86 17.88 2.46
CA ALA C 747 19.33 18.75 1.38
C ALA C 747 20.78 19.17 1.62
N GLN C 748 21.13 19.52 2.86
CA GLN C 748 22.51 19.89 3.16
C GLN C 748 23.46 18.72 2.90
N TRP C 749 23.05 17.51 3.28
CA TRP C 749 23.90 16.33 3.03
C TRP C 749 24.06 16.09 1.54
N LYS C 750 22.97 16.19 0.78
CA LYS C 750 23.03 15.92 -0.66
C LYS C 750 23.83 16.98 -1.40
N LYS C 751 23.89 18.21 -0.87
CA LYS C 751 24.69 19.24 -1.51
C LYS C 751 26.17 18.88 -1.50
N ASN C 752 26.68 18.39 -0.37
CA ASN C 752 28.09 18.03 -0.21
C ASN C 752 28.18 16.63 0.38
N PRO C 753 28.06 15.60 -0.45
CA PRO C 753 28.10 14.22 0.08
C PRO C 753 29.44 13.84 0.70
N GLN C 754 30.51 14.56 0.39
CA GLN C 754 31.83 14.18 0.91
C GLN C 754 31.88 14.29 2.43
N ASN C 755 31.35 15.37 2.98
CA ASN C 755 31.29 15.57 4.42
C ASN C 755 29.83 15.54 4.85
N ASN C 756 29.50 14.66 5.80
CA ASN C 756 28.12 14.52 6.27
C ASN C 756 27.86 15.56 7.35
N PRO C 757 26.98 16.53 7.13
CA PRO C 757 26.70 17.53 8.17
C PRO C 757 25.74 17.06 9.24
N ILE C 758 25.15 15.89 9.09
CA ILE C 758 24.15 15.38 10.02
C ILE C 758 24.87 14.68 11.17
N HIS C 759 24.48 15.03 12.40
CA HIS C 759 25.06 14.38 13.57
C HIS C 759 24.70 12.90 13.55
N PRO C 760 25.63 12.02 13.93
CA PRO C 760 25.36 10.58 13.83
C PRO C 760 24.18 10.10 14.67
N ASN C 761 23.78 10.84 15.71
CA ASN C 761 22.63 10.42 16.50
C ASN C 761 21.32 10.55 15.74
N LEU C 762 21.23 11.49 14.79
CA LEU C 762 20.00 11.80 14.09
C LEU C 762 19.95 11.25 12.68
N ARG C 763 20.98 10.53 12.23
CA ARG C 763 21.08 10.19 10.81
C ARG C 763 19.96 9.25 10.37
N SER C 764 19.65 8.23 11.18
CA SER C 764 18.63 7.26 10.78
C SER C 764 17.27 7.92 10.62
N THR C 765 16.87 8.73 11.59
CA THR C 765 15.58 9.40 11.54
C THR C 765 15.51 10.36 10.34
N VAL C 766 16.58 11.14 10.13
CA VAL C 766 16.58 12.09 9.02
C VAL C 766 16.48 11.37 7.69
N TYR C 767 17.26 10.29 7.53
CA TYR C 767 17.23 9.54 6.28
C TYR C 767 15.85 8.95 6.02
N CYS C 768 15.28 8.27 7.02
CA CYS C 768 13.98 7.63 6.83
C CYS C 768 12.89 8.65 6.55
N ASN C 769 12.89 9.77 7.28
CA ASN C 769 11.86 10.79 7.08
C ASN C 769 12.00 11.45 5.72
N ALA C 770 13.23 11.72 5.28
CA ALA C 770 13.43 12.33 3.97
C ALA C 770 13.00 11.39 2.85
N ILE C 771 13.27 10.09 3.00
CA ILE C 771 12.82 9.13 2.01
C ILE C 771 11.31 9.03 2.00
N ALA C 772 10.68 9.05 3.19
CA ALA C 772 9.23 8.97 3.26
C ALA C 772 8.57 10.19 2.63
N GLN C 773 9.12 11.39 2.87
CA GLN C 773 8.55 12.60 2.30
C GLN C 773 8.79 12.69 0.81
N GLY C 774 9.98 12.31 0.35
CA GLY C 774 10.38 12.51 -1.03
C GLY C 774 9.91 11.39 -1.94
N GLY C 775 10.62 11.25 -3.06
CA GLY C 775 10.28 10.25 -4.05
C GLY C 775 11.46 9.43 -4.51
N GLU C 776 11.62 9.31 -5.84
CA GLU C 776 12.65 8.44 -6.40
C GLU C 776 14.05 9.04 -6.28
N GLU C 777 14.17 10.37 -6.28
CA GLU C 777 15.49 11.00 -6.24
C GLU C 777 16.19 10.73 -4.92
N GLU C 778 15.49 10.93 -3.81
CA GLU C 778 16.07 10.67 -2.49
C GLU C 778 16.43 9.21 -2.33
N TRP C 779 15.54 8.31 -2.77
CA TRP C 779 15.82 6.88 -2.66
C TRP C 779 17.04 6.49 -3.48
N ASN C 780 17.15 7.02 -4.71
CA ASN C 780 18.31 6.72 -5.54
C ASN C 780 19.59 7.26 -4.92
N PHE C 781 19.56 8.46 -4.35
CA PHE C 781 20.75 9.00 -3.70
C PHE C 781 21.18 8.13 -2.53
N VAL C 782 20.22 7.71 -1.69
CA VAL C 782 20.57 6.88 -0.54
C VAL C 782 21.07 5.51 -0.99
N TRP C 783 20.47 4.96 -2.06
CA TRP C 783 20.93 3.68 -2.58
C TRP C 783 22.35 3.76 -3.12
N GLU C 784 22.66 4.84 -3.84
CA GLU C 784 24.01 5.02 -4.35
C GLU C 784 25.02 5.19 -3.21
N GLN C 785 24.63 5.92 -2.16
CA GLN C 785 25.50 6.04 -0.99
C GLN C 785 25.71 4.68 -0.31
N PHE C 786 24.65 3.87 -0.24
CA PHE C 786 24.75 2.56 0.38
C PHE C 786 25.68 1.64 -0.42
N LEU C 787 25.62 1.72 -1.75
CA LEU C 787 26.45 0.84 -2.57
C LEU C 787 27.94 1.09 -2.36
N LYS C 788 28.33 2.33 -2.09
CA LYS C 788 29.73 2.70 -1.92
C LYS C 788 30.14 2.79 -0.46
N ALA C 789 29.28 2.37 0.48
CA ALA C 789 29.61 2.47 1.89
C ALA C 789 30.70 1.47 2.27
N GLU C 790 31.69 1.95 3.02
CA GLU C 790 32.79 1.12 3.47
C GLU C 790 32.63 0.63 4.91
N LEU C 791 32.05 1.45 5.77
CA LEU C 791 31.84 1.06 7.17
C LEU C 791 30.58 0.19 7.27
N VAL C 792 30.32 -0.28 8.48
CA VAL C 792 29.21 -1.20 8.74
C VAL C 792 28.00 -0.47 9.33
N ASN C 793 28.23 0.40 10.30
CA ASN C 793 27.13 1.12 10.94
C ASN C 793 26.42 2.03 9.95
N GLU C 794 27.19 2.78 9.15
CA GLU C 794 26.58 3.68 8.17
C GLU C 794 25.82 2.90 7.11
N ALA C 795 26.38 1.78 6.64
CA ALA C 795 25.69 0.95 5.66
C ALA C 795 24.40 0.38 6.23
N ASP C 796 24.42 -0.05 7.49
CA ASP C 796 23.21 -0.55 8.13
C ASP C 796 22.16 0.55 8.25
N LYS C 797 22.57 1.76 8.63
CA LYS C 797 21.63 2.86 8.72
C LYS C 797 20.99 3.17 7.37
N LEU C 798 21.80 3.22 6.31
CA LEU C 798 21.27 3.49 4.98
C LEU C 798 20.33 2.39 4.52
N ARG C 799 20.69 1.12 4.77
CA ARG C 799 19.83 0.01 4.37
C ARG C 799 18.50 0.04 5.12
N GLY C 800 18.53 0.40 6.40
CA GLY C 800 17.29 0.53 7.15
C GLY C 800 16.44 1.68 6.65
N ALA C 801 17.08 2.79 6.27
CA ALA C 801 16.35 3.94 5.76
C ALA C 801 15.73 3.66 4.40
N LEU C 802 16.33 2.78 3.61
CA LEU C 802 15.81 2.49 2.28
C LEU C 802 14.43 1.83 2.31
N ALA C 803 13.99 1.34 3.48
CA ALA C 803 12.73 0.63 3.60
C ALA C 803 11.57 1.53 4.03
N CYS C 804 11.78 2.84 4.08
CA CYS C 804 10.76 3.79 4.52
C CYS C 804 9.95 4.38 3.37
N SER C 805 10.09 3.85 2.16
CA SER C 805 9.40 4.40 1.00
C SER C 805 7.92 4.07 1.04
N ASN C 806 7.11 5.01 0.53
CA ASN C 806 5.67 4.84 0.45
C ASN C 806 5.19 4.42 -0.94
N GLN C 807 6.11 4.16 -1.87
CA GLN C 807 5.76 3.75 -3.22
C GLN C 807 5.83 2.24 -3.35
N VAL C 808 4.79 1.65 -3.94
CA VAL C 808 4.73 0.20 -4.08
C VAL C 808 5.82 -0.31 -5.03
N TRP C 809 6.02 0.38 -6.15
CA TRP C 809 6.97 -0.09 -7.15
C TRP C 809 8.40 0.00 -6.63
N ILE C 810 8.71 1.02 -5.84
CA ILE C 810 10.05 1.13 -5.25
C ILE C 810 10.30 -0.02 -4.27
N LEU C 811 9.30 -0.35 -3.46
CA LEU C 811 9.45 -1.46 -2.52
C LEU C 811 9.60 -2.79 -3.26
N ASN C 812 8.85 -2.98 -4.34
CA ASN C 812 8.99 -4.20 -5.13
C ASN C 812 10.37 -4.28 -5.79
N ARG C 813 10.89 -3.15 -6.26
CA ARG C 813 12.24 -3.14 -6.82
C ARG C 813 13.29 -3.46 -5.75
N PHE C 814 13.08 -2.96 -4.53
CA PHE C 814 13.98 -3.31 -3.43
C PHE C 814 13.93 -4.81 -3.13
N LEU C 815 12.72 -5.38 -3.12
CA LEU C 815 12.59 -6.83 -2.91
C LEU C 815 13.29 -7.61 -4.01
N SER C 816 13.21 -7.13 -5.25
CA SER C 816 13.97 -7.74 -6.34
C SER C 816 15.47 -7.62 -6.12
N TYR C 817 15.92 -6.47 -5.61
CA TYR C 817 17.34 -6.29 -5.31
C TYR C 817 17.83 -7.27 -4.26
N THR C 818 16.97 -7.61 -3.29
CA THR C 818 17.38 -8.50 -2.22
C THR C 818 17.78 -9.89 -2.70
N LEU C 819 17.41 -10.27 -3.92
CA LEU C 819 17.76 -11.59 -4.45
C LEU C 819 19.16 -11.67 -5.02
N ASP C 820 19.86 -10.54 -5.15
CA ASP C 820 21.19 -10.52 -5.74
C ASP C 820 22.24 -10.41 -4.65
N PRO C 821 23.13 -11.41 -4.48
CA PRO C 821 24.16 -11.30 -3.44
C PRO C 821 25.15 -10.18 -3.68
N ASN C 822 25.33 -9.73 -4.92
CA ASN C 822 26.26 -8.65 -5.19
C ASN C 822 25.77 -7.31 -4.65
N LEU C 823 24.45 -7.13 -4.52
CA LEU C 823 23.88 -5.90 -4.00
C LEU C 823 23.61 -5.97 -2.51
N ILE C 824 22.90 -7.00 -2.06
CA ILE C 824 22.59 -7.20 -0.64
C ILE C 824 23.27 -8.49 -0.20
N ARG C 825 24.06 -8.41 0.86
CA ARG C 825 24.72 -9.60 1.39
C ARG C 825 23.69 -10.57 1.96
N LYS C 826 24.06 -11.85 1.97
CA LYS C 826 23.16 -12.88 2.47
C LYS C 826 22.81 -12.64 3.94
N GLN C 827 23.82 -12.36 4.76
CA GLN C 827 23.61 -12.21 6.20
C GLN C 827 22.70 -11.05 6.55
N ASP C 828 22.43 -10.14 5.62
CA ASP C 828 21.53 -9.03 5.85
C ASP C 828 20.13 -9.26 5.29
N VAL C 829 19.97 -10.25 4.39
CA VAL C 829 18.74 -10.34 3.60
C VAL C 829 17.52 -10.39 4.49
N THR C 830 17.49 -11.32 5.43
CA THR C 830 16.33 -11.45 6.31
C THR C 830 16.06 -10.14 7.03
N SER C 831 17.10 -9.51 7.57
CA SER C 831 16.91 -8.23 8.24
C SER C 831 16.22 -7.23 7.33
N THR C 832 16.71 -7.13 6.09
CA THR C 832 16.07 -6.22 5.13
C THR C 832 14.59 -6.54 5.00
N LEU C 833 14.25 -7.82 4.82
CA LEU C 833 12.85 -8.20 4.70
C LEU C 833 12.07 -7.73 5.91
N SER C 834 12.60 -7.95 7.11
CA SER C 834 11.90 -7.52 8.32
C SER C 834 11.64 -6.02 8.28
N SER C 835 12.65 -5.25 7.87
CA SER C 835 12.45 -3.81 7.78
C SER C 835 11.34 -3.47 6.82
N ILE C 836 11.31 -4.12 5.66
CA ILE C 836 10.26 -3.84 4.69
C ILE C 836 8.91 -4.29 5.23
N SER C 837 8.92 -5.31 6.10
CA SER C 837 7.67 -5.73 6.73
C SER C 837 7.17 -4.71 7.75
N SER C 838 8.07 -3.89 8.32
CA SER C 838 7.64 -2.89 9.28
C SER C 838 6.83 -1.77 8.65
N ASN C 839 7.03 -1.52 7.36
CA ASN C 839 6.22 -0.53 6.65
C ASN C 839 4.80 -1.07 6.44
N VAL C 840 3.82 -0.22 6.70
CA VAL C 840 2.42 -0.65 6.56
C VAL C 840 2.09 -0.93 5.11
N VAL C 841 2.72 -0.22 4.18
CA VAL C 841 2.52 -0.51 2.76
C VAL C 841 3.16 -1.85 2.38
N GLY C 842 4.34 -2.14 2.93
CA GLY C 842 5.10 -3.31 2.57
C GLY C 842 4.73 -4.60 3.24
N GLN C 843 3.70 -4.60 4.11
CA GLN C 843 3.29 -5.82 4.79
C GLN C 843 2.85 -6.89 3.78
N THR C 844 1.91 -6.53 2.91
CA THR C 844 1.40 -7.48 1.94
C THR C 844 2.46 -7.86 0.92
N LEU C 845 3.28 -6.89 0.51
CA LEU C 845 4.34 -7.17 -0.46
C LEU C 845 5.33 -8.19 0.10
N VAL C 846 5.74 -8.00 1.35
CA VAL C 846 6.69 -8.93 1.96
C VAL C 846 6.06 -10.30 2.17
N TRP C 847 4.79 -10.33 2.59
CA TRP C 847 4.15 -11.63 2.78
C TRP C 847 4.04 -12.40 1.46
N ASP C 848 3.68 -11.70 0.38
CA ASP C 848 3.60 -12.35 -0.93
C ASP C 848 4.99 -12.79 -1.39
N PHE C 849 6.01 -11.97 -1.17
CA PHE C 849 7.38 -12.34 -1.55
C PHE C 849 7.84 -13.58 -0.81
N VAL C 850 7.55 -13.67 0.49
CA VAL C 850 7.94 -14.84 1.28
C VAL C 850 7.19 -16.07 0.82
N GLN C 851 5.88 -15.93 0.54
CA GLN C 851 5.11 -17.08 0.07
C GLN C 851 5.60 -17.57 -1.28
N SER C 852 6.04 -16.65 -2.15
CA SER C 852 6.50 -17.04 -3.48
C SER C 852 7.88 -17.68 -3.45
N ASN C 853 8.74 -17.28 -2.52
CA ASN C 853 10.12 -17.77 -2.45
C ASN C 853 10.36 -18.61 -1.19
N TRP C 854 9.38 -19.44 -0.83
CA TRP C 854 9.46 -20.20 0.42
C TRP C 854 10.63 -21.18 0.39
N LYS C 855 10.77 -21.93 -0.71
CA LYS C 855 11.77 -22.99 -0.76
C LYS C 855 13.19 -22.42 -0.72
N LYS C 856 13.46 -21.38 -1.50
CA LYS C 856 14.79 -20.79 -1.52
C LYS C 856 15.15 -20.19 -0.16
N LEU C 857 14.21 -19.48 0.46
CA LEU C 857 14.48 -18.90 1.77
C LEU C 857 14.74 -19.98 2.82
N PHE C 858 13.95 -21.05 2.80
CA PHE C 858 14.16 -22.14 3.75
C PHE C 858 15.51 -22.81 3.52
N GLN C 859 15.90 -23.02 2.27
CA GLN C 859 17.19 -23.62 1.98
C GLN C 859 18.34 -22.73 2.45
N ASP C 860 18.22 -21.42 2.23
CA ASP C 860 19.33 -20.52 2.52
C ASP C 860 19.42 -20.12 3.99
N TYR C 861 18.32 -20.18 4.74
CA TYR C 861 18.34 -19.68 6.11
C TYR C 861 17.68 -20.61 7.12
N GLY C 862 17.23 -21.80 6.74
CA GLY C 862 16.59 -22.69 7.68
C GLY C 862 17.34 -23.98 7.94
N THR C 863 18.53 -24.11 7.36
CA THR C 863 19.29 -25.34 7.49
C THR C 863 19.76 -25.55 8.93
N GLY C 864 20.39 -24.54 9.52
CA GLY C 864 20.89 -24.66 10.87
C GLY C 864 20.81 -23.38 11.68
N SER C 865 20.08 -22.39 11.17
CA SER C 865 20.00 -21.08 11.79
C SER C 865 18.57 -20.79 12.26
N PHE C 866 18.46 -19.97 13.29
CA PHE C 866 17.18 -19.52 13.82
C PHE C 866 16.69 -18.24 13.16
N SER C 867 17.40 -17.73 12.16
CA SER C 867 16.98 -16.51 11.48
C SER C 867 15.68 -16.71 10.73
N PHE C 868 15.45 -17.91 10.20
CA PHE C 868 14.21 -18.18 9.46
C PHE C 868 13.00 -18.07 10.37
N SER C 869 13.09 -18.60 11.59
CA SER C 869 11.98 -18.52 12.53
C SER C 869 11.70 -17.07 12.91
N ASN C 870 12.75 -16.28 13.12
CA ASN C 870 12.57 -14.86 13.41
C ASN C 870 11.94 -14.13 12.25
N LEU C 871 12.33 -14.46 11.02
CA LEU C 871 11.71 -13.85 9.84
C LEU C 871 10.23 -14.19 9.77
N ILE C 872 9.88 -15.46 10.04
CA ILE C 872 8.48 -15.86 10.01
C ILE C 872 7.69 -15.14 11.09
N GLN C 873 8.27 -14.99 12.28
CA GLN C 873 7.57 -14.29 13.35
C GLN C 873 7.41 -12.81 13.03
N ALA C 874 8.39 -12.20 12.36
CA ALA C 874 8.35 -10.77 12.11
C ALA C 874 7.35 -10.39 11.03
N VAL C 875 7.10 -11.27 10.06
CA VAL C 875 6.24 -10.93 8.93
C VAL C 875 4.78 -11.31 9.15
N THR C 876 4.44 -11.87 10.31
CA THR C 876 3.08 -12.31 10.58
C THR C 876 2.50 -11.70 11.86
N ARG C 877 3.15 -10.72 12.44
CA ARG C 877 2.71 -10.17 13.72
C ARG C 877 1.59 -9.15 13.59
N ARG C 878 1.21 -8.76 12.37
CA ARG C 878 0.06 -7.89 12.17
C ARG C 878 -1.24 -8.65 11.96
N PHE C 879 -1.19 -9.98 11.89
CA PHE C 879 -2.38 -10.76 11.58
C PHE C 879 -3.34 -10.74 12.76
N SER C 880 -4.53 -10.16 12.55
CA SER C 880 -5.54 -10.12 13.61
C SER C 880 -6.96 -10.34 13.09
N THR C 881 -7.13 -10.77 11.84
CA THR C 881 -8.45 -10.97 11.26
C THR C 881 -8.64 -12.43 10.87
N GLU C 882 -9.91 -12.81 10.72
CA GLU C 882 -10.24 -14.18 10.36
C GLU C 882 -9.80 -14.54 8.93
N PHE C 883 -9.85 -13.57 8.02
CA PHE C 883 -9.40 -13.81 6.65
C PHE C 883 -7.92 -14.14 6.62
N GLU C 884 -7.10 -13.39 7.38
CA GLU C 884 -5.68 -13.66 7.45
C GLU C 884 -5.41 -15.03 8.08
N LEU C 885 -6.17 -15.38 9.11
CA LEU C 885 -6.01 -16.69 9.74
C LEU C 885 -6.35 -17.82 8.76
N GLN C 886 -7.43 -17.66 8.00
CA GLN C 886 -7.79 -18.68 7.02
C GLN C 886 -6.73 -18.79 5.92
N GLN C 887 -6.19 -17.66 5.47
CA GLN C 887 -5.13 -17.70 4.47
C GLN C 887 -3.89 -18.40 5.01
N LEU C 888 -3.51 -18.11 6.25
CA LEU C 888 -2.35 -18.75 6.85
C LEU C 888 -2.56 -20.25 7.02
N GLU C 889 -3.75 -20.65 7.43
CA GLU C 889 -4.05 -22.08 7.55
C GLU C 889 -4.01 -22.77 6.19
N GLN C 890 -4.52 -22.11 5.15
CA GLN C 890 -4.46 -22.69 3.80
C GLN C 890 -3.02 -22.82 3.34
N PHE C 891 -2.19 -21.82 3.61
CA PHE C 891 -0.77 -21.90 3.24
C PHE C 891 -0.09 -23.05 3.97
N LYS C 892 -0.36 -23.20 5.27
CA LYS C 892 0.23 -24.30 6.02
C LYS C 892 -0.22 -25.65 5.47
N LYS C 893 -1.50 -25.77 5.13
CA LYS C 893 -2.00 -27.03 4.57
C LYS C 893 -1.36 -27.33 3.23
N ASN C 894 -1.10 -26.30 2.42
CA ASN C 894 -0.48 -26.50 1.12
C ASN C 894 1.04 -26.61 1.19
N ASN C 895 1.64 -26.40 2.35
CA ASN C 895 3.09 -26.48 2.50
C ASN C 895 3.49 -27.49 3.56
N MET C 896 2.90 -28.69 3.49
CA MET C 896 3.29 -29.79 4.36
C MET C 896 3.64 -31.03 3.54
N GLY C 901 9.74 -29.31 8.39
CA GLY C 901 10.51 -29.37 9.62
C GLY C 901 10.16 -28.27 10.60
N SER C 902 11.09 -27.34 10.80
CA SER C 902 10.86 -26.22 11.70
C SER C 902 9.93 -25.17 11.09
N ALA C 903 9.77 -25.17 9.76
CA ALA C 903 8.87 -24.22 9.12
C ALA C 903 7.43 -24.44 9.56
N THR C 904 7.00 -25.71 9.66
CA THR C 904 5.65 -25.99 10.14
C THR C 904 5.46 -25.59 11.59
N ARG C 905 6.49 -25.77 12.44
CA ARG C 905 6.39 -25.31 13.82
C ARG C 905 6.26 -23.80 13.90
N ALA C 906 7.04 -23.08 13.07
CA ALA C 906 6.90 -21.63 13.03
C ALA C 906 5.52 -21.20 12.56
N LEU C 907 4.97 -21.90 11.57
CA LEU C 907 3.62 -21.60 11.10
C LEU C 907 2.58 -21.85 12.18
N GLU C 908 2.74 -22.93 12.96
CA GLU C 908 1.80 -23.21 14.04
C GLU C 908 1.88 -22.14 15.13
N GLN C 909 3.09 -21.71 15.47
CA GLN C 909 3.23 -20.63 16.45
C GLN C 909 2.61 -19.33 15.93
N ALA C 910 2.78 -19.04 14.64
CA ALA C 910 2.13 -17.89 14.04
C ALA C 910 0.61 -18.00 14.09
N LEU C 911 0.08 -19.21 13.87
CA LEU C 911 -1.37 -19.41 13.96
C LEU C 911 -1.88 -19.13 15.37
N GLU C 912 -1.17 -19.62 16.39
CA GLU C 912 -1.58 -19.36 17.76
C GLU C 912 -1.54 -17.86 18.08
N LYS C 913 -0.47 -17.18 17.63
CA LYS C 913 -0.37 -15.75 17.86
C LYS C 913 -1.48 -14.99 17.15
N THR C 914 -1.82 -15.43 15.93
CA THR C 914 -2.90 -14.79 15.18
C THR C 914 -4.24 -14.94 15.89
N LYS C 915 -4.51 -16.14 16.43
CA LYS C 915 -5.76 -16.33 17.17
C LYS C 915 -5.81 -15.41 18.40
N ALA C 916 -4.70 -15.33 19.14
CA ALA C 916 -4.67 -14.44 20.30
C ALA C 916 -4.90 -12.99 19.90
N ASN C 917 -4.25 -12.55 18.82
CA ASN C 917 -4.41 -11.17 18.37
C ASN C 917 -5.85 -10.88 17.94
N LEU C 918 -6.47 -11.84 17.25
CA LEU C 918 -7.86 -11.68 16.84
C LEU C 918 -8.77 -11.50 18.05
N LYS C 919 -8.59 -12.36 19.07
CA LYS C 919 -9.42 -12.24 20.27
C LYS C 919 -9.20 -10.91 20.97
N TRP C 920 -7.94 -10.49 21.11
CA TRP C 920 -7.65 -9.23 21.80
C TRP C 920 -8.24 -8.03 21.06
N VAL C 921 -8.11 -8.00 19.73
CA VAL C 921 -8.66 -6.88 18.95
C VAL C 921 -10.16 -6.85 19.10
N LYS C 922 -10.83 -8.00 18.93
CA LYS C 922 -12.28 -8.04 19.05
C LYS C 922 -12.74 -7.61 20.44
N GLU C 923 -11.91 -7.84 21.46
CA GLU C 923 -12.30 -7.46 22.82
C GLU C 923 -12.00 -6.00 23.17
N ASN C 924 -11.02 -5.36 22.51
CA ASN C 924 -10.58 -4.05 22.97
C ASN C 924 -10.78 -2.90 21.98
N LYS C 925 -11.20 -3.17 20.73
CA LYS C 925 -11.22 -2.12 19.71
C LYS C 925 -12.09 -0.93 20.10
N ASP C 926 -13.33 -1.20 20.53
CA ASP C 926 -14.28 -0.13 20.77
C ASP C 926 -13.84 0.76 21.93
N VAL C 927 -13.39 0.16 23.04
CA VAL C 927 -13.00 0.94 24.20
C VAL C 927 -11.73 1.73 23.92
N VAL C 928 -10.75 1.15 23.20
CA VAL C 928 -9.55 1.96 22.91
C VAL C 928 -9.88 3.09 21.95
N LEU C 929 -10.77 2.87 20.99
CA LEU C 929 -11.17 3.94 20.09
C LEU C 929 -11.85 5.07 20.86
N ARG C 930 -12.74 4.71 21.78
CA ARG C 930 -13.42 5.74 22.59
C ARG C 930 -12.43 6.53 23.41
N TRP C 931 -11.47 5.85 24.06
CA TRP C 931 -10.49 6.56 24.88
C TRP C 931 -9.63 7.49 24.03
N PHE C 932 -9.17 7.02 22.87
CA PHE C 932 -8.32 7.86 22.03
C PHE C 932 -9.10 9.06 21.49
N THR C 933 -10.36 8.88 21.12
CA THR C 933 -11.16 10.02 20.67
C THR C 933 -11.37 11.02 21.79
N GLU C 934 -11.62 10.54 23.01
CA GLU C 934 -11.89 11.46 24.12
C GLU C 934 -10.64 12.19 24.60
N ASN C 935 -9.46 11.60 24.44
CA ASN C 935 -8.24 12.20 25.00
C ASN C 935 -7.32 12.83 23.97
N SER C 936 -7.69 12.85 22.69
CA SER C 936 -6.83 13.44 21.67
C SER C 936 -7.19 14.90 21.42
N VAL D 40 42.90 47.66 23.92
CA VAL D 40 43.89 47.79 22.86
C VAL D 40 43.47 46.98 21.64
N ASN D 41 44.40 46.22 21.08
CA ASN D 41 44.13 45.39 19.90
C ASN D 41 43.49 44.08 20.37
N ILE D 42 42.16 44.10 20.45
CA ILE D 42 41.39 42.96 20.92
C ILE D 42 40.94 42.15 19.70
N THR D 43 41.20 40.85 19.74
CA THR D 43 40.85 39.95 18.65
C THR D 43 39.79 38.96 19.11
N ILE D 44 38.76 38.79 18.30
CA ILE D 44 37.67 37.86 18.58
C ILE D 44 37.59 36.86 17.45
N ASP D 45 37.78 35.58 17.79
CA ASP D 45 37.62 34.47 16.84
C ASP D 45 36.23 33.90 17.04
N LEU D 46 35.31 34.28 16.16
CA LEU D 46 33.94 33.80 16.22
C LEU D 46 33.81 32.45 15.54
N GLY D 47 32.93 31.61 16.08
CA GLY D 47 32.62 30.32 15.49
C GLY D 47 31.16 30.25 15.09
N MET D 48 30.90 29.99 13.82
CA MET D 48 29.55 30.00 13.26
C MET D 48 29.17 28.60 12.80
N LYS D 49 27.89 28.26 13.00
CA LYS D 49 27.36 26.98 12.56
C LYS D 49 26.06 27.21 11.80
N LEU D 50 25.73 26.25 10.94
CA LEU D 50 24.47 26.27 10.22
C LEU D 50 23.47 25.38 10.96
N SER D 51 22.33 25.96 11.34
CA SER D 51 21.37 25.23 12.14
C SER D 51 20.64 24.19 11.29
N GLY D 52 19.87 23.35 11.96
CA GLY D 52 19.09 22.33 11.26
C GLY D 52 18.00 22.90 10.39
N TYR D 53 17.58 24.14 10.63
CA TYR D 53 16.63 24.85 9.78
C TYR D 53 17.31 25.71 8.73
N GLY D 54 18.64 25.78 8.73
CA GLY D 54 19.36 26.58 7.78
C GLY D 54 19.53 28.02 8.21
N GLN D 55 20.02 28.23 9.43
CA GLN D 55 20.20 29.56 9.99
C GLN D 55 21.59 29.68 10.60
N PRO D 56 22.20 30.87 10.55
CA PRO D 56 23.50 31.07 11.18
C PRO D 56 23.36 31.20 12.69
N ILE D 57 24.16 30.41 13.42
CA ILE D 57 24.14 30.40 14.87
C ILE D 57 25.57 30.63 15.36
N ALA D 58 25.73 31.56 16.29
CA ALA D 58 27.05 31.89 16.83
C ALA D 58 27.36 30.94 17.99
N SER D 59 28.41 30.15 17.82
CA SER D 59 28.78 29.17 18.84
C SER D 59 29.38 29.85 20.06
N ALA D 60 29.13 29.26 21.22
CA ALA D 60 29.69 29.78 22.47
C ALA D 60 31.17 29.45 22.62
N LEU D 61 31.74 28.64 21.73
CA LEU D 61 33.16 28.31 21.76
C LEU D 61 34.03 29.37 21.10
N SER D 62 33.49 30.56 20.87
CA SER D 62 34.29 31.66 20.33
C SER D 62 35.36 32.08 21.33
N ASN D 63 36.47 32.60 20.83
CA ASN D 63 37.62 32.95 21.65
C ASN D 63 37.86 34.45 21.61
N ILE D 64 38.39 34.98 22.71
CA ILE D 64 38.71 36.39 22.82
C ILE D 64 40.13 36.52 23.36
N THR D 65 40.93 37.37 22.73
CA THR D 65 42.32 37.60 23.13
C THR D 65 42.51 39.06 23.50
N LEU D 66 43.20 39.29 24.62
CA LEU D 66 43.48 40.64 25.12
C LEU D 66 44.97 40.75 25.41
N PRO D 67 45.79 40.97 24.37
CA PRO D 67 47.25 41.09 24.53
C PRO D 67 47.66 42.39 25.22
N VAL D 85 41.32 51.26 20.87
CA VAL D 85 40.72 49.98 21.22
C VAL D 85 40.14 49.30 19.99
N TYR D 86 41.02 49.01 19.03
CA TYR D 86 40.58 48.36 17.79
C TYR D 86 40.13 46.93 18.07
N VAL D 87 39.12 46.49 17.33
CA VAL D 87 38.57 45.15 17.44
C VAL D 87 38.72 44.45 16.10
N HIS D 88 39.35 43.28 16.09
CA HIS D 88 39.55 42.49 14.88
C HIS D 88 38.78 41.19 14.99
N SER D 89 37.89 40.94 14.05
CA SER D 89 37.00 39.79 14.07
C SER D 89 37.44 38.79 13.00
N THR D 90 37.63 37.54 13.40
CA THR D 90 37.95 36.46 12.48
C THR D 90 36.89 35.37 12.61
N CYS D 91 36.28 35.00 11.48
CA CYS D 91 35.15 34.08 11.45
C CYS D 91 35.64 32.71 11.03
N LYS D 92 35.17 31.66 11.74
CA LYS D 92 35.46 30.29 11.35
C LYS D 92 34.18 29.47 11.44
N SER D 93 33.98 28.60 10.45
CA SER D 93 32.82 27.73 10.39
C SER D 93 33.21 26.30 10.78
N SER D 94 32.20 25.52 11.17
CA SER D 94 32.43 24.15 11.59
C SER D 94 31.16 23.34 11.38
N LEU D 95 31.23 22.07 11.74
CA LEU D 95 30.14 21.11 11.66
C LEU D 95 29.82 20.61 13.08
N TRP D 96 29.01 19.55 13.15
CA TRP D 96 28.59 19.01 14.43
C TRP D 96 29.76 18.55 15.29
N ASP D 97 30.91 18.28 14.69
CA ASP D 97 32.09 17.82 15.41
C ASP D 97 32.86 18.96 16.08
N ASN D 98 32.47 20.21 15.86
CA ASN D 98 33.13 21.38 16.46
C ASN D 98 34.60 21.45 16.07
N VAL D 99 34.86 21.45 14.77
CA VAL D 99 36.20 21.60 14.23
C VAL D 99 36.18 22.81 13.30
N PHE D 100 36.69 23.94 13.79
CA PHE D 100 36.65 25.19 13.05
C PHE D 100 37.87 25.27 12.12
N ASN D 101 37.80 24.50 11.03
CA ASN D 101 38.88 24.42 10.06
C ASN D 101 38.44 24.90 8.68
N SER D 102 37.32 25.62 8.59
CA SER D 102 36.80 26.10 7.33
C SER D 102 36.49 27.59 7.43
N ASP D 103 36.85 28.33 6.39
CA ASP D 103 36.55 29.76 6.34
C ASP D 103 35.04 29.97 6.18
N CYS D 104 34.55 31.03 6.80
CA CYS D 104 33.12 31.33 6.76
C CYS D 104 32.67 31.71 5.35
N THR D 105 31.50 31.21 4.96
CA THR D 105 30.92 31.53 3.67
C THR D 105 30.11 32.82 3.80
N ASP D 106 29.38 33.17 2.73
CA ASP D 106 28.56 34.37 2.77
C ASP D 106 27.41 34.23 3.78
N VAL D 107 26.78 33.05 3.82
CA VAL D 107 25.65 32.85 4.72
C VAL D 107 26.09 32.88 6.17
N LEU D 108 27.17 32.18 6.49
CA LEU D 108 27.67 32.11 7.87
C LEU D 108 28.72 33.17 8.14
N HIS D 109 28.41 34.43 7.83
CA HIS D 109 29.33 35.53 8.02
C HIS D 109 28.81 36.43 9.14
N ALA D 110 29.64 36.66 10.15
CA ALA D 110 29.27 37.50 11.29
C ALA D 110 30.43 38.41 11.64
N THR D 111 30.11 39.56 12.22
CA THR D 111 31.10 40.53 12.65
C THR D 111 31.03 40.68 14.17
N ALA D 112 32.18 40.62 14.82
CA ALA D 112 32.21 40.75 16.27
C ALA D 112 31.90 42.19 16.68
N VAL D 113 30.98 42.35 17.62
CA VAL D 113 30.56 43.66 18.10
C VAL D 113 30.54 43.65 19.62
N ILE D 114 30.59 44.83 20.21
CA ILE D 114 30.56 44.98 21.65
C ILE D 114 29.47 45.97 22.06
N PHE D 148 30.89 44.07 29.90
CA PHE D 148 30.26 44.15 28.58
C PHE D 148 30.13 42.77 27.96
N ASP D 149 29.34 42.66 26.90
CA ASP D 149 29.10 41.41 26.21
C ASP D 149 29.56 41.52 24.76
N VAL D 150 30.36 40.54 24.33
CA VAL D 150 30.82 40.46 22.95
C VAL D 150 29.87 39.56 22.18
N ALA D 151 29.28 40.09 21.13
CA ALA D 151 28.27 39.41 20.34
C ALA D 151 28.72 39.31 18.90
N ALA D 152 27.94 38.57 18.10
CA ALA D 152 28.20 38.39 16.68
C ALA D 152 27.02 38.91 15.89
N ARG D 153 27.21 39.99 15.14
CA ARG D 153 26.18 40.57 14.31
C ARG D 153 26.19 39.87 12.96
N THR D 154 25.10 39.18 12.63
CA THR D 154 24.94 38.55 11.34
C THR D 154 24.21 39.50 10.39
N ARG D 155 23.76 38.99 9.25
CA ARG D 155 23.04 39.83 8.30
C ARG D 155 21.63 40.16 8.76
N THR D 156 21.08 39.37 9.69
CA THR D 156 19.71 39.54 10.12
C THR D 156 19.52 39.70 11.62
N ASN D 157 20.52 39.37 12.44
CA ASN D 157 20.37 39.47 13.88
C ASN D 157 21.76 39.53 14.52
N GLU D 158 21.77 39.74 15.84
CA GLU D 158 22.99 39.74 16.63
C GLU D 158 22.83 38.75 17.77
N GLN D 159 23.82 37.88 17.95
CA GLN D 159 23.78 36.84 18.95
C GLN D 159 24.95 37.01 19.91
N VAL D 160 24.65 37.02 21.21
CA VAL D 160 25.68 37.20 22.23
C VAL D 160 26.55 35.95 22.29
N VAL D 161 27.86 36.15 22.20
CA VAL D 161 28.81 35.04 22.18
C VAL D 161 29.42 34.85 23.56
N ARG D 162 30.10 35.88 24.07
CA ARG D 162 30.77 35.80 25.35
C ARG D 162 30.58 37.10 26.13
N SER D 163 31.14 37.14 27.33
CA SER D 163 31.10 38.31 28.19
C SER D 163 32.52 38.64 28.65
N LEU D 164 32.92 39.90 28.45
CA LEU D 164 34.26 40.33 28.85
C LEU D 164 34.17 41.04 30.21
N TYR D 165 33.94 40.25 31.24
CA TYR D 165 33.82 40.77 32.60
C TYR D 165 35.09 40.50 33.40
#